data_1QXO
#
_entry.id   1QXO
#
_cell.length_a   81.059
_cell.length_b   124.582
_cell.length_c   85.163
_cell.angle_alpha   90.00
_cell.angle_beta   115.15
_cell.angle_gamma   90.00
#
_symmetry.space_group_name_H-M   'P 1 21 1'
#
loop_
_entity.id
_entity.type
_entity.pdbx_description
1 polymer 'Chorismate synthase'
2 non-polymer 'COBALT HEXAMMINE(III)'
3 non-polymer 1,2-ETHANEDIOL
4 non-polymer 'FLAVIN MONONUCLEOTIDE'
5 non-polymer '5-[(1-CARBOXYVINYL)OXY]-4-HYDROXY-3-(PHOSPHONOOXY)CYCLOHEX-1-ENE-1-CARBOXYLIC ACID'
6 water water
#
_entity_poly.entity_id   1
_entity_poly.type   'polypeptide(L)'
_entity_poly.pdbx_seq_one_letter_code
;(MSE)RYLTAGESHGPRLTAIIEGIPAGLPLTAEDINEDLRRRQGGYGRGGR(MSE)KIENDQVVFTSGVRHGKTTGAPI
T(MSE)DVINKDHQKWLDI(MSE)SAEDIEDRLKSKRKITHPRPGHADLVGGIKYRFDDLRNSLERSSARETT(MSE)RV
AVGAVAKRLLAELD(MSE)EIANHVVVFGGKEIDVPENLTVAEIKQRAAQSEVSIVNQEREQEIKDYIDQIKRDGDTIGG
VVETVVGGVPVGLGSYVQWDRKLDARLAQAVVSINAFKGVEFGLGFEAGYRKGSQV(MSE)DEILWSKEDGYTRRTNNLG
GFEGG(MSE)TNGQPIVVRGV(MSE)KPIPTLYKPL(MSE)SVDIETHEPYKATVERSDPTALPAAG(MSE)V(MSE)EA
VVATVLAQEILEKFSSDNLEELKEAVAKHRDYTKNY
;
_entity_poly.pdbx_strand_id   A,B,C,D
#
loop_
_chem_comp.id
_chem_comp.type
_chem_comp.name
_chem_comp.formula
EDO non-polymer 1,2-ETHANEDIOL 'C2 H6 O2'
EPS non-polymer '5-[(1-CARBOXYVINYL)OXY]-4-HYDROXY-3-(PHOSPHONOOXY)CYCLOHEX-1-ENE-1-CARBOXYLIC ACID' 'C10 H13 O10 P'
FMN non-polymer 'FLAVIN MONONUCLEOTIDE' 'C17 H21 N4 O9 P'
NCO non-polymer 'COBALT HEXAMMINE(III)' 'Co H18 N6 3'
#
# COMPACT_ATOMS: atom_id res chain seq x y z
N MSE A 1 8.53 -6.78 3.16
CA MSE A 1 8.01 -8.19 3.10
C MSE A 1 6.50 -8.23 3.19
O MSE A 1 5.86 -7.50 3.98
CB MSE A 1 8.57 -8.96 4.29
CG MSE A 1 8.41 -10.45 4.07
SE MSE A 1 7.13 -10.95 5.32
CE MSE A 1 8.18 -11.13 6.98
N ARG A 2 5.88 -9.10 2.41
CA ARG A 2 4.42 -9.23 2.37
C ARG A 2 4.10 -10.68 2.03
N TYR A 3 2.86 -11.10 2.08
CA TYR A 3 2.54 -12.52 1.88
C TYR A 3 1.02 -12.67 1.68
N LEU A 4 0.65 -13.80 1.11
CA LEU A 4 -0.81 -14.06 0.98
C LEU A 4 -0.99 -15.52 1.42
N THR A 5 -2.08 -15.76 2.13
CA THR A 5 -2.35 -17.17 2.51
C THR A 5 -3.56 -17.58 1.68
N ALA A 6 -3.71 -18.87 1.39
CA ALA A 6 -4.88 -19.29 0.62
C ALA A 6 -5.25 -20.75 0.92
N GLY A 7 -6.51 -21.06 0.58
CA GLY A 7 -6.93 -22.48 0.81
C GLY A 7 -8.23 -22.55 1.57
N GLU A 8 -8.94 -23.68 1.39
CA GLU A 8 -10.16 -23.90 2.13
C GLU A 8 -9.93 -24.99 3.15
N SER A 9 -10.78 -25.03 4.19
CA SER A 9 -10.59 -26.07 5.19
C SER A 9 -10.71 -27.48 4.60
N HIS A 10 -11.68 -27.65 3.70
CA HIS A 10 -11.85 -29.01 3.12
C HIS A 10 -11.41 -29.09 1.66
N GLY A 11 -10.61 -28.09 1.26
CA GLY A 11 -10.02 -28.06 -0.09
C GLY A 11 -8.85 -29.06 -0.10
N PRO A 12 -8.18 -29.23 -1.22
CA PRO A 12 -7.04 -30.10 -1.32
C PRO A 12 -5.82 -29.71 -0.54
N ARG A 13 -5.58 -28.37 -0.46
CA ARG A 13 -4.37 -27.97 0.25
C ARG A 13 -4.35 -26.46 0.55
N LEU A 14 -3.46 -26.10 1.42
CA LEU A 14 -3.30 -24.70 1.85
C LEU A 14 -1.99 -24.25 1.22
N THR A 15 -1.98 -22.94 0.93
CA THR A 15 -0.78 -22.40 0.27
C THR A 15 -0.49 -21.02 0.79
N ALA A 16 0.77 -20.68 0.84
CA ALA A 16 1.11 -19.30 1.19
C ALA A 16 2.28 -18.89 0.26
N ILE A 17 2.40 -17.61 -0.06
CA ILE A 17 3.54 -17.09 -0.77
C ILE A 17 4.01 -15.86 0.04
N ILE A 18 5.30 -15.83 0.29
CA ILE A 18 5.91 -14.72 1.02
C ILE A 18 6.89 -14.06 0.00
N GLU A 19 6.79 -12.77 -0.13
CA GLU A 19 7.64 -12.01 -1.04
C GLU A 19 8.44 -11.04 -0.21
N GLY A 20 9.74 -11.05 -0.42
CA GLY A 20 10.57 -10.05 0.23
C GLY A 20 11.42 -10.55 1.40
N ILE A 21 11.63 -11.84 1.55
CA ILE A 21 12.53 -12.34 2.60
C ILE A 21 13.95 -12.17 2.01
N PRO A 22 14.89 -11.67 2.78
CA PRO A 22 16.25 -11.50 2.34
C PRO A 22 16.86 -12.84 1.84
N ALA A 23 17.71 -12.71 0.83
CA ALA A 23 18.48 -13.90 0.37
C ALA A 23 19.44 -14.32 1.47
N GLY A 24 19.78 -15.63 1.58
CA GLY A 24 20.82 -15.99 2.56
C GLY A 24 20.35 -16.50 3.89
N LEU A 25 19.03 -16.62 4.10
CA LEU A 25 18.55 -17.13 5.36
C LEU A 25 18.46 -18.65 5.38
N PRO A 26 19.13 -19.28 6.32
CA PRO A 26 19.07 -20.74 6.44
C PRO A 26 17.62 -21.08 6.78
N LEU A 27 17.04 -22.04 6.07
CA LEU A 27 15.63 -22.37 6.30
C LEU A 27 15.34 -23.77 5.84
N THR A 28 14.70 -24.58 6.67
CA THR A 28 14.39 -25.96 6.29
C THR A 28 12.94 -26.30 6.58
N ALA A 29 12.42 -27.39 6.01
CA ALA A 29 11.05 -27.80 6.34
C ALA A 29 10.85 -27.95 7.85
N GLU A 30 11.81 -28.54 8.57
CA GLU A 30 11.67 -28.73 10.01
C GLU A 30 11.54 -27.40 10.74
N ASP A 31 12.17 -26.33 10.23
CA ASP A 31 11.99 -25.02 10.88
C ASP A 31 10.49 -24.71 10.94
N ILE A 32 9.75 -24.97 9.87
CA ILE A 32 8.33 -24.75 9.81
C ILE A 32 7.53 -25.81 10.58
N ASN A 33 7.86 -27.07 10.29
CA ASN A 33 7.13 -28.21 10.87
C ASN A 33 7.05 -28.17 12.40
N GLU A 34 8.10 -27.72 13.07
CA GLU A 34 8.01 -27.66 14.54
C GLU A 34 6.83 -26.80 14.99
N ASP A 35 6.66 -25.67 14.31
CA ASP A 35 5.56 -24.77 14.67
C ASP A 35 4.21 -25.40 14.29
N LEU A 36 4.12 -25.92 13.07
CA LEU A 36 2.91 -26.58 12.65
C LEU A 36 2.47 -27.66 13.64
N ARG A 37 3.41 -28.43 14.20
CA ARG A 37 3.02 -29.45 15.19
C ARG A 37 2.46 -28.78 16.46
N ARG A 38 3.10 -27.67 16.91
CA ARG A 38 2.59 -26.98 18.11
C ARG A 38 1.17 -26.51 17.88
N ARG A 39 0.86 -26.00 16.69
CA ARG A 39 -0.41 -25.42 16.36
C ARG A 39 -1.54 -26.44 16.30
N GLN A 40 -1.26 -27.69 16.00
CA GLN A 40 -2.25 -28.75 16.01
C GLN A 40 -2.50 -29.24 17.45
N GLY A 41 -1.61 -28.93 18.39
CA GLY A 41 -1.67 -29.43 19.75
C GLY A 41 -2.56 -28.61 20.69
N GLY A 42 -2.54 -28.98 21.97
CA GLY A 42 -3.40 -28.39 22.96
C GLY A 42 -4.50 -29.35 23.40
N TYR A 43 -4.50 -29.61 24.73
CA TYR A 43 -5.60 -30.38 25.32
C TYR A 43 -6.92 -29.71 25.00
N GLY A 44 -7.89 -30.48 24.55
CA GLY A 44 -9.20 -29.91 24.19
C GLY A 44 -9.40 -29.95 22.67
N ARG A 45 -8.30 -30.08 21.91
CA ARG A 45 -8.45 -30.15 20.46
C ARG A 45 -8.71 -31.63 20.12
N GLY A 46 -9.70 -31.89 19.28
CA GLY A 46 -9.93 -33.30 18.98
C GLY A 46 -9.84 -33.69 17.54
N GLY A 47 -10.99 -34.12 17.00
CA GLY A 47 -11.21 -34.59 15.67
C GLY A 47 -10.16 -34.44 14.59
N ARG A 48 -10.38 -33.43 13.77
CA ARG A 48 -9.46 -33.10 12.67
C ARG A 48 -7.99 -33.23 13.07
N MSE A 49 -7.64 -32.79 14.27
CA MSE A 49 -6.24 -32.68 14.67
C MSE A 49 -5.57 -34.04 14.82
O MSE A 49 -4.36 -34.08 15.02
CB MSE A 49 -6.07 -31.87 15.96
CG MSE A 49 -6.75 -30.49 15.86
SE MSE A 49 -5.42 -29.67 14.40
CE MSE A 49 -6.54 -30.15 12.68
N LYS A 50 -6.38 -35.11 14.74
CA LYS A 50 -5.87 -36.47 14.82
C LYS A 50 -5.70 -37.04 13.40
N ILE A 51 -6.51 -36.59 12.46
CA ILE A 51 -6.36 -36.92 11.06
C ILE A 51 -5.23 -36.13 10.41
N GLU A 52 -5.26 -34.80 10.47
CA GLU A 52 -4.23 -33.98 9.84
C GLU A 52 -2.87 -34.25 10.47
N ASN A 53 -1.84 -34.29 9.64
CA ASN A 53 -0.45 -34.36 10.11
C ASN A 53 0.28 -33.26 9.31
N ASP A 54 0.21 -32.01 9.79
CA ASP A 54 0.68 -30.87 9.02
C ASP A 54 2.17 -30.83 8.74
N GLN A 55 2.59 -30.92 7.50
CA GLN A 55 4.00 -30.76 7.16
C GLN A 55 4.09 -29.90 5.89
N VAL A 56 5.13 -29.08 5.82
CA VAL A 56 5.24 -28.18 4.67
C VAL A 56 6.04 -28.72 3.51
N VAL A 57 5.67 -28.26 2.33
CA VAL A 57 6.46 -28.52 1.12
C VAL A 57 6.89 -27.18 0.53
N PHE A 58 8.16 -26.98 0.29
CA PHE A 58 8.64 -25.75 -0.36
C PHE A 58 8.59 -25.90 -1.86
N THR A 59 8.06 -24.97 -2.66
CA THR A 59 8.14 -25.21 -4.12
C THR A 59 8.91 -24.06 -4.74
N SER A 60 9.31 -23.04 -3.95
CA SER A 60 10.10 -21.96 -4.57
C SER A 60 10.82 -21.13 -3.51
N GLY A 61 11.87 -20.43 -3.89
CA GLY A 61 12.52 -19.46 -3.03
C GLY A 61 13.50 -20.00 -2.06
N VAL A 62 13.69 -21.33 -2.01
CA VAL A 62 14.57 -21.99 -1.09
C VAL A 62 15.43 -22.98 -1.88
N ARG A 63 16.74 -22.82 -1.76
CA ARG A 63 17.63 -23.66 -2.50
C ARG A 63 18.80 -24.16 -1.66
N HIS A 64 19.01 -25.45 -1.60
CA HIS A 64 20.15 -25.97 -0.84
C HIS A 64 20.19 -25.44 0.58
N GLY A 65 19.06 -25.31 1.24
CA GLY A 65 18.98 -24.91 2.62
C GLY A 65 18.89 -23.44 2.99
N LYS A 66 18.90 -22.56 2.02
CA LYS A 66 18.88 -21.13 2.23
C LYS A 66 17.87 -20.43 1.32
N THR A 67 17.36 -19.29 1.81
CA THR A 67 16.46 -18.55 0.90
C THR A 67 17.32 -17.83 -0.16
N THR A 68 16.74 -17.53 -1.32
CA THR A 68 17.41 -16.83 -2.39
C THR A 68 16.92 -15.40 -2.61
N GLY A 69 15.94 -14.98 -1.80
CA GLY A 69 15.38 -13.63 -1.95
C GLY A 69 14.20 -13.69 -2.93
N ALA A 70 13.98 -14.82 -3.63
CA ALA A 70 12.77 -14.81 -4.53
C ALA A 70 11.57 -15.14 -3.65
N PRO A 71 10.34 -15.08 -4.17
CA PRO A 71 9.17 -15.46 -3.44
C PRO A 71 9.23 -16.89 -2.91
N ILE A 72 8.80 -17.02 -1.63
CA ILE A 72 8.80 -18.38 -1.07
C ILE A 72 7.41 -19.00 -1.11
N THR A 73 7.26 -20.21 -1.61
CA THR A 73 5.95 -20.87 -1.61
C THR A 73 5.98 -22.11 -0.72
N MSE A 74 4.97 -22.23 0.12
CA MSE A 74 4.81 -23.32 1.06
C MSE A 74 3.41 -23.91 0.87
O MSE A 74 2.43 -23.15 0.75
CB MSE A 74 4.87 -22.78 2.54
CG MSE A 74 6.25 -22.10 2.65
SE MSE A 74 6.49 -21.68 4.58
CE MSE A 74 5.19 -20.17 4.62
N ASP A 75 3.38 -25.22 0.84
CA ASP A 75 2.15 -25.97 0.74
C ASP A 75 1.92 -26.82 2.01
N VAL A 76 0.68 -26.97 2.42
CA VAL A 76 0.34 -27.92 3.48
C VAL A 76 -0.91 -28.67 2.97
N ILE A 77 -0.79 -29.97 2.75
CA ILE A 77 -1.94 -30.73 2.25
C ILE A 77 -3.03 -30.90 3.29
N ASN A 78 -4.28 -30.99 2.89
CA ASN A 78 -5.38 -31.31 3.76
C ASN A 78 -5.69 -32.82 3.58
N LYS A 79 -5.31 -33.64 4.51
CA LYS A 79 -5.62 -35.09 4.38
C LYS A 79 -7.13 -35.28 4.32
N ASP A 80 -7.88 -34.48 5.06
CA ASP A 80 -9.34 -34.58 5.10
C ASP A 80 -10.02 -34.38 3.76
N HIS A 81 -9.36 -33.82 2.75
CA HIS A 81 -9.98 -33.51 1.46
C HIS A 81 -10.62 -34.68 0.73
N GLN A 82 -10.07 -35.85 1.04
CA GLN A 82 -10.49 -37.12 0.47
C GLN A 82 -11.97 -37.40 0.60
N LYS A 83 -12.52 -37.00 1.73
CA LYS A 83 -13.96 -37.13 1.93
C LYS A 83 -14.77 -36.00 1.31
N TRP A 84 -14.17 -35.08 0.57
CA TRP A 84 -14.89 -33.93 0.05
C TRP A 84 -14.63 -33.64 -1.43
N LEU A 85 -14.08 -34.59 -2.18
CA LEU A 85 -13.72 -34.44 -3.57
C LEU A 85 -14.81 -33.89 -4.49
N ASP A 86 -16.03 -34.36 -4.30
CA ASP A 86 -17.14 -33.91 -5.12
C ASP A 86 -17.54 -32.49 -4.72
N ILE A 87 -17.77 -32.41 -3.40
CA ILE A 87 -18.33 -31.21 -2.82
C ILE A 87 -17.50 -29.97 -3.05
N MSE A 88 -16.20 -30.14 -2.95
CA MSE A 88 -15.24 -29.06 -3.09
C MSE A 88 -14.48 -29.05 -4.42
O MSE A 88 -13.54 -28.25 -4.58
CB MSE A 88 -14.19 -29.22 -1.98
CG MSE A 88 -14.75 -29.17 -0.57
SE MSE A 88 -15.55 -27.22 -0.44
CE MSE A 88 -13.85 -25.98 -0.34
N SER A 89 -14.88 -29.83 -5.40
CA SER A 89 -14.14 -29.78 -6.69
C SER A 89 -14.18 -28.41 -7.34
N ALA A 90 -13.08 -27.96 -7.95
CA ALA A 90 -13.06 -26.70 -8.70
C ALA A 90 -13.96 -26.68 -9.95
N GLU A 91 -14.06 -27.87 -10.58
CA GLU A 91 -14.81 -27.91 -11.84
C GLU A 91 -16.30 -28.08 -11.60
N ASP A 92 -17.08 -27.75 -12.62
CA ASP A 92 -18.55 -27.85 -12.42
C ASP A 92 -18.96 -29.32 -12.40
N ILE A 93 -20.08 -29.66 -11.83
CA ILE A 93 -20.61 -31.01 -11.75
C ILE A 93 -22.12 -30.96 -11.99
N GLU A 94 -22.76 -32.12 -12.10
CA GLU A 94 -24.22 -32.16 -12.32
C GLU A 94 -24.95 -31.30 -11.30
N ASP A 95 -25.90 -30.55 -11.81
CA ASP A 95 -26.72 -29.69 -10.97
C ASP A 95 -27.30 -30.45 -9.78
N ARG A 96 -27.73 -31.68 -10.01
CA ARG A 96 -28.37 -32.45 -8.95
C ARG A 96 -27.43 -32.76 -7.78
N LEU A 97 -26.14 -32.58 -7.96
CA LEU A 97 -25.19 -32.99 -6.92
C LEU A 97 -24.68 -31.84 -6.07
N LYS A 98 -24.99 -30.64 -6.54
CA LYS A 98 -24.45 -29.44 -5.95
C LYS A 98 -25.05 -29.09 -4.60
N SER A 99 -26.16 -29.74 -4.26
CA SER A 99 -26.80 -29.50 -2.98
C SER A 99 -26.23 -30.30 -1.84
N LYS A 100 -25.25 -31.13 -2.14
CA LYS A 100 -24.62 -31.98 -1.15
C LYS A 100 -23.93 -31.16 -0.07
N ARG A 101 -24.31 -31.36 1.18
CA ARG A 101 -23.73 -30.73 2.34
C ARG A 101 -23.87 -29.20 2.26
N LYS A 102 -24.86 -28.77 1.47
CA LYS A 102 -25.13 -27.33 1.37
C LYS A 102 -25.50 -26.78 2.76
N ILE A 103 -25.00 -25.59 3.08
CA ILE A 103 -25.33 -25.06 4.39
C ILE A 103 -26.33 -23.91 4.32
N THR A 104 -27.37 -24.04 5.12
CA THR A 104 -28.38 -22.96 5.17
C THR A 104 -28.74 -22.60 6.61
N HIS A 105 -27.97 -23.07 7.57
CA HIS A 105 -28.14 -22.77 9.00
C HIS A 105 -26.90 -22.09 9.53
N PRO A 106 -26.87 -20.77 9.57
CA PRO A 106 -25.67 -20.06 10.03
C PRO A 106 -25.40 -20.32 11.48
N ARG A 107 -24.11 -20.43 11.82
CA ARG A 107 -23.78 -20.55 13.24
C ARG A 107 -23.59 -19.20 13.90
N PRO A 108 -24.27 -18.94 15.01
CA PRO A 108 -24.08 -17.71 15.74
C PRO A 108 -22.62 -17.62 16.15
N GLY A 109 -22.05 -16.42 16.11
CA GLY A 109 -20.67 -16.25 16.46
C GLY A 109 -19.73 -16.53 15.30
N HIS A 110 -20.20 -17.11 14.22
CA HIS A 110 -19.34 -17.33 13.04
C HIS A 110 -19.58 -16.33 11.93
N ALA A 111 -18.78 -16.47 10.85
CA ALA A 111 -18.85 -15.65 9.68
C ALA A 111 -19.97 -16.03 8.73
N ASP A 112 -20.61 -17.17 8.96
CA ASP A 112 -21.54 -17.70 8.02
C ASP A 112 -22.53 -16.74 7.39
N LEU A 113 -23.43 -16.17 8.16
CA LEU A 113 -24.57 -15.40 7.65
C LEU A 113 -24.11 -14.12 6.96
N VAL A 114 -23.26 -13.40 7.67
CA VAL A 114 -22.75 -12.13 7.13
C VAL A 114 -21.96 -12.36 5.86
N GLY A 115 -21.19 -13.45 5.85
CA GLY A 115 -20.45 -13.76 4.60
C GLY A 115 -21.46 -14.01 3.48
N GLY A 116 -22.50 -14.79 3.73
CA GLY A 116 -23.48 -15.07 2.67
C GLY A 116 -24.27 -13.82 2.26
N ILE A 117 -24.36 -12.84 3.14
CA ILE A 117 -24.99 -11.57 2.69
C ILE A 117 -24.02 -10.80 1.80
N LYS A 118 -22.82 -10.59 2.29
CA LYS A 118 -21.77 -9.90 1.60
C LYS A 118 -21.54 -10.50 0.21
N TYR A 119 -21.30 -11.81 0.14
CA TYR A 119 -20.91 -12.41 -1.14
C TYR A 119 -22.10 -13.02 -1.89
N ARG A 120 -23.31 -12.79 -1.40
CA ARG A 120 -24.53 -13.25 -2.02
C ARG A 120 -24.48 -14.75 -2.31
N PHE A 121 -24.19 -15.51 -1.26
CA PHE A 121 -24.17 -16.97 -1.47
C PHE A 121 -25.54 -17.55 -1.18
N ASP A 122 -25.92 -18.66 -1.78
CA ASP A 122 -27.07 -19.44 -1.40
C ASP A 122 -26.62 -20.57 -0.46
N ASP A 123 -25.38 -20.94 -0.58
CA ASP A 123 -24.73 -21.99 0.21
C ASP A 123 -23.61 -21.40 1.09
N LEU A 124 -23.91 -21.39 2.38
CA LEU A 124 -23.04 -20.77 3.35
C LEU A 124 -21.76 -21.60 3.51
N ARG A 125 -21.65 -22.77 2.86
CA ARG A 125 -20.36 -23.47 2.92
C ARG A 125 -19.28 -22.57 2.29
N ASN A 126 -19.63 -21.78 1.26
CA ASN A 126 -18.63 -20.93 0.62
C ASN A 126 -18.07 -19.84 1.53
N SER A 127 -18.71 -19.56 2.65
CA SER A 127 -18.21 -18.62 3.64
C SER A 127 -17.36 -19.41 4.63
N LEU A 128 -17.93 -20.53 5.09
CA LEU A 128 -17.33 -21.39 6.09
C LEU A 128 -16.00 -21.99 5.73
N GLU A 129 -15.79 -22.40 4.51
CA GLU A 129 -14.55 -23.07 4.10
C GLU A 129 -13.31 -22.17 4.24
N ARG A 130 -13.48 -20.88 3.98
CA ARG A 130 -12.39 -19.92 4.06
C ARG A 130 -12.32 -19.23 5.41
N SER A 131 -13.43 -18.99 6.09
CA SER A 131 -13.35 -18.33 7.40
C SER A 131 -12.79 -19.23 8.48
N SER A 132 -12.77 -20.53 8.18
CA SER A 132 -12.30 -21.47 9.20
C SER A 132 -10.86 -21.20 9.61
N ALA A 133 -10.61 -21.38 10.91
CA ALA A 133 -9.26 -21.26 11.42
C ALA A 133 -8.30 -22.29 10.89
N ARG A 134 -8.71 -23.19 10.01
CA ARG A 134 -7.73 -24.02 9.32
C ARG A 134 -6.68 -23.11 8.67
N GLU A 135 -7.14 -21.91 8.28
CA GLU A 135 -6.22 -20.99 7.61
C GLU A 135 -5.04 -20.60 8.50
N THR A 136 -5.20 -20.63 9.83
CA THR A 136 -4.12 -20.18 10.68
C THR A 136 -2.88 -21.06 10.52
N THR A 137 -3.06 -22.30 10.04
CA THR A 137 -1.91 -23.16 9.74
C THR A 137 -0.91 -22.39 8.87
N MSE A 138 -1.40 -21.65 7.85
CA MSE A 138 -0.44 -20.98 6.94
C MSE A 138 0.08 -19.69 7.62
O MSE A 138 1.22 -19.27 7.36
CB MSE A 138 -1.05 -20.63 5.58
CG MSE A 138 -1.70 -21.88 4.91
SE MSE A 138 -0.13 -23.24 4.90
CE MSE A 138 1.17 -22.53 3.79
N ARG A 139 -0.76 -19.11 8.50
CA ARG A 139 -0.21 -17.95 9.20
C ARG A 139 0.94 -18.37 10.12
N VAL A 140 0.88 -19.59 10.66
CA VAL A 140 1.94 -20.11 11.55
C VAL A 140 3.15 -20.49 10.69
N ALA A 141 2.88 -20.95 9.46
CA ALA A 141 4.02 -21.27 8.56
C ALA A 141 4.83 -20.01 8.25
N VAL A 142 4.08 -18.95 7.93
CA VAL A 142 4.70 -17.68 7.64
C VAL A 142 5.45 -17.21 8.88
N GLY A 143 4.79 -17.23 10.06
CA GLY A 143 5.47 -16.84 11.28
C GLY A 143 6.72 -17.63 11.57
N ALA A 144 6.78 -18.89 11.12
CA ALA A 144 8.00 -19.66 11.37
C ALA A 144 9.18 -19.11 10.54
N VAL A 145 8.92 -18.63 9.31
CA VAL A 145 10.00 -18.01 8.50
C VAL A 145 10.43 -16.72 9.20
N ALA A 146 9.45 -15.91 9.62
CA ALA A 146 9.76 -14.69 10.33
C ALA A 146 10.60 -15.00 11.58
N LYS A 147 10.20 -16.05 12.31
CA LYS A 147 10.91 -16.38 13.54
C LYS A 147 12.36 -16.76 13.22
N ARG A 148 12.58 -17.38 12.07
CA ARG A 148 13.99 -17.69 11.72
C ARG A 148 14.80 -16.41 11.55
N LEU A 149 14.23 -15.35 11.00
CA LEU A 149 14.94 -14.08 10.87
C LEU A 149 15.26 -13.52 12.27
N LEU A 150 14.26 -13.55 13.14
CA LEU A 150 14.41 -13.06 14.49
C LEU A 150 15.55 -13.81 15.22
N ALA A 151 15.56 -15.13 15.04
CA ALA A 151 16.60 -15.93 15.70
C ALA A 151 18.00 -15.54 15.16
N GLU A 152 18.09 -15.27 13.88
CA GLU A 152 19.38 -14.84 13.32
C GLU A 152 19.79 -13.50 13.91
N LEU A 153 18.84 -12.71 14.39
CA LEU A 153 19.17 -11.43 14.99
C LEU A 153 19.16 -11.47 16.50
N ASP A 154 19.31 -12.62 17.13
CA ASP A 154 19.40 -12.81 18.56
C ASP A 154 18.16 -12.35 19.31
N MSE A 155 17.00 -12.52 18.74
CA MSE A 155 15.76 -12.14 19.41
C MSE A 155 15.04 -13.45 19.76
O MSE A 155 15.34 -14.48 19.12
CB MSE A 155 14.91 -11.24 18.52
CG MSE A 155 15.63 -9.89 18.32
SE MSE A 155 14.62 -9.02 16.93
CE MSE A 155 13.46 -8.59 17.63
N GLU A 156 14.18 -13.40 20.76
CA GLU A 156 13.51 -14.65 21.18
C GLU A 156 12.03 -14.37 21.37
N ILE A 157 11.16 -15.34 21.18
CA ILE A 157 9.74 -15.12 21.34
C ILE A 157 9.10 -16.33 22.02
N ALA A 158 8.04 -16.08 22.77
CA ALA A 158 7.33 -17.17 23.45
C ALA A 158 5.88 -16.77 23.67
N ASN A 159 5.00 -17.74 23.91
CA ASN A 159 3.61 -17.37 24.23
C ASN A 159 3.16 -18.31 25.39
N HIS A 160 2.25 -17.84 26.23
CA HIS A 160 1.66 -18.68 27.25
C HIS A 160 0.24 -18.20 27.55
N VAL A 161 -0.55 -19.13 28.08
CA VAL A 161 -1.90 -18.82 28.47
C VAL A 161 -1.87 -18.16 29.85
N VAL A 162 -2.48 -16.98 29.95
CA VAL A 162 -2.49 -16.32 31.27
C VAL A 162 -3.90 -16.36 31.83
N VAL A 163 -4.89 -16.50 31.00
CA VAL A 163 -6.27 -16.66 31.54
C VAL A 163 -6.86 -17.81 30.77
N PHE A 164 -7.42 -18.82 31.43
CA PHE A 164 -8.04 -19.95 30.76
C PHE A 164 -9.50 -20.07 31.20
N GLY A 165 -10.46 -19.76 30.33
CA GLY A 165 -11.87 -19.84 30.70
C GLY A 165 -12.20 -19.16 32.02
N GLY A 166 -11.51 -18.06 32.32
CA GLY A 166 -11.79 -17.33 33.58
C GLY A 166 -10.84 -17.74 34.69
N LYS A 167 -10.06 -18.81 34.49
CA LYS A 167 -9.09 -19.16 35.51
C LYS A 167 -7.81 -18.36 35.29
N GLU A 168 -7.51 -17.43 36.20
CA GLU A 168 -6.34 -16.61 36.08
C GLU A 168 -5.14 -17.42 36.58
N ILE A 169 -4.17 -17.58 35.70
CA ILE A 169 -2.96 -18.32 36.03
C ILE A 169 -1.96 -17.45 36.75
N ASP A 170 -1.55 -17.80 37.96
CA ASP A 170 -0.58 -16.99 38.70
C ASP A 170 0.83 -17.25 38.20
N VAL A 171 1.36 -16.26 37.49
CA VAL A 171 2.68 -16.37 36.87
C VAL A 171 3.75 -15.85 37.82
N PRO A 172 4.84 -16.58 37.97
CA PRO A 172 5.98 -16.15 38.77
C PRO A 172 6.37 -14.76 38.31
N GLU A 173 7.14 -14.03 39.09
CA GLU A 173 7.54 -12.68 38.70
C GLU A 173 8.77 -12.74 37.81
N ASN A 174 8.75 -11.88 36.80
CA ASN A 174 9.90 -11.68 35.93
C ASN A 174 10.53 -12.90 35.29
N LEU A 175 9.70 -13.70 34.62
CA LEU A 175 10.19 -14.83 33.85
C LEU A 175 10.83 -14.27 32.56
N THR A 176 11.87 -14.92 32.08
CA THR A 176 12.47 -14.51 30.82
C THR A 176 11.67 -15.12 29.68
N VAL A 177 12.00 -14.72 28.47
CA VAL A 177 11.26 -15.28 27.33
C VAL A 177 11.52 -16.77 27.27
N ALA A 178 12.82 -17.10 27.44
CA ALA A 178 13.20 -18.53 27.34
C ALA A 178 12.56 -19.37 28.42
N GLU A 179 12.34 -18.80 29.60
CA GLU A 179 11.71 -19.53 30.69
C GLU A 179 10.27 -19.87 30.31
N ILE A 180 9.58 -18.83 29.83
CA ILE A 180 8.20 -18.95 29.39
C ILE A 180 8.12 -20.01 28.29
N LYS A 181 9.00 -19.96 27.31
CA LYS A 181 8.98 -20.95 26.23
C LYS A 181 9.19 -22.37 26.77
N GLN A 182 10.21 -22.54 27.59
CA GLN A 182 10.44 -23.87 28.20
C GLN A 182 9.27 -24.35 29.05
N ARG A 183 8.85 -23.55 30.03
CA ARG A 183 7.77 -24.00 30.90
C ARG A 183 6.48 -24.25 30.11
N ALA A 184 6.08 -23.30 29.28
CA ALA A 184 4.87 -23.46 28.51
C ALA A 184 4.87 -24.71 27.64
N ALA A 185 5.94 -25.13 26.97
CA ALA A 185 5.54 -26.32 26.16
C ALA A 185 5.79 -27.61 26.89
N GLN A 186 6.03 -27.57 28.21
CA GLN A 186 6.01 -28.79 29.01
C GLN A 186 4.56 -29.01 29.42
N SER A 187 3.72 -28.01 29.10
CA SER A 187 2.32 -28.07 29.47
C SER A 187 1.43 -28.44 28.29
N GLU A 188 0.41 -29.26 28.47
CA GLU A 188 -0.54 -29.54 27.41
C GLU A 188 -1.55 -28.40 27.26
N VAL A 189 -1.52 -27.43 28.14
CA VAL A 189 -2.39 -26.25 28.11
C VAL A 189 -1.63 -24.93 28.05
N SER A 190 -0.35 -24.96 27.75
CA SER A 190 0.51 -23.82 27.59
C SER A 190 0.59 -22.92 28.80
N ILE A 191 0.55 -23.47 30.03
CA ILE A 191 0.65 -22.59 31.18
C ILE A 191 2.05 -22.80 31.77
N VAL A 192 2.61 -21.78 32.36
CA VAL A 192 3.94 -21.86 32.92
C VAL A 192 3.90 -22.35 34.37
N ASN A 193 2.75 -22.48 35.00
CA ASN A 193 2.69 -22.99 36.38
C ASN A 193 2.08 -24.40 36.35
N GLN A 194 2.84 -25.46 36.52
CA GLN A 194 2.17 -26.76 36.42
C GLN A 194 1.42 -27.27 37.64
N GLU A 195 1.33 -26.50 38.73
CA GLU A 195 0.49 -26.95 39.83
C GLU A 195 -0.98 -26.87 39.38
N ARG A 196 -1.30 -26.08 38.35
CA ARG A 196 -2.69 -26.00 37.93
C ARG A 196 -3.00 -26.82 36.69
N GLU A 197 -2.03 -27.55 36.18
CA GLU A 197 -2.20 -28.35 34.97
C GLU A 197 -3.36 -29.31 35.02
N GLN A 198 -3.38 -30.23 36.01
CA GLN A 198 -4.52 -31.15 36.04
C GLN A 198 -5.84 -30.42 36.21
N GLU A 199 -5.87 -29.40 37.08
CA GLU A 199 -7.07 -28.59 37.29
C GLU A 199 -7.64 -28.07 35.98
N ILE A 200 -6.80 -27.44 35.15
CA ILE A 200 -7.28 -26.91 33.86
C ILE A 200 -7.74 -28.02 32.96
N LYS A 201 -7.00 -29.15 32.92
CA LYS A 201 -7.48 -30.25 32.08
C LYS A 201 -8.86 -30.70 32.55
N ASP A 202 -9.00 -30.93 33.86
CA ASP A 202 -10.31 -31.29 34.38
C ASP A 202 -11.35 -30.24 34.03
N TYR A 203 -11.04 -28.95 34.20
CA TYR A 203 -12.01 -27.90 33.84
C TYR A 203 -12.38 -28.00 32.36
N ILE A 204 -11.37 -28.15 31.47
CA ILE A 204 -11.70 -28.37 30.06
C ILE A 204 -12.66 -29.53 29.89
N ASP A 205 -12.37 -30.64 30.61
CA ASP A 205 -13.28 -31.80 30.46
C ASP A 205 -14.69 -31.40 30.90
N GLN A 206 -14.75 -30.69 32.02
CA GLN A 206 -16.06 -30.32 32.58
C GLN A 206 -16.83 -29.49 31.56
N ILE A 207 -16.11 -28.52 30.96
CA ILE A 207 -16.77 -27.69 29.95
C ILE A 207 -17.32 -28.57 28.84
N LYS A 208 -16.48 -29.50 28.39
CA LYS A 208 -16.90 -30.40 27.33
C LYS A 208 -18.11 -31.24 27.73
N ARG A 209 -18.15 -31.75 28.96
CA ARG A 209 -19.33 -32.61 29.23
C ARG A 209 -20.56 -31.73 29.41
N ASP A 210 -20.27 -30.47 29.77
CA ASP A 210 -21.31 -29.49 29.91
C ASP A 210 -21.79 -29.02 28.55
N GLY A 211 -21.15 -29.39 27.46
CA GLY A 211 -21.54 -29.01 26.11
C GLY A 211 -21.20 -27.56 25.78
N ASP A 212 -20.34 -26.92 26.56
CA ASP A 212 -19.97 -25.51 26.31
C ASP A 212 -18.56 -25.34 25.77
N THR A 213 -18.12 -24.08 25.66
CA THR A 213 -16.77 -23.79 25.18
C THR A 213 -16.10 -22.71 26.02
N ILE A 214 -14.77 -22.62 25.99
CA ILE A 214 -14.09 -21.56 26.69
C ILE A 214 -13.02 -20.96 25.77
N GLY A 215 -12.69 -19.71 26.02
CA GLY A 215 -11.62 -18.99 25.36
C GLY A 215 -10.64 -18.60 26.47
N GLY A 216 -10.07 -17.41 26.41
CA GLY A 216 -9.15 -16.97 27.44
C GLY A 216 -8.19 -15.90 26.95
N VAL A 217 -7.04 -15.82 27.61
CA VAL A 217 -6.13 -14.72 27.23
C VAL A 217 -4.75 -15.34 27.08
N VAL A 218 -4.07 -14.93 26.02
CA VAL A 218 -2.72 -15.42 25.77
C VAL A 218 -1.76 -14.23 25.74
N GLU A 219 -0.55 -14.48 26.25
CA GLU A 219 0.42 -13.38 26.26
C GLU A 219 1.61 -13.84 25.39
N THR A 220 1.99 -12.96 24.48
CA THR A 220 3.19 -13.21 23.70
C THR A 220 4.28 -12.30 24.22
N VAL A 221 5.50 -12.80 24.40
CA VAL A 221 6.59 -11.93 24.86
C VAL A 221 7.76 -12.00 23.89
N VAL A 222 8.36 -10.82 23.59
CA VAL A 222 9.48 -10.81 22.66
C VAL A 222 10.70 -10.21 23.36
N GLY A 223 11.86 -10.88 23.28
CA GLY A 223 13.08 -10.33 23.90
C GLY A 223 14.18 -10.03 22.87
N GLY A 224 15.23 -9.34 23.34
CA GLY A 224 16.37 -8.92 22.52
C GLY A 224 16.00 -7.94 21.43
N VAL A 225 14.89 -7.21 21.61
CA VAL A 225 14.38 -6.25 20.67
C VAL A 225 15.24 -4.98 20.53
N PRO A 226 15.60 -4.61 19.30
CA PRO A 226 16.35 -3.40 19.02
C PRO A 226 15.50 -2.18 19.34
N VAL A 227 16.17 -1.08 19.61
CA VAL A 227 15.44 0.12 20.00
C VAL A 227 15.06 0.98 18.80
N GLY A 228 13.87 1.58 18.85
CA GLY A 228 13.60 2.50 17.70
C GLY A 228 12.91 1.85 16.52
N LEU A 229 12.33 0.66 16.71
CA LEU A 229 11.50 0.04 15.67
C LEU A 229 10.10 0.66 15.75
N GLY A 230 9.45 1.03 14.65
CA GLY A 230 8.16 1.77 14.73
C GLY A 230 8.46 3.29 14.77
N SER A 231 7.50 4.17 14.62
CA SER A 231 7.75 5.61 14.74
C SER A 231 6.49 6.35 15.23
N TYR A 232 6.65 7.54 15.80
CA TYR A 232 5.53 8.36 16.25
C TYR A 232 5.17 9.35 15.16
N VAL A 233 5.92 9.39 14.04
CA VAL A 233 5.76 10.51 13.13
C VAL A 233 4.45 10.50 12.35
N GLN A 234 3.82 9.33 12.33
CA GLN A 234 2.52 9.26 11.64
C GLN A 234 1.81 8.10 12.31
N TRP A 235 0.50 8.20 12.50
CA TRP A 235 -0.20 7.14 13.24
C TRP A 235 0.05 5.71 12.73
N ASP A 236 0.06 5.52 11.42
CA ASP A 236 0.15 4.16 10.86
C ASP A 236 1.57 3.63 10.89
N ARG A 237 2.51 4.38 11.49
CA ARG A 237 3.89 3.93 11.60
C ARG A 237 4.17 3.34 12.99
N LYS A 238 3.26 3.48 13.93
CA LYS A 238 3.44 3.03 15.32
C LYS A 238 3.41 1.50 15.28
N LEU A 239 4.42 0.86 15.89
CA LEU A 239 4.52 -0.60 15.84
C LEU A 239 3.56 -1.29 16.80
N ASP A 240 3.23 -0.60 17.92
CA ASP A 240 2.26 -1.22 18.81
C ASP A 240 0.94 -1.33 18.06
N ALA A 241 0.62 -0.26 17.35
CA ALA A 241 -0.64 -0.26 16.58
C ALA A 241 -0.59 -1.28 15.43
N ARG A 242 0.54 -1.43 14.76
CA ARG A 242 0.63 -2.46 13.71
C ARG A 242 0.42 -3.85 14.32
N LEU A 243 0.99 -4.14 15.49
CA LEU A 243 0.78 -5.39 16.20
C LEU A 243 -0.68 -5.55 16.63
N ALA A 244 -1.34 -4.48 16.99
CA ALA A 244 -2.75 -4.56 17.40
C ALA A 244 -3.63 -5.13 16.28
N GLN A 245 -3.51 -4.62 15.08
CA GLN A 245 -4.25 -5.13 13.93
C GLN A 245 -3.96 -6.64 13.72
N ALA A 246 -2.67 -7.01 13.72
CA ALA A 246 -2.31 -8.42 13.52
C ALA A 246 -2.98 -9.32 14.58
N VAL A 247 -2.83 -8.96 15.84
CA VAL A 247 -3.46 -9.76 16.91
C VAL A 247 -4.97 -9.83 16.78
N VAL A 248 -5.69 -8.71 16.63
CA VAL A 248 -7.15 -8.80 16.52
C VAL A 248 -7.57 -9.47 15.22
N SER A 249 -6.66 -9.67 14.25
CA SER A 249 -7.07 -10.34 13.02
C SER A 249 -7.19 -11.86 13.21
N ILE A 250 -6.67 -12.40 14.29
CA ILE A 250 -6.75 -13.85 14.51
C ILE A 250 -8.20 -14.19 14.81
N ASN A 251 -8.69 -15.26 14.16
CA ASN A 251 -10.05 -15.75 14.39
C ASN A 251 -10.35 -15.81 15.88
N ALA A 252 -11.49 -15.28 16.31
CA ALA A 252 -11.99 -15.35 17.65
C ALA A 252 -11.34 -14.33 18.54
N PHE A 253 -10.33 -13.59 18.08
CA PHE A 253 -9.74 -12.60 18.99
C PHE A 253 -10.60 -11.34 19.08
N LYS A 254 -10.82 -10.78 20.29
CA LYS A 254 -11.69 -9.63 20.41
C LYS A 254 -10.98 -8.48 21.11
N GLY A 255 -9.67 -8.51 21.34
CA GLY A 255 -9.00 -7.42 22.01
C GLY A 255 -7.48 -7.66 22.07
N VAL A 256 -6.75 -6.60 22.38
CA VAL A 256 -5.28 -6.71 22.45
C VAL A 256 -4.82 -5.59 23.37
N GLU A 257 -3.80 -5.85 24.17
CA GLU A 257 -3.36 -4.82 25.14
C GLU A 257 -1.87 -4.96 25.32
N PHE A 258 -1.18 -3.90 25.72
CA PHE A 258 0.28 -3.95 25.84
C PHE A 258 0.76 -3.60 27.24
N GLY A 259 1.71 -4.37 27.77
CA GLY A 259 2.20 -4.06 29.12
C GLY A 259 1.06 -4.22 30.12
N LEU A 260 0.87 -3.27 30.99
CA LEU A 260 -0.26 -3.33 31.94
C LEU A 260 -1.60 -3.36 31.21
N GLY A 261 -1.62 -2.85 29.98
CA GLY A 261 -2.83 -2.87 29.19
C GLY A 261 -4.01 -2.10 29.76
N PHE A 262 -5.21 -2.69 29.75
CA PHE A 262 -6.38 -1.96 30.26
C PHE A 262 -6.23 -1.58 31.76
N GLU A 263 -5.36 -2.30 32.46
CA GLU A 263 -5.15 -1.92 33.88
C GLU A 263 -4.49 -0.54 33.99
N ALA A 264 -3.77 -0.11 32.95
CA ALA A 264 -3.20 1.24 33.00
C ALA A 264 -4.32 2.27 33.14
N GLY A 265 -5.57 2.01 32.74
CA GLY A 265 -6.58 3.08 32.90
C GLY A 265 -7.06 3.20 34.36
N TYR A 266 -6.54 2.32 35.22
CA TYR A 266 -7.03 2.31 36.61
C TYR A 266 -5.95 2.87 37.51
N ARG A 267 -4.79 3.35 36.96
CA ARG A 267 -3.68 3.66 37.84
C ARG A 267 -3.22 5.10 37.67
N LYS A 268 -2.21 5.54 38.39
CA LYS A 268 -1.77 6.91 38.22
C LYS A 268 -0.48 6.90 37.43
N GLY A 269 -0.15 8.04 36.85
CA GLY A 269 1.09 8.16 36.06
C GLY A 269 2.34 7.73 36.81
N SER A 270 2.39 8.08 38.10
CA SER A 270 3.54 7.68 38.93
C SER A 270 3.62 6.17 39.08
N GLN A 271 2.51 5.46 38.92
CA GLN A 271 2.51 4.00 39.06
C GLN A 271 2.65 3.27 37.72
N VAL A 272 2.73 4.03 36.64
CA VAL A 272 2.74 3.42 35.30
C VAL A 272 4.00 3.72 34.51
N MSE A 273 4.49 4.98 34.46
CA MSE A 273 5.67 5.20 33.62
C MSE A 273 6.83 4.33 34.08
O MSE A 273 7.01 4.03 35.25
CB MSE A 273 6.11 6.69 33.61
CG MSE A 273 4.89 7.59 33.67
SE MSE A 273 3.86 7.05 31.76
CE MSE A 273 1.98 7.37 32.45
N ASP A 274 7.64 3.93 33.10
CA ASP A 274 8.82 3.13 33.39
C ASP A 274 10.05 4.03 33.48
N GLU A 275 10.65 4.24 34.63
CA GLU A 275 11.77 5.14 34.85
C GLU A 275 13.00 4.66 34.08
N ILE A 276 13.73 5.64 33.58
CA ILE A 276 14.85 5.48 32.69
C ILE A 276 16.17 5.44 33.45
N LEU A 277 16.95 4.42 33.19
CA LEU A 277 18.21 4.24 33.91
C LEU A 277 19.32 4.07 32.91
N TRP A 278 20.54 4.32 33.37
CA TRP A 278 21.71 4.17 32.51
C TRP A 278 22.85 3.58 33.38
N SER A 279 23.65 2.74 32.76
CA SER A 279 24.83 2.20 33.41
C SER A 279 25.91 2.08 32.35
N LYS A 280 27.17 2.19 32.78
CA LYS A 280 28.23 2.11 31.78
C LYS A 280 28.28 0.68 31.26
N GLU A 281 27.87 -0.22 32.13
CA GLU A 281 27.87 -1.63 31.71
C GLU A 281 26.88 -1.80 30.55
N ASP A 282 25.60 -1.59 30.76
CA ASP A 282 24.53 -1.87 29.85
C ASP A 282 23.92 -0.73 29.04
N GLY A 283 24.32 0.51 29.26
CA GLY A 283 23.70 1.64 28.57
C GLY A 283 22.29 1.93 29.11
N TYR A 284 21.36 2.34 28.26
CA TYR A 284 20.04 2.72 28.72
C TYR A 284 19.15 1.52 28.98
N THR A 285 18.34 1.60 30.05
CA THR A 285 17.39 0.52 30.30
C THR A 285 16.18 1.16 30.97
N ARG A 286 15.22 0.42 31.51
CA ARG A 286 14.09 0.96 32.24
C ARG A 286 14.03 0.23 33.59
N ARG A 287 13.48 0.85 34.64
CA ARG A 287 13.40 0.17 35.93
C ARG A 287 12.30 -0.88 35.95
N THR A 288 11.20 -0.63 35.25
CA THR A 288 10.07 -1.56 35.19
C THR A 288 9.63 -1.66 33.74
N ASN A 289 8.61 -2.50 33.47
CA ASN A 289 8.17 -2.64 32.09
C ASN A 289 6.64 -2.62 32.02
N ASN A 290 6.05 -1.68 32.71
CA ASN A 290 4.59 -1.49 32.65
C ASN A 290 4.09 -1.15 31.23
N LEU A 291 4.89 -0.52 30.41
CA LEU A 291 4.56 -0.12 29.05
C LEU A 291 4.71 -1.21 28.02
N GLY A 292 5.20 -2.39 28.39
CA GLY A 292 5.27 -3.54 27.49
C GLY A 292 6.19 -3.30 26.28
N GLY A 293 7.30 -2.59 26.51
CA GLY A 293 8.32 -2.42 25.48
C GLY A 293 8.08 -1.31 24.46
N PHE A 294 7.06 -0.47 24.65
CA PHE A 294 6.77 0.59 23.70
C PHE A 294 6.62 1.96 24.34
N GLU A 295 7.17 2.96 23.65
CA GLU A 295 7.09 4.37 24.07
C GLU A 295 6.87 5.17 22.79
N GLY A 296 5.77 5.82 22.59
CA GLY A 296 5.63 6.60 21.35
C GLY A 296 5.57 5.72 20.10
N GLY A 297 4.96 4.53 20.19
CA GLY A 297 4.82 3.64 19.03
C GLY A 297 6.16 3.04 18.64
N MSE A 298 7.14 3.17 19.53
CA MSE A 298 8.47 2.68 19.21
C MSE A 298 9.00 1.71 20.26
O MSE A 298 8.68 1.88 21.43
CB MSE A 298 9.44 3.88 19.13
CG MSE A 298 9.02 4.80 17.99
SE MSE A 298 10.36 6.36 18.17
CE MSE A 298 9.73 6.89 20.06
N THR A 299 9.77 0.72 19.87
CA THR A 299 10.34 -0.23 20.82
C THR A 299 11.36 0.47 21.72
N ASN A 300 11.27 0.29 23.03
CA ASN A 300 12.23 1.01 23.89
C ASN A 300 13.39 0.12 24.32
N GLY A 301 13.34 -1.13 23.86
CA GLY A 301 14.30 -2.14 24.23
C GLY A 301 13.92 -3.01 25.39
N GLN A 302 12.81 -2.81 26.09
CA GLN A 302 12.37 -3.79 27.09
C GLN A 302 11.64 -4.91 26.31
N PRO A 303 11.31 -6.01 26.92
CA PRO A 303 10.64 -7.11 26.25
C PRO A 303 9.28 -6.59 25.75
N ILE A 304 8.90 -6.96 24.53
CA ILE A 304 7.53 -6.62 24.10
C ILE A 304 6.59 -7.56 24.86
N VAL A 305 5.56 -7.03 25.48
CA VAL A 305 4.59 -7.81 26.20
C VAL A 305 3.20 -7.47 25.69
N VAL A 306 2.58 -8.43 24.99
CA VAL A 306 1.23 -8.16 24.46
C VAL A 306 0.35 -9.37 24.77
N ARG A 307 -0.91 -9.09 24.98
CA ARG A 307 -1.89 -10.13 25.30
C ARG A 307 -3.11 -9.88 24.43
N GLY A 308 -3.69 -10.97 24.03
CA GLY A 308 -4.89 -10.93 23.19
C GLY A 308 -5.95 -11.81 23.90
N VAL A 309 -7.22 -11.47 23.79
CA VAL A 309 -8.26 -12.28 24.38
C VAL A 309 -8.89 -13.03 23.23
N MSE A 310 -9.14 -14.29 23.44
CA MSE A 310 -9.77 -15.14 22.44
C MSE A 310 -11.17 -15.47 22.96
O MSE A 310 -11.21 -15.87 24.14
CB MSE A 310 -9.05 -16.48 22.27
CG MSE A 310 -9.73 -17.26 21.16
SE MSE A 310 -9.13 -19.25 21.32
CE MSE A 310 -9.59 -19.85 19.59
N LYS A 311 -12.22 -15.11 22.26
CA LYS A 311 -13.55 -15.52 22.76
C LYS A 311 -13.66 -17.04 22.67
N PRO A 312 -14.65 -17.67 23.30
CA PRO A 312 -14.77 -19.10 23.24
C PRO A 312 -15.15 -19.50 21.83
N ILE A 313 -14.83 -20.71 21.45
CA ILE A 313 -15.21 -21.32 20.21
C ILE A 313 -16.73 -21.11 20.16
N PRO A 314 -17.24 -20.66 19.04
CA PRO A 314 -18.67 -20.42 18.88
C PRO A 314 -19.53 -21.67 18.78
N THR A 315 -19.03 -22.77 18.23
CA THR A 315 -19.89 -23.96 18.11
C THR A 315 -20.09 -24.70 19.42
N LEU A 316 -21.36 -24.81 19.86
CA LEU A 316 -21.63 -25.46 21.13
C LEU A 316 -22.62 -26.63 21.00
N TYR A 317 -22.63 -27.43 22.07
CA TYR A 317 -23.61 -28.52 22.16
C TYR A 317 -24.88 -27.90 22.78
N LYS A 318 -24.71 -26.95 23.68
CA LYS A 318 -25.81 -26.17 24.25
C LYS A 318 -26.42 -25.45 23.04
N PRO A 319 -27.74 -25.36 23.01
CA PRO A 319 -28.43 -24.80 21.86
C PRO A 319 -28.26 -23.30 21.78
N LEU A 320 -28.27 -22.80 20.54
CA LEU A 320 -28.22 -21.34 20.33
C LEU A 320 -29.22 -21.11 19.19
N MSE A 321 -30.20 -20.22 19.37
CA MSE A 321 -31.17 -19.91 18.35
C MSE A 321 -30.45 -19.30 17.13
O MSE A 321 -29.55 -18.44 17.21
CB MSE A 321 -32.15 -18.90 18.94
CG MSE A 321 -32.96 -19.39 20.14
SE MSE A 321 -33.77 -21.24 19.61
CE MSE A 321 -34.99 -20.90 18.10
N SER A 322 -30.91 -19.72 15.97
CA SER A 322 -30.49 -19.23 14.67
C SER A 322 -31.70 -19.32 13.74
N VAL A 323 -31.47 -19.14 12.46
CA VAL A 323 -32.52 -19.09 11.48
C VAL A 323 -32.11 -19.86 10.22
N ASP A 324 -33.03 -20.61 9.66
CA ASP A 324 -32.82 -21.30 8.39
C ASP A 324 -32.87 -20.28 7.24
N ILE A 325 -31.82 -20.17 6.42
CA ILE A 325 -31.83 -19.10 5.41
C ILE A 325 -32.72 -19.41 4.21
N GLU A 326 -33.13 -20.66 4.04
CA GLU A 326 -34.03 -20.90 2.89
C GLU A 326 -35.48 -20.69 3.29
N THR A 327 -35.77 -20.73 4.59
CA THR A 327 -37.15 -20.68 5.02
C THR A 327 -37.48 -19.52 5.95
N HIS A 328 -36.46 -18.94 6.55
CA HIS A 328 -36.65 -17.83 7.46
C HIS A 328 -37.22 -18.33 8.78
N GLU A 329 -37.34 -19.62 8.95
CA GLU A 329 -37.81 -20.25 10.16
C GLU A 329 -36.68 -20.40 11.16
N PRO A 330 -37.02 -20.24 12.43
CA PRO A 330 -36.03 -20.34 13.48
C PRO A 330 -35.67 -21.82 13.65
N TYR A 331 -34.51 -22.11 14.22
CA TYR A 331 -34.12 -23.49 14.48
C TYR A 331 -33.10 -23.43 15.63
N LYS A 332 -32.85 -24.55 16.33
CA LYS A 332 -31.82 -24.40 17.38
C LYS A 332 -30.56 -25.10 16.91
N ALA A 333 -29.46 -24.33 16.93
CA ALA A 333 -28.17 -24.88 16.50
C ALA A 333 -27.51 -25.58 17.69
N THR A 334 -27.05 -26.78 17.40
CA THR A 334 -26.37 -27.61 18.39
C THR A 334 -25.45 -28.59 17.65
N VAL A 335 -24.24 -28.72 18.17
CA VAL A 335 -23.22 -29.56 17.52
C VAL A 335 -22.81 -30.57 18.60
N GLU A 336 -22.93 -31.86 18.29
CA GLU A 336 -22.70 -32.85 19.34
C GLU A 336 -21.23 -32.98 19.69
N ARG A 337 -20.36 -32.99 18.69
CA ARG A 337 -18.92 -33.03 18.93
C ARG A 337 -18.26 -31.82 18.28
N SER A 338 -17.70 -30.99 19.12
CA SER A 338 -17.00 -29.75 18.83
C SER A 338 -15.85 -29.77 19.83
N ASP A 339 -14.78 -29.03 19.64
CA ASP A 339 -13.74 -29.00 20.67
C ASP A 339 -14.24 -28.00 21.70
N PRO A 340 -13.94 -28.20 22.98
CA PRO A 340 -14.36 -27.32 24.05
C PRO A 340 -13.49 -26.05 24.05
N THR A 341 -12.25 -26.16 23.55
CA THR A 341 -11.33 -25.03 23.51
C THR A 341 -10.20 -25.23 22.53
N ALA A 342 -9.69 -24.14 21.94
CA ALA A 342 -8.52 -24.17 21.05
C ALA A 342 -7.58 -23.05 21.49
N LEU A 343 -7.60 -22.73 22.78
CA LEU A 343 -6.76 -21.65 23.32
C LEU A 343 -5.27 -21.82 23.18
N PRO A 344 -4.64 -22.92 23.53
CA PRO A 344 -3.22 -23.14 23.41
C PRO A 344 -2.78 -23.04 21.92
N ALA A 345 -3.49 -23.57 20.99
CA ALA A 345 -3.21 -23.45 19.54
C ALA A 345 -3.31 -21.98 19.11
N ALA A 346 -4.29 -21.25 19.63
CA ALA A 346 -4.45 -19.83 19.32
C ALA A 346 -3.24 -19.03 19.81
N GLY A 347 -2.60 -19.45 20.89
CA GLY A 347 -1.42 -18.87 21.44
C GLY A 347 -0.26 -19.05 20.46
N MSE A 348 -0.14 -20.26 19.91
CA MSE A 348 0.88 -20.42 18.84
C MSE A 348 0.56 -19.43 17.69
O MSE A 348 1.48 -18.81 17.11
CB MSE A 348 0.77 -21.83 18.27
CG MSE A 348 1.86 -22.23 17.29
SE MSE A 348 3.69 -22.03 17.84
CE MSE A 348 4.27 -20.19 16.60
N VAL A 349 -0.72 -19.37 17.28
CA VAL A 349 -0.99 -18.48 16.10
C VAL A 349 -0.60 -17.07 16.53
N MSE A 350 -0.93 -16.64 17.75
CA MSE A 350 -0.56 -15.30 18.20
C MSE A 350 0.95 -15.06 18.14
O MSE A 350 1.40 -14.00 17.69
CB MSE A 350 -1.12 -14.98 19.59
CG MSE A 350 -0.90 -13.48 19.94
SE MSE A 350 -1.34 -13.19 21.82
CE MSE A 350 -0.75 -11.27 21.99
N GLU A 351 1.75 -16.00 18.58
CA GLU A 351 3.21 -15.84 18.54
C GLU A 351 3.66 -15.68 17.09
N ALA A 352 3.03 -16.48 16.23
CA ALA A 352 3.47 -16.41 14.83
C ALA A 352 3.12 -15.04 14.26
N VAL A 353 1.92 -14.54 14.49
CA VAL A 353 1.56 -13.29 13.80
C VAL A 353 2.42 -12.17 14.40
N VAL A 354 2.70 -12.24 15.72
CA VAL A 354 3.54 -11.19 16.33
C VAL A 354 4.93 -11.21 15.77
N ALA A 355 5.47 -12.44 15.69
CA ALA A 355 6.81 -12.60 15.11
C ALA A 355 6.80 -12.06 13.67
N THR A 356 5.74 -12.32 12.92
CA THR A 356 5.67 -11.85 11.53
C THR A 356 5.75 -10.33 11.42
N VAL A 357 4.93 -9.62 12.17
CA VAL A 357 4.93 -8.15 12.13
C VAL A 357 6.26 -7.55 12.54
N LEU A 358 6.93 -8.15 13.51
CA LEU A 358 8.24 -7.66 13.92
C LEU A 358 9.25 -7.87 12.80
N ALA A 359 9.24 -9.05 12.20
CA ALA A 359 10.15 -9.30 11.10
C ALA A 359 9.89 -8.23 10.02
N GLN A 360 8.62 -7.97 9.69
CA GLN A 360 8.30 -6.95 8.72
C GLN A 360 8.88 -5.58 9.09
N GLU A 361 8.71 -5.22 10.39
CA GLU A 361 9.22 -3.93 10.83
C GLU A 361 10.73 -3.87 10.71
N ILE A 362 11.42 -4.92 11.14
CA ILE A 362 12.86 -5.04 10.98
C ILE A 362 13.33 -4.93 9.53
N LEU A 363 12.63 -5.59 8.63
CA LEU A 363 12.99 -5.57 7.20
C LEU A 363 12.84 -4.18 6.63
N GLU A 364 11.89 -3.42 7.16
CA GLU A 364 11.65 -2.06 6.74
C GLU A 364 12.68 -1.10 7.31
N LYS A 365 13.05 -1.33 8.57
CA LYS A 365 13.95 -0.41 9.25
C LYS A 365 15.37 -0.51 8.74
N PHE A 366 15.84 -1.74 8.56
CA PHE A 366 17.22 -1.94 8.16
C PHE A 366 17.44 -2.45 6.73
N SER A 367 18.59 -2.09 6.17
CA SER A 367 19.08 -2.58 4.88
C SER A 367 18.85 -4.10 4.97
N SER A 368 18.08 -4.65 4.04
CA SER A 368 17.77 -6.08 4.19
C SER A 368 17.49 -6.81 2.90
N ASP A 369 18.23 -6.56 1.82
CA ASP A 369 18.10 -7.36 0.61
C ASP A 369 18.70 -8.74 0.88
N ASN A 370 19.71 -8.87 1.77
CA ASN A 370 20.26 -10.18 2.07
C ASN A 370 20.57 -10.27 3.57
N LEU A 371 20.71 -11.46 4.09
CA LEU A 371 20.90 -11.62 5.53
C LEU A 371 22.17 -10.97 6.06
N GLU A 372 23.25 -11.12 5.26
CA GLU A 372 24.52 -10.57 5.72
C GLU A 372 24.45 -9.09 5.99
N GLU A 373 23.86 -8.31 5.09
CA GLU A 373 23.81 -6.86 5.26
C GLU A 373 22.83 -6.55 6.39
N LEU A 374 21.75 -7.33 6.50
CA LEU A 374 20.79 -7.12 7.58
C LEU A 374 21.48 -7.26 8.92
N LYS A 375 22.18 -8.40 9.09
CA LYS A 375 22.87 -8.65 10.36
C LYS A 375 23.80 -7.50 10.68
N GLU A 376 24.57 -7.09 9.69
CA GLU A 376 25.54 -6.00 9.86
C GLU A 376 24.83 -4.75 10.31
N ALA A 377 23.73 -4.39 9.66
CA ALA A 377 23.00 -3.18 10.02
C ALA A 377 22.47 -3.25 11.45
N VAL A 378 21.92 -4.41 11.81
CA VAL A 378 21.34 -4.55 13.17
C VAL A 378 22.45 -4.43 14.19
N ALA A 379 23.60 -5.02 13.90
CA ALA A 379 24.73 -4.95 14.83
C ALA A 379 25.20 -3.50 15.03
N LYS A 380 25.30 -2.79 13.93
CA LYS A 380 25.73 -1.41 13.95
C LYS A 380 24.75 -0.54 14.75
N HIS A 381 23.45 -0.84 14.55
CA HIS A 381 22.40 -0.11 15.22
C HIS A 381 22.43 -0.43 16.72
N ARG A 382 22.60 -1.68 17.16
CA ARG A 382 22.74 -1.96 18.59
C ARG A 382 23.98 -1.27 19.17
N ASP A 383 25.08 -1.18 18.45
CA ASP A 383 26.28 -0.49 18.97
C ASP A 383 26.00 1.00 19.16
N TYR A 384 25.24 1.63 18.23
CA TYR A 384 24.89 3.04 18.34
C TYR A 384 24.02 3.24 19.58
N THR A 385 23.04 2.35 19.67
CA THR A 385 22.07 2.42 20.78
C THR A 385 22.81 2.35 22.12
N LYS A 386 23.58 1.31 22.35
CA LYS A 386 24.32 1.10 23.60
C LYS A 386 25.24 2.28 23.91
N ASN A 387 25.80 2.91 22.88
CA ASN A 387 26.76 3.99 23.17
C ASN A 387 26.19 5.39 23.09
N TYR A 388 24.87 5.48 23.07
CA TYR A 388 24.23 6.81 22.95
C TYR A 388 24.53 7.66 24.19
N MSE B 1 -9.62 6.11 0.10
CA MSE B 1 -9.36 7.37 0.87
C MSE B 1 -8.12 7.26 1.73
O MSE B 1 -7.91 6.23 2.41
CB MSE B 1 -10.60 7.75 1.67
CG MSE B 1 -10.59 9.25 2.02
SE MSE B 1 -10.11 9.12 3.98
CE MSE B 1 -11.87 8.86 4.58
N ARG B 2 -7.29 8.30 1.72
CA ARG B 2 -6.04 8.19 2.47
C ARG B 2 -5.72 9.61 2.96
N TYR B 3 -4.84 9.79 3.88
CA TYR B 3 -4.59 11.16 4.34
C TYR B 3 -3.24 11.18 5.01
N LEU B 4 -2.71 12.39 5.22
CA LEU B 4 -1.51 12.62 5.94
C LEU B 4 -1.76 13.78 6.95
N THR B 5 -1.22 13.74 8.15
CA THR B 5 -1.28 14.91 9.08
C THR B 5 0.14 15.44 9.24
N ALA B 6 0.29 16.73 9.51
CA ALA B 6 1.63 17.29 9.62
C ALA B 6 1.60 18.50 10.56
N GLY B 7 2.77 18.79 11.12
CA GLY B 7 2.79 19.93 12.04
C GLY B 7 3.44 19.58 13.37
N GLU B 8 4.05 20.60 13.97
CA GLU B 8 4.66 20.44 15.29
C GLU B 8 3.85 21.19 16.32
N SER B 9 3.87 20.74 17.56
CA SER B 9 3.09 21.34 18.60
C SER B 9 3.31 22.86 18.70
N HIS B 10 4.56 23.27 18.64
CA HIS B 10 4.89 24.69 18.75
C HIS B 10 5.37 25.28 17.44
N GLY B 11 5.08 24.65 16.31
CA GLY B 11 5.39 25.21 14.99
C GLY B 11 4.25 26.16 14.61
N PRO B 12 4.30 26.73 13.41
CA PRO B 12 3.32 27.74 13.02
C PRO B 12 1.91 27.26 12.88
N ARG B 13 1.79 26.00 12.32
CA ARG B 13 0.44 25.51 12.15
C ARG B 13 0.43 24.00 11.87
N LEU B 14 -0.75 23.45 11.99
CA LEU B 14 -0.94 22.03 11.68
C LEU B 14 -1.60 22.00 10.31
N THR B 15 -1.43 20.91 9.57
CA THR B 15 -2.00 20.75 8.23
C THR B 15 -2.39 19.27 8.04
N ALA B 16 -3.45 19.08 7.26
CA ALA B 16 -3.83 17.71 6.91
C ALA B 16 -4.28 17.77 5.42
N ILE B 17 -3.96 16.73 4.69
CA ILE B 17 -4.50 16.53 3.36
C ILE B 17 -5.26 15.20 3.30
N ILE B 18 -6.50 15.26 2.81
CA ILE B 18 -7.23 13.98 2.61
C ILE B 18 -7.36 13.84 1.10
N GLU B 19 -7.04 12.69 0.55
CA GLU B 19 -7.16 12.38 -0.87
C GLU B 19 -8.17 11.25 -1.05
N GLY B 20 -9.16 11.45 -1.92
CA GLY B 20 -10.11 10.37 -2.18
C GLY B 20 -11.50 10.54 -1.63
N ILE B 21 -11.89 11.71 -1.10
CA ILE B 21 -13.29 11.87 -0.61
C ILE B 21 -14.13 12.07 -1.87
N PRO B 22 -15.29 11.47 -1.97
CA PRO B 22 -16.15 11.66 -3.08
C PRO B 22 -16.51 13.15 -3.27
N ALA B 23 -16.73 13.44 -4.54
CA ALA B 23 -17.27 14.70 -4.96
C ALA B 23 -18.73 14.79 -4.50
N GLY B 24 -19.22 16.02 -4.22
CA GLY B 24 -20.58 16.22 -3.89
C GLY B 24 -20.97 16.22 -2.43
N LEU B 25 -20.04 16.03 -1.51
CA LEU B 25 -20.38 16.01 -0.10
C LEU B 25 -20.43 17.42 0.48
N PRO B 26 -21.55 17.83 1.02
CA PRO B 26 -21.67 19.13 1.66
C PRO B 26 -20.66 19.13 2.80
N LEU B 27 -19.90 20.21 2.93
CA LEU B 27 -18.91 20.29 4.00
C LEU B 27 -18.61 21.76 4.32
N THR B 28 -18.66 22.15 5.59
CA THR B 28 -18.31 23.53 5.90
C THR B 28 -17.26 23.54 7.02
N ALA B 29 -16.69 24.70 7.26
CA ALA B 29 -15.74 24.86 8.35
C ALA B 29 -16.42 24.54 9.70
N GLU B 30 -17.68 24.89 9.91
CA GLU B 30 -18.38 24.54 11.13
C GLU B 30 -18.52 23.04 11.32
N ASP B 31 -18.65 22.25 10.26
CA ASP B 31 -18.71 20.79 10.44
C ASP B 31 -17.42 20.34 11.14
N ILE B 32 -16.31 21.00 10.81
CA ILE B 32 -15.05 20.61 11.45
C ILE B 32 -14.91 21.18 12.85
N ASN B 33 -15.14 22.48 12.94
CA ASN B 33 -14.94 23.24 14.18
C ASN B 33 -15.70 22.76 15.40
N GLU B 34 -16.91 22.26 15.19
CA GLU B 34 -17.63 21.66 16.30
C GLU B 34 -16.84 20.54 16.98
N ASP B 35 -16.11 19.73 16.20
CA ASP B 35 -15.35 18.63 16.82
C ASP B 35 -14.02 19.13 17.36
N LEU B 36 -13.43 20.15 16.71
CA LEU B 36 -12.22 20.78 17.23
C LEU B 36 -12.54 21.35 18.61
N ARG B 37 -13.71 21.97 18.75
CA ARG B 37 -14.06 22.50 20.07
C ARG B 37 -14.21 21.40 21.11
N ARG B 38 -14.91 20.32 20.75
CA ARG B 38 -15.06 19.24 21.70
C ARG B 38 -13.70 18.74 22.17
N ARG B 39 -12.78 18.65 21.24
CA ARG B 39 -11.48 18.08 21.55
C ARG B 39 -10.73 18.97 22.54
N GLN B 40 -10.95 20.29 22.57
CA GLN B 40 -10.17 21.13 23.47
C GLN B 40 -10.73 21.07 24.89
N GLY B 41 -11.87 20.44 25.10
CA GLY B 41 -12.56 20.43 26.36
C GLY B 41 -12.27 19.25 27.27
N GLY B 42 -13.03 19.18 28.36
CA GLY B 42 -12.87 18.14 29.37
C GLY B 42 -12.24 18.77 30.61
N TYR B 43 -12.97 18.57 31.71
CA TYR B 43 -12.49 19.06 33.01
C TYR B 43 -11.08 18.51 33.21
N GLY B 44 -10.15 19.33 33.65
CA GLY B 44 -8.77 18.83 33.80
C GLY B 44 -7.84 19.35 32.72
N ARG B 45 -8.33 19.88 31.60
CA ARG B 45 -7.40 20.46 30.63
C ARG B 45 -7.22 21.94 30.96
N GLY B 46 -6.06 22.50 30.74
CA GLY B 46 -5.88 23.95 31.00
C GLY B 46 -4.82 24.44 30.01
N GLY B 47 -3.85 25.19 30.52
CA GLY B 47 -2.69 25.67 29.82
C GLY B 47 -2.93 26.05 28.36
N ARG B 48 -2.34 25.24 27.47
CA ARG B 48 -2.50 25.46 26.04
C ARG B 48 -3.96 25.61 25.64
N MSE B 49 -4.86 24.89 26.29
CA MSE B 49 -6.26 24.88 25.84
C MSE B 49 -6.93 26.24 26.08
O MSE B 49 -8.08 26.46 25.67
CB MSE B 49 -7.06 23.74 26.48
CG MSE B 49 -6.52 22.36 26.16
SE MSE B 49 -6.73 22.17 24.20
CE MSE B 49 -4.84 22.59 23.42
N LYS B 50 -6.20 27.10 26.77
CA LYS B 50 -6.63 28.45 27.07
C LYS B 50 -6.04 29.42 26.03
N ILE B 51 -4.94 29.05 25.43
CA ILE B 51 -4.26 29.86 24.41
C ILE B 51 -4.80 29.57 23.02
N GLU B 52 -5.11 28.32 22.68
CA GLU B 52 -5.61 27.99 21.35
C GLU B 52 -7.12 28.05 21.27
N ASN B 53 -7.62 28.48 20.14
CA ASN B 53 -9.05 28.45 19.81
C ASN B 53 -9.06 27.77 18.43
N ASP B 54 -9.10 26.44 18.43
CA ASP B 54 -8.93 25.72 17.18
C ASP B 54 -10.09 25.87 16.20
N GLN B 55 -9.74 26.43 15.03
CA GLN B 55 -10.69 26.49 13.93
C GLN B 55 -9.98 26.22 12.60
N VAL B 56 -10.75 25.61 11.70
CA VAL B 56 -10.12 25.20 10.45
C VAL B 56 -10.15 26.26 9.38
N VAL B 57 -9.20 26.13 8.48
CA VAL B 57 -9.16 26.83 7.22
C VAL B 57 -9.01 25.80 6.09
N PHE B 58 -9.92 25.82 5.12
CA PHE B 58 -9.86 24.97 3.94
C PHE B 58 -9.06 25.66 2.84
N THR B 59 -8.06 25.07 2.21
CA THR B 59 -7.35 25.70 1.14
C THR B 59 -7.43 24.87 -0.14
N SER B 60 -8.13 23.71 -0.09
CA SER B 60 -8.27 23.03 -1.39
C SER B 60 -9.37 21.96 -1.26
N GLY B 61 -9.88 21.49 -2.38
CA GLY B 61 -10.87 20.47 -2.50
C GLY B 61 -12.29 20.76 -2.07
N VAL B 62 -12.58 21.97 -1.62
CA VAL B 62 -13.93 22.33 -1.15
C VAL B 62 -14.34 23.57 -1.96
N ARG B 63 -15.53 23.55 -2.55
CA ARG B 63 -15.90 24.76 -3.33
C ARG B 63 -17.38 25.08 -3.11
N HIS B 64 -17.73 26.30 -2.78
CA HIS B 64 -19.17 26.60 -2.58
C HIS B 64 -19.91 25.56 -1.77
N GLY B 65 -19.30 25.19 -0.62
CA GLY B 65 -20.03 24.30 0.29
C GLY B 65 -19.86 22.82 0.09
N LYS B 66 -19.36 22.30 -1.01
CA LYS B 66 -19.23 20.87 -1.24
C LYS B 66 -17.81 20.45 -1.65
N THR B 67 -17.53 19.17 -1.41
CA THR B 67 -16.27 18.61 -1.91
C THR B 67 -16.33 18.45 -3.44
N THR B 68 -15.20 18.48 -4.10
CA THR B 68 -15.08 18.33 -5.54
C THR B 68 -14.44 16.98 -5.90
N GLY B 69 -13.91 16.25 -4.90
CA GLY B 69 -13.30 14.96 -5.24
C GLY B 69 -11.79 15.13 -5.30
N ALA B 70 -11.31 16.39 -5.34
CA ALA B 70 -9.90 16.70 -5.30
C ALA B 70 -9.40 16.65 -3.84
N PRO B 71 -8.10 16.52 -3.62
CA PRO B 71 -7.50 16.52 -2.30
C PRO B 71 -7.92 17.71 -1.45
N ILE B 72 -8.30 17.40 -0.20
CA ILE B 72 -8.83 18.44 0.68
C ILE B 72 -7.71 18.80 1.69
N THR B 73 -7.38 20.09 1.77
CA THR B 73 -6.36 20.57 2.69
C THR B 73 -7.04 21.41 3.80
N MSE B 74 -6.70 21.12 5.05
CA MSE B 74 -7.15 21.84 6.22
C MSE B 74 -5.98 22.33 7.05
O MSE B 74 -4.98 21.59 7.23
CB MSE B 74 -7.96 20.82 7.11
CG MSE B 74 -9.24 20.51 6.28
SE MSE B 74 -10.38 19.26 7.43
CE MSE B 74 -9.01 17.83 7.46
N ASP B 75 -6.05 23.57 7.51
CA ASP B 75 -5.01 24.12 8.37
C ASP B 75 -5.60 24.41 9.75
N VAL B 76 -4.86 24.25 10.83
CA VAL B 76 -5.24 24.78 12.13
C VAL B 76 -4.01 25.56 12.62
N ILE B 77 -4.15 26.87 12.82
CA ILE B 77 -3.00 27.65 13.29
C ILE B 77 -2.59 27.34 14.73
N ASN B 78 -1.33 27.42 15.06
CA ASN B 78 -0.84 27.36 16.44
C ASN B 78 -0.59 28.80 16.91
N LYS B 79 -1.51 29.35 17.64
CA LYS B 79 -1.39 30.73 18.17
C LYS B 79 -0.17 30.84 19.06
N ASP B 80 0.07 29.78 19.84
CA ASP B 80 1.25 29.78 20.70
C ASP B 80 2.59 29.93 20.00
N HIS B 81 2.68 29.69 18.70
CA HIS B 81 3.91 29.73 17.93
C HIS B 81 4.61 31.08 18.08
N GLN B 82 3.85 32.13 18.36
CA GLN B 82 4.49 33.44 18.51
C GLN B 82 5.48 33.47 19.68
N LYS B 83 5.40 32.51 20.60
CA LYS B 83 6.30 32.44 21.72
C LYS B 83 7.54 31.60 21.37
N TRP B 84 7.53 30.92 20.22
CA TRP B 84 8.61 30.00 19.87
C TRP B 84 9.21 30.37 18.52
N LEU B 85 9.21 31.68 18.19
CA LEU B 85 9.65 32.05 16.85
C LEU B 85 11.06 31.63 16.51
N ASP B 86 11.99 31.79 17.46
CA ASP B 86 13.37 31.36 17.25
C ASP B 86 13.54 29.86 17.51
N ILE B 87 13.17 29.38 18.67
CA ILE B 87 13.25 27.96 18.98
C ILE B 87 12.73 27.09 17.84
N MSE B 88 11.63 27.43 17.19
CA MSE B 88 11.08 26.56 16.15
C MSE B 88 11.20 27.03 14.71
O MSE B 88 10.53 26.53 13.77
CB MSE B 88 9.59 26.34 16.47
CG MSE B 88 9.29 25.94 17.91
SE MSE B 88 10.06 23.82 17.68
CE MSE B 88 8.60 22.92 16.36
N SER B 89 12.16 27.91 14.44
CA SER B 89 12.32 28.44 13.10
C SER B 89 12.75 27.36 12.11
N ALA B 90 12.19 27.43 10.88
CA ALA B 90 12.69 26.48 9.87
C ALA B 90 14.12 26.85 9.49
N GLU B 91 14.48 28.13 9.56
CA GLU B 91 15.83 28.54 9.19
C GLU B 91 16.86 28.40 10.28
N ASP B 92 18.12 28.14 9.93
CA ASP B 92 19.16 27.98 10.93
C ASP B 92 19.37 29.28 11.72
N ILE B 93 19.73 29.18 13.00
CA ILE B 93 19.98 30.33 13.86
C ILE B 93 21.33 30.14 14.55
N GLU B 94 21.81 31.16 15.26
CA GLU B 94 23.09 31.10 15.96
C GLU B 94 23.18 29.91 16.93
N ASP B 95 24.27 29.14 16.87
CA ASP B 95 24.45 27.95 17.67
C ASP B 95 24.08 28.09 19.14
N ARG B 96 24.43 29.18 19.80
CA ARG B 96 24.15 29.28 21.22
C ARG B 96 22.66 29.38 21.54
N LEU B 97 21.85 29.95 20.66
CA LEU B 97 20.44 30.11 20.92
C LEU B 97 19.70 28.76 20.89
N LYS B 98 20.36 27.75 20.34
CA LYS B 98 19.73 26.43 20.23
C LYS B 98 19.57 25.74 21.57
N SER B 99 20.22 26.20 22.63
CA SER B 99 20.07 25.61 23.94
C SER B 99 18.71 25.98 24.53
N LYS B 100 18.05 26.96 23.91
CA LYS B 100 16.74 27.37 24.43
C LYS B 100 15.69 26.25 24.38
N ARG B 101 15.12 25.93 25.52
CA ARG B 101 14.13 24.88 25.70
C ARG B 101 14.60 23.51 25.20
N LYS B 102 15.92 23.35 25.19
CA LYS B 102 16.55 22.10 24.79
C LYS B 102 16.26 21.02 25.81
N ILE B 103 15.82 19.86 25.35
CA ILE B 103 15.55 18.75 26.28
C ILE B 103 16.69 17.76 26.29
N THR B 104 17.24 17.50 27.49
CA THR B 104 18.29 16.53 27.64
C THR B 104 17.92 15.55 28.76
N HIS B 105 16.81 15.71 29.46
CA HIS B 105 16.40 14.85 30.56
C HIS B 105 15.04 14.25 30.17
N PRO B 106 15.08 13.15 29.41
CA PRO B 106 13.88 12.54 28.85
C PRO B 106 12.85 12.11 29.86
N ARG B 107 11.58 12.19 29.45
CA ARG B 107 10.50 11.83 30.33
C ARG B 107 10.11 10.35 30.11
N PRO B 108 10.07 9.60 31.18
CA PRO B 108 9.59 8.23 31.20
C PRO B 108 8.20 8.21 30.60
N GLY B 109 7.93 7.24 29.72
CA GLY B 109 6.60 7.14 29.14
C GLY B 109 6.38 7.95 27.87
N HIS B 110 7.19 8.95 27.54
CA HIS B 110 7.01 9.78 26.37
C HIS B 110 7.95 9.30 25.27
N ALA B 111 7.94 9.93 24.09
CA ALA B 111 8.77 9.48 22.98
C ALA B 111 10.16 10.11 23.08
N ASP B 112 10.50 10.89 24.11
CA ASP B 112 11.79 11.57 24.12
C ASP B 112 13.02 10.77 23.79
N LEU B 113 13.46 9.89 24.69
CA LEU B 113 14.78 9.27 24.49
C LEU B 113 14.84 8.38 23.23
N VAL B 114 13.75 7.61 23.06
CA VAL B 114 13.77 6.61 22.01
C VAL B 114 13.84 7.33 20.64
N GLY B 115 12.98 8.34 20.45
CA GLY B 115 13.05 9.18 19.27
C GLY B 115 14.47 9.74 19.11
N GLY B 116 15.13 10.09 20.22
CA GLY B 116 16.50 10.62 20.09
C GLY B 116 17.44 9.55 19.63
N ILE B 117 17.25 8.29 20.06
CA ILE B 117 18.15 7.23 19.56
C ILE B 117 17.83 6.91 18.10
N LYS B 118 16.54 6.79 17.81
CA LYS B 118 16.12 6.46 16.46
C LYS B 118 16.60 7.45 15.41
N TYR B 119 16.33 8.72 15.72
CA TYR B 119 16.63 9.80 14.78
C TYR B 119 17.95 10.51 15.06
N ARG B 120 18.75 10.07 16.02
CA ARG B 120 20.06 10.65 16.31
C ARG B 120 19.94 12.14 16.68
N PHE B 121 19.01 12.42 17.60
CA PHE B 121 18.87 13.82 18.01
C PHE B 121 19.81 14.16 19.17
N ASP B 122 20.22 15.40 19.31
CA ASP B 122 21.00 15.87 20.48
C ASP B 122 20.01 16.64 21.34
N ASP B 123 18.94 17.13 20.69
CA ASP B 123 17.90 17.87 21.41
C ASP B 123 16.59 17.07 21.35
N LEU B 124 16.06 16.59 22.48
CA LEU B 124 14.89 15.74 22.45
C LEU B 124 13.60 16.49 22.23
N ARG B 125 13.62 17.83 22.15
CA ARG B 125 12.38 18.53 21.82
C ARG B 125 12.04 18.11 20.36
N ASN B 126 13.00 17.55 19.65
CA ASN B 126 12.71 17.19 18.23
C ASN B 126 11.87 15.90 18.20
N SER B 127 11.89 15.18 19.31
CA SER B 127 11.03 14.05 19.49
C SER B 127 9.66 14.64 19.94
N LEU B 128 9.74 15.54 20.90
CA LEU B 128 8.52 16.06 21.52
C LEU B 128 7.58 16.72 20.54
N GLU B 129 8.11 17.63 19.70
CA GLU B 129 7.22 18.48 18.91
C GLU B 129 6.29 17.73 17.97
N ARG B 130 6.79 16.61 17.43
CA ARG B 130 5.95 15.79 16.56
C ARG B 130 5.20 14.70 17.31
N SER B 131 5.81 14.14 18.37
CA SER B 131 5.07 13.05 19.04
C SER B 131 3.93 13.58 19.91
N SER B 132 3.97 14.85 20.29
CA SER B 132 2.95 15.48 21.09
C SER B 132 1.55 15.27 20.53
N ALA B 133 0.52 15.26 21.35
CA ALA B 133 -0.86 15.04 20.98
C ALA B 133 -1.51 16.26 20.33
N ARG B 134 -0.73 17.35 20.14
CA ARG B 134 -1.32 18.46 19.40
C ARG B 134 -1.81 17.94 18.03
N GLU B 135 -1.11 16.93 17.54
CA GLU B 135 -1.38 16.30 16.26
C GLU B 135 -2.80 15.71 16.21
N THR B 136 -3.35 15.32 17.35
CA THR B 136 -4.67 14.72 17.35
C THR B 136 -5.72 15.69 16.87
N THR B 137 -5.40 16.99 16.93
CA THR B 137 -6.30 18.03 16.43
C THR B 137 -6.61 17.71 14.94
N MSE B 138 -5.54 17.39 14.19
CA MSE B 138 -5.79 17.17 12.73
C MSE B 138 -6.45 15.78 12.59
O MSE B 138 -7.11 15.54 11.59
CB MSE B 138 -4.46 17.18 11.96
CG MSE B 138 -3.77 18.56 11.98
SE MSE B 138 -5.18 19.96 11.78
CE MSE B 138 -5.55 19.65 9.94
N ARG B 139 -6.19 14.83 13.47
CA ARG B 139 -6.87 13.52 13.28
C ARG B 139 -8.37 13.74 13.53
N VAL B 140 -8.75 14.60 14.46
CA VAL B 140 -10.13 15.01 14.66
C VAL B 140 -10.66 15.81 13.48
N ALA B 141 -9.88 16.70 12.86
CA ALA B 141 -10.35 17.38 11.65
C ALA B 141 -10.66 16.37 10.54
N VAL B 142 -9.78 15.37 10.36
CA VAL B 142 -10.10 14.33 9.33
C VAL B 142 -11.32 13.54 9.68
N GLY B 143 -11.46 13.16 10.97
CA GLY B 143 -12.61 12.40 11.41
C GLY B 143 -13.93 13.15 11.17
N ALA B 144 -13.85 14.49 11.29
CA ALA B 144 -15.05 15.27 11.08
C ALA B 144 -15.50 15.20 9.63
N VAL B 145 -14.55 15.08 8.70
CA VAL B 145 -14.94 14.91 7.30
C VAL B 145 -15.54 13.51 7.14
N ALA B 146 -14.88 12.56 7.75
CA ALA B 146 -15.37 11.16 7.70
C ALA B 146 -16.78 11.06 8.27
N LYS B 147 -17.03 11.76 9.38
CA LYS B 147 -18.32 11.74 10.04
C LYS B 147 -19.41 12.36 9.19
N ARG B 148 -19.05 13.32 8.31
CA ARG B 148 -20.07 13.91 7.42
C ARG B 148 -20.54 12.86 6.44
N LEU B 149 -19.58 12.05 5.95
CA LEU B 149 -19.94 10.94 5.08
C LEU B 149 -20.84 9.95 5.79
N LEU B 150 -20.48 9.63 7.04
CA LEU B 150 -21.31 8.68 7.82
C LEU B 150 -22.73 9.20 8.04
N ALA B 151 -22.84 10.50 8.25
CA ALA B 151 -24.17 11.11 8.43
C ALA B 151 -24.97 11.07 7.12
N GLU B 152 -24.37 11.27 5.95
CA GLU B 152 -25.17 11.22 4.70
C GLU B 152 -25.68 9.81 4.46
N LEU B 153 -25.05 8.81 5.10
CA LEU B 153 -25.40 7.42 4.99
C LEU B 153 -26.20 6.94 6.22
N ASP B 154 -26.77 7.84 6.96
CA ASP B 154 -27.60 7.58 8.12
C ASP B 154 -26.95 6.71 9.21
N MSE B 155 -25.70 6.98 9.55
CA MSE B 155 -24.99 6.33 10.61
C MSE B 155 -24.78 7.34 11.73
O MSE B 155 -24.88 8.53 11.43
CB MSE B 155 -23.68 5.74 10.11
CG MSE B 155 -24.12 4.59 9.16
SE MSE B 155 -22.32 4.07 8.31
CE MSE B 155 -21.33 3.61 9.72
N GLU B 156 -24.58 6.87 12.94
CA GLU B 156 -24.43 7.75 14.08
C GLU B 156 -23.25 7.24 14.91
N ILE B 157 -22.61 8.19 15.59
CA ILE B 157 -21.47 7.75 16.40
C ILE B 157 -21.45 8.61 17.66
N ALA B 158 -20.94 8.04 18.72
CA ALA B 158 -20.82 8.70 20.01
C ALA B 158 -19.63 8.12 20.76
N ASN B 159 -19.11 8.82 21.75
CA ASN B 159 -18.08 8.24 22.60
C ASN B 159 -18.43 8.64 24.06
N HIS B 160 -17.90 7.91 25.03
CA HIS B 160 -18.10 8.24 26.44
C HIS B 160 -16.98 7.64 27.28
N VAL B 161 -16.78 8.25 28.45
CA VAL B 161 -15.82 7.70 29.41
C VAL B 161 -16.54 6.61 30.23
N VAL B 162 -15.87 5.45 30.33
CA VAL B 162 -16.49 4.39 31.10
C VAL B 162 -15.67 4.08 32.35
N VAL B 163 -14.40 4.37 32.36
CA VAL B 163 -13.51 4.31 33.48
C VAL B 163 -12.74 5.65 33.47
N PHE B 164 -12.68 6.31 34.62
CA PHE B 164 -11.95 7.56 34.71
C PHE B 164 -10.98 7.36 35.88
N GLY B 165 -9.71 7.09 35.59
CA GLY B 165 -8.67 6.80 36.53
C GLY B 165 -9.02 5.74 37.56
N GLY B 166 -9.66 4.67 37.12
CA GLY B 166 -10.01 3.60 38.04
C GLY B 166 -11.47 3.72 38.51
N LYS B 167 -12.10 4.87 38.35
CA LYS B 167 -13.50 4.96 38.77
C LYS B 167 -14.41 4.49 37.66
N GLU B 168 -15.05 3.33 37.80
CA GLU B 168 -15.91 2.78 36.78
C GLU B 168 -17.30 3.38 36.75
N ILE B 169 -17.79 3.67 35.55
CA ILE B 169 -19.13 4.25 35.42
C ILE B 169 -20.20 3.17 35.32
N ASP B 170 -21.26 3.33 36.13
CA ASP B 170 -22.38 2.38 36.01
C ASP B 170 -23.26 2.86 34.87
N VAL B 171 -23.07 2.26 33.68
CA VAL B 171 -23.75 2.68 32.46
C VAL B 171 -25.08 1.96 32.34
N PRO B 172 -26.14 2.73 32.24
CA PRO B 172 -27.47 2.13 32.12
C PRO B 172 -27.50 1.19 30.91
N GLU B 173 -28.32 0.15 30.94
CA GLU B 173 -28.42 -0.77 29.81
C GLU B 173 -29.14 -0.17 28.60
N ASN B 174 -28.80 -0.71 27.44
CA ASN B 174 -29.54 -0.44 26.22
C ASN B 174 -29.75 1.01 25.84
N LEU B 175 -28.73 1.85 26.00
CA LEU B 175 -28.83 3.23 25.57
C LEU B 175 -28.64 3.23 24.05
N THR B 176 -29.25 4.15 23.34
CA THR B 176 -28.91 4.32 21.93
C THR B 176 -27.64 5.15 21.76
N VAL B 177 -27.12 5.17 20.53
CA VAL B 177 -25.94 6.01 20.26
C VAL B 177 -26.23 7.46 20.57
N ALA B 178 -27.40 7.93 20.13
CA ALA B 178 -27.78 9.32 20.29
C ALA B 178 -27.96 9.71 21.75
N GLU B 179 -28.44 8.73 22.51
CA GLU B 179 -28.61 8.93 23.96
C GLU B 179 -27.24 9.06 24.58
N ILE B 180 -26.34 8.17 24.16
CA ILE B 180 -24.96 8.28 24.67
C ILE B 180 -24.39 9.66 24.35
N LYS B 181 -24.55 10.11 23.10
CA LYS B 181 -23.96 11.41 22.73
C LYS B 181 -24.50 12.56 23.54
N GLN B 182 -25.83 12.60 23.58
CA GLN B 182 -26.49 13.65 24.37
C GLN B 182 -26.12 13.59 25.85
N ARG B 183 -26.19 12.43 26.51
CA ARG B 183 -25.91 12.43 27.95
C ARG B 183 -24.44 12.74 28.22
N ALA B 184 -23.52 12.15 27.41
CA ALA B 184 -22.10 12.48 27.67
C ALA B 184 -21.82 13.97 27.51
N ALA B 185 -22.47 14.65 26.56
CA ALA B 185 -22.23 16.07 26.34
C ALA B 185 -22.73 16.94 27.47
N GLN B 186 -23.54 16.42 28.40
CA GLN B 186 -24.02 17.27 29.49
C GLN B 186 -23.11 17.13 30.69
N SER B 187 -22.08 16.31 30.56
CA SER B 187 -21.16 16.06 31.64
C SER B 187 -19.82 16.74 31.34
N GLU B 188 -19.09 17.21 32.34
CA GLU B 188 -17.81 17.84 32.05
C GLU B 188 -16.71 16.78 31.88
N VAL B 189 -17.01 15.51 32.18
CA VAL B 189 -16.06 14.45 32.01
C VAL B 189 -16.57 13.34 31.12
N SER B 190 -17.53 13.68 30.25
CA SER B 190 -18.04 12.78 29.26
C SER B 190 -18.59 11.45 29.76
N ILE B 191 -19.19 11.48 30.96
CA ILE B 191 -19.77 10.24 31.51
C ILE B 191 -21.28 10.34 31.31
N VAL B 192 -21.94 9.22 31.00
CA VAL B 192 -23.38 9.34 30.74
C VAL B 192 -24.26 9.30 32.00
N ASN B 193 -23.70 8.90 33.10
CA ASN B 193 -24.41 8.81 34.40
C ASN B 193 -23.58 9.69 35.33
N GLN B 194 -24.13 10.81 35.80
CA GLN B 194 -23.38 11.72 36.63
C GLN B 194 -23.32 11.47 38.14
N GLU B 195 -23.71 10.31 38.61
CA GLU B 195 -23.58 10.02 40.05
C GLU B 195 -22.14 10.25 40.52
N ARG B 196 -21.10 9.88 39.78
CA ARG B 196 -19.74 10.11 40.29
C ARG B 196 -19.09 11.35 39.67
N GLU B 197 -19.80 12.25 39.02
CA GLU B 197 -19.13 13.39 38.38
C GLU B 197 -18.31 14.23 39.34
N GLN B 198 -18.96 14.58 40.49
CA GLN B 198 -18.23 15.46 41.43
C GLN B 198 -17.03 14.75 42.01
N GLU B 199 -17.19 13.45 42.24
CA GLU B 199 -16.15 12.60 42.77
C GLU B 199 -14.97 12.54 41.78
N ILE B 200 -15.27 12.47 40.48
CA ILE B 200 -14.22 12.42 39.45
C ILE B 200 -13.56 13.80 39.35
N LYS B 201 -14.35 14.88 39.42
CA LYS B 201 -13.69 16.20 39.35
C LYS B 201 -12.74 16.45 40.54
N ASP B 202 -13.22 16.10 41.74
CA ASP B 202 -12.43 16.20 42.96
C ASP B 202 -11.15 15.39 42.91
N TYR B 203 -11.25 14.21 42.31
CA TYR B 203 -10.09 13.33 42.15
C TYR B 203 -9.08 13.94 41.19
N ILE B 204 -9.54 14.43 40.06
CA ILE B 204 -8.67 15.14 39.10
C ILE B 204 -7.94 16.30 39.79
N ASP B 205 -8.66 17.06 40.62
CA ASP B 205 -8.01 18.19 41.32
C ASP B 205 -6.92 17.66 42.23
N GLN B 206 -7.23 16.52 42.84
CA GLN B 206 -6.26 15.93 43.76
C GLN B 206 -5.00 15.51 43.02
N ILE B 207 -5.17 14.82 41.90
CA ILE B 207 -4.05 14.33 41.09
C ILE B 207 -3.19 15.51 40.70
N LYS B 208 -3.88 16.59 40.32
CA LYS B 208 -3.15 17.79 39.93
C LYS B 208 -2.30 18.34 41.05
N ARG B 209 -2.95 18.60 42.18
CA ARG B 209 -2.17 19.20 43.31
C ARG B 209 -1.04 18.25 43.65
N ASP B 210 -1.16 16.95 43.51
CA ASP B 210 -0.07 16.01 43.80
C ASP B 210 0.95 15.87 42.68
N GLY B 211 0.77 16.56 41.58
CA GLY B 211 1.76 16.57 40.48
C GLY B 211 1.80 15.21 39.78
N ASP B 212 0.66 14.52 39.75
CA ASP B 212 0.51 13.21 39.16
C ASP B 212 -0.43 13.31 37.95
N THR B 213 -0.87 12.18 37.40
CA THR B 213 -1.81 12.22 36.25
C THR B 213 -2.65 10.92 36.27
N ILE B 214 -3.70 10.87 35.50
CA ILE B 214 -4.52 9.69 35.34
C ILE B 214 -4.98 9.58 33.88
N GLY B 215 -5.38 8.40 33.47
CA GLY B 215 -5.96 8.11 32.17
C GLY B 215 -7.30 7.44 32.43
N GLY B 216 -7.67 6.40 31.70
CA GLY B 216 -8.94 5.72 31.83
C GLY B 216 -9.30 4.97 30.54
N VAL B 217 -10.59 4.68 30.38
CA VAL B 217 -11.11 3.86 29.34
C VAL B 217 -12.27 4.62 28.67
N VAL B 218 -12.21 4.69 27.36
CA VAL B 218 -13.28 5.34 26.63
C VAL B 218 -13.96 4.37 25.69
N GLU B 219 -15.24 4.63 25.40
CA GLU B 219 -15.94 3.68 24.54
C GLU B 219 -16.55 4.45 23.38
N THR B 220 -16.32 3.97 22.15
CA THR B 220 -16.98 4.57 20.98
C THR B 220 -18.11 3.64 20.51
N VAL B 221 -19.28 4.17 20.19
CA VAL B 221 -20.34 3.29 19.69
C VAL B 221 -20.81 3.82 18.35
N VAL B 222 -21.00 2.94 17.37
CA VAL B 222 -21.45 3.34 16.04
C VAL B 222 -22.75 2.61 15.73
N GLY B 223 -23.77 3.40 15.31
CA GLY B 223 -25.05 2.78 14.96
C GLY B 223 -25.38 2.92 13.48
N GLY B 224 -26.33 2.13 13.02
CA GLY B 224 -26.87 2.09 11.68
C GLY B 224 -25.88 1.53 10.66
N VAL B 225 -24.91 0.70 11.11
CA VAL B 225 -23.88 0.28 10.15
C VAL B 225 -24.33 -0.74 9.12
N PRO B 226 -23.93 -0.59 7.86
CA PRO B 226 -24.22 -1.58 6.84
C PRO B 226 -23.57 -2.91 7.21
N VAL B 227 -24.21 -4.00 6.77
CA VAL B 227 -23.81 -5.36 6.99
C VAL B 227 -22.77 -5.81 5.98
N GLY B 228 -21.68 -6.42 6.49
CA GLY B 228 -20.71 -6.95 5.54
C GLY B 228 -19.54 -6.06 5.15
N LEU B 229 -19.30 -5.00 5.91
CA LEU B 229 -18.11 -4.19 5.73
C LEU B 229 -16.93 -4.94 6.39
N GLY B 230 -15.82 -5.09 5.70
CA GLY B 230 -14.74 -5.93 6.21
C GLY B 230 -14.85 -7.28 5.50
N SER B 231 -13.88 -8.16 5.66
CA SER B 231 -13.94 -9.51 5.14
C SER B 231 -13.08 -10.47 5.96
N TYR B 232 -13.46 -11.75 6.03
CA TYR B 232 -12.67 -12.78 6.68
C TYR B 232 -11.69 -13.39 5.68
N VAL B 233 -11.79 -13.14 4.38
CA VAL B 233 -10.99 -13.93 3.41
C VAL B 233 -9.47 -13.69 3.46
N GLN B 234 -8.97 -12.68 4.14
CA GLN B 234 -7.52 -12.48 4.33
C GLN B 234 -7.41 -11.68 5.65
N TRP B 235 -6.33 -11.82 6.43
CA TRP B 235 -6.36 -11.30 7.79
C TRP B 235 -6.40 -9.77 7.79
N ASP B 236 -5.79 -9.20 6.76
CA ASP B 236 -5.68 -7.74 6.76
C ASP B 236 -6.92 -7.05 6.20
N ARG B 237 -7.95 -7.80 5.88
CA ARG B 237 -9.18 -7.18 5.42
C ARG B 237 -10.21 -7.12 6.57
N LYS B 238 -9.83 -7.62 7.73
CA LYS B 238 -10.81 -7.70 8.83
C LYS B 238 -10.96 -6.29 9.39
N LEU B 239 -12.19 -5.83 9.45
CA LEU B 239 -12.41 -4.45 9.88
C LEU B 239 -12.22 -4.24 11.38
N ASP B 240 -12.45 -5.26 12.20
CA ASP B 240 -12.22 -5.03 13.64
C ASP B 240 -10.72 -4.88 13.83
N ALA B 241 -9.93 -5.65 13.12
CA ALA B 241 -8.49 -5.52 13.24
C ALA B 241 -8.04 -4.16 12.68
N ARG B 242 -8.68 -3.73 11.58
CA ARG B 242 -8.28 -2.39 11.09
C ARG B 242 -8.53 -1.33 12.15
N LEU B 243 -9.70 -1.38 12.78
CA LEU B 243 -9.99 -0.39 13.84
C LEU B 243 -8.98 -0.52 14.99
N ALA B 244 -8.61 -1.76 15.29
CA ALA B 244 -7.67 -2.03 16.40
C ALA B 244 -6.39 -1.28 16.21
N GLN B 245 -5.81 -1.29 15.00
CA GLN B 245 -4.63 -0.46 14.74
C GLN B 245 -4.90 1.03 14.96
N ALA B 246 -5.99 1.52 14.40
CA ALA B 246 -6.30 2.95 14.51
C ALA B 246 -6.47 3.37 15.96
N VAL B 247 -7.18 2.59 16.76
CA VAL B 247 -7.33 2.96 18.18
C VAL B 247 -6.03 2.91 18.96
N VAL B 248 -5.24 1.85 18.88
CA VAL B 248 -3.96 1.82 19.64
C VAL B 248 -3.03 2.91 19.13
N SER B 249 -3.13 3.39 17.88
CA SER B 249 -2.23 4.42 17.39
C SER B 249 -2.48 5.78 18.01
N ILE B 250 -3.56 5.94 18.77
CA ILE B 250 -3.81 7.23 19.41
C ILE B 250 -2.81 7.30 20.56
N ASN B 251 -2.19 8.48 20.69
CA ASN B 251 -1.24 8.72 21.75
C ASN B 251 -1.78 8.27 23.12
N ALA B 252 -0.95 7.58 23.88
CA ALA B 252 -1.24 7.12 25.22
C ALA B 252 -2.15 5.89 25.23
N PHE B 253 -2.62 5.43 24.06
CA PHE B 253 -3.50 4.25 24.16
C PHE B 253 -2.68 2.99 24.27
N LYS B 254 -3.09 2.05 25.14
CA LYS B 254 -2.34 0.82 25.34
C LYS B 254 -3.18 -0.40 25.09
N GLY B 255 -4.32 -0.32 24.41
CA GLY B 255 -5.08 -1.55 24.19
C GLY B 255 -6.47 -1.20 23.64
N VAL B 256 -7.15 -2.18 23.07
CA VAL B 256 -8.47 -1.95 22.46
C VAL B 256 -9.24 -3.26 22.58
N GLU B 257 -10.57 -3.26 22.70
CA GLU B 257 -11.34 -4.50 22.81
C GLU B 257 -12.70 -4.21 22.18
N PHE B 258 -13.40 -5.23 21.74
CA PHE B 258 -14.69 -5.10 21.07
C PHE B 258 -15.79 -5.89 21.75
N GLY B 259 -16.99 -5.29 21.86
CA GLY B 259 -18.06 -6.02 22.53
C GLY B 259 -17.63 -6.31 23.99
N LEU B 260 -17.81 -7.53 24.42
CA LEU B 260 -17.37 -7.85 25.80
C LEU B 260 -15.87 -7.66 25.95
N GLY B 261 -15.11 -7.77 24.84
CA GLY B 261 -13.68 -7.50 25.06
C GLY B 261 -12.97 -8.59 25.83
N PHE B 262 -12.04 -8.18 26.68
CA PHE B 262 -11.27 -9.09 27.50
C PHE B 262 -12.19 -9.93 28.39
N GLU B 263 -13.39 -9.54 28.75
CA GLU B 263 -14.34 -10.31 29.53
C GLU B 263 -14.72 -11.60 28.82
N ALA B 264 -14.75 -11.51 27.48
CA ALA B 264 -15.06 -12.71 26.70
C ALA B 264 -14.04 -13.80 27.08
N GLY B 265 -12.85 -13.45 27.59
CA GLY B 265 -11.90 -14.56 27.89
C GLY B 265 -12.20 -15.23 29.24
N TYR B 266 -13.22 -14.73 29.93
CA TYR B 266 -13.60 -15.22 31.25
C TYR B 266 -14.97 -15.92 31.23
N ARG B 267 -15.68 -15.99 30.12
CA ARG B 267 -17.02 -16.54 30.10
C ARG B 267 -17.06 -17.76 29.19
N LYS B 268 -18.20 -18.45 29.21
CA LYS B 268 -18.37 -19.61 28.39
C LYS B 268 -18.98 -19.25 27.05
N GLY B 269 -18.78 -20.12 26.07
CA GLY B 269 -19.36 -19.88 24.77
C GLY B 269 -20.84 -19.48 24.88
N SER B 270 -21.56 -20.19 25.76
CA SER B 270 -23.01 -20.00 25.76
C SER B 270 -23.40 -18.63 26.26
N GLN B 271 -22.49 -18.01 26.99
CA GLN B 271 -22.69 -16.68 27.56
C GLN B 271 -22.19 -15.56 26.67
N VAL B 272 -21.60 -15.91 25.53
CA VAL B 272 -21.02 -14.89 24.66
C VAL B 272 -21.66 -14.79 23.28
N MSE B 273 -21.90 -15.92 22.63
CA MSE B 273 -22.41 -15.91 21.26
C MSE B 273 -23.70 -15.08 21.23
O MSE B 273 -24.42 -15.09 22.24
CB MSE B 273 -22.69 -17.30 20.72
CG MSE B 273 -21.53 -18.18 20.38
SE MSE B 273 -19.79 -17.15 20.05
CE MSE B 273 -18.82 -17.50 21.83
N ASP B 274 -23.92 -14.36 20.15
CA ASP B 274 -25.13 -13.58 19.95
C ASP B 274 -26.06 -14.33 19.00
N GLU B 275 -27.18 -14.81 19.52
CA GLU B 275 -28.14 -15.61 18.82
C GLU B 275 -28.70 -14.89 17.59
N ILE B 276 -28.93 -15.61 16.52
CA ILE B 276 -29.43 -14.95 15.29
C ILE B 276 -30.95 -14.96 15.26
N LEU B 277 -31.57 -13.81 14.98
CA LEU B 277 -33.00 -13.70 14.87
C LEU B 277 -33.43 -13.11 13.52
N TRP B 278 -34.68 -13.39 13.16
CA TRP B 278 -35.21 -12.89 11.90
C TRP B 278 -36.72 -12.54 12.05
N SER B 279 -37.11 -11.41 11.45
CA SER B 279 -38.51 -11.04 11.40
C SER B 279 -38.77 -10.35 10.04
N LYS B 280 -40.01 -10.49 9.55
CA LYS B 280 -40.36 -9.82 8.30
C LYS B 280 -40.17 -8.32 8.44
N GLU B 281 -40.27 -7.82 9.66
CA GLU B 281 -40.12 -6.39 9.89
C GLU B 281 -38.67 -5.94 9.92
N ASP B 282 -37.78 -6.64 10.61
CA ASP B 282 -36.40 -6.16 10.72
C ASP B 282 -35.34 -6.91 9.93
N GLY B 283 -35.75 -8.00 9.32
CA GLY B 283 -34.80 -8.82 8.53
C GLY B 283 -33.97 -9.55 9.56
N TYR B 284 -32.69 -9.77 9.31
CA TYR B 284 -31.89 -10.52 10.31
C TYR B 284 -31.40 -9.61 11.42
N THR B 285 -31.38 -10.03 12.68
CA THR B 285 -30.81 -9.18 13.73
C THR B 285 -30.11 -10.14 14.70
N ARG B 286 -29.68 -9.70 15.85
CA ARG B 286 -29.01 -10.51 16.85
C ARG B 286 -29.74 -10.26 18.19
N ARG B 287 -29.90 -11.26 19.04
CA ARG B 287 -30.61 -11.05 20.30
C ARG B 287 -29.79 -10.17 21.24
N THR B 288 -28.47 -10.37 21.25
CA THR B 288 -27.59 -9.60 22.12
C THR B 288 -26.42 -9.02 21.32
N ASN B 289 -25.58 -8.17 21.92
CA ASN B 289 -24.45 -7.65 21.15
C ASN B 289 -23.12 -7.88 21.88
N ASN B 290 -22.90 -9.02 22.52
CA ASN B 290 -21.68 -9.38 23.18
C ASN B 290 -20.46 -9.27 22.26
N LEU B 291 -20.62 -9.44 20.98
CA LEU B 291 -19.58 -9.45 19.97
C LEU B 291 -19.23 -8.06 19.43
N GLY B 292 -20.04 -7.09 19.82
CA GLY B 292 -19.69 -5.68 19.54
C GLY B 292 -19.79 -5.33 18.06
N GLY B 293 -20.72 -5.96 17.37
CA GLY B 293 -20.98 -5.70 16.00
C GLY B 293 -20.14 -6.43 14.98
N PHE B 294 -19.24 -7.33 15.36
CA PHE B 294 -18.44 -8.02 14.37
C PHE B 294 -18.56 -9.55 14.42
N GLU B 295 -18.53 -10.16 13.26
CA GLU B 295 -18.52 -11.63 13.11
C GLU B 295 -17.63 -11.92 11.91
N GLY B 296 -16.51 -12.62 12.10
CA GLY B 296 -15.58 -12.94 11.06
C GLY B 296 -14.86 -11.66 10.57
N GLY B 297 -14.71 -10.65 11.37
CA GLY B 297 -14.01 -9.44 10.88
C GLY B 297 -14.95 -8.59 10.02
N MSE B 298 -16.26 -8.79 10.04
CA MSE B 298 -17.25 -8.12 9.27
C MSE B 298 -18.38 -7.52 10.11
O MSE B 298 -18.74 -8.11 11.14
CB MSE B 298 -18.00 -9.08 8.27
CG MSE B 298 -16.99 -9.63 7.24
SE MSE B 298 -17.81 -10.94 6.15
CE MSE B 298 -18.35 -12.28 7.71
N THR B 299 -18.93 -6.38 9.69
CA THR B 299 -20.00 -5.79 10.50
C THR B 299 -21.24 -6.71 10.42
N ASN B 300 -21.94 -6.93 11.54
CA ASN B 300 -23.10 -7.79 11.40
C ASN B 300 -24.41 -6.96 11.45
N GLY B 301 -24.27 -5.65 11.55
CA GLY B 301 -25.46 -4.80 11.63
C GLY B 301 -25.81 -4.37 13.04
N GLN B 302 -25.25 -4.94 14.10
CA GLN B 302 -25.48 -4.43 15.43
C GLN B 302 -24.57 -3.21 15.65
N PRO B 303 -24.79 -2.45 16.69
CA PRO B 303 -23.90 -1.35 16.99
C PRO B 303 -22.45 -1.87 17.11
N ILE B 304 -21.53 -1.11 16.52
CA ILE B 304 -20.10 -1.35 16.71
C ILE B 304 -19.82 -0.77 18.12
N VAL B 305 -19.27 -1.62 18.98
CA VAL B 305 -18.89 -1.22 20.31
C VAL B 305 -17.42 -1.52 20.54
N VAL B 306 -16.64 -0.46 20.71
CA VAL B 306 -15.21 -0.57 20.90
C VAL B 306 -14.71 0.37 22.00
N ARG B 307 -13.81 -0.12 22.83
CA ARG B 307 -13.23 0.52 23.99
C ARG B 307 -11.69 0.56 23.83
N GLY B 308 -11.13 1.68 24.25
CA GLY B 308 -9.65 1.84 24.19
C GLY B 308 -9.22 2.32 25.57
N VAL B 309 -8.08 1.81 26.06
CA VAL B 309 -7.55 2.31 27.31
C VAL B 309 -6.46 3.34 27.06
N MSE B 310 -6.65 4.52 27.70
CA MSE B 310 -5.62 5.56 27.61
C MSE B 310 -4.81 5.50 28.91
O MSE B 310 -5.35 5.59 30.02
CB MSE B 310 -6.24 6.96 27.50
CG MSE B 310 -5.12 8.00 27.42
SE MSE B 310 -6.02 9.63 27.74
CE MSE B 310 -4.50 10.99 27.21
N LYS B 311 -3.50 5.30 28.81
CA LYS B 311 -2.65 5.31 30.01
C LYS B 311 -2.59 6.76 30.49
N PRO B 312 -2.15 7.03 31.70
CA PRO B 312 -1.99 8.36 32.25
C PRO B 312 -0.99 9.18 31.46
N ILE B 313 -1.19 10.48 31.46
CA ILE B 313 -0.22 11.39 30.81
C ILE B 313 1.16 11.15 31.40
N PRO B 314 2.20 11.03 30.59
CA PRO B 314 3.53 10.76 31.06
C PRO B 314 4.15 11.94 31.81
N THR B 315 3.83 13.16 31.40
CA THR B 315 4.50 14.30 32.03
C THR B 315 3.87 14.61 33.39
N LEU B 316 4.59 14.34 34.44
CA LEU B 316 4.16 14.53 35.82
C LEU B 316 4.84 15.82 36.31
N TYR B 317 4.12 16.61 37.08
CA TYR B 317 4.70 17.85 37.59
C TYR B 317 5.64 17.54 38.75
N LYS B 318 5.57 16.36 39.32
CA LYS B 318 6.52 15.86 40.31
C LYS B 318 7.23 14.79 39.46
N PRO B 319 8.24 15.17 38.70
CA PRO B 319 8.89 14.27 37.76
C PRO B 319 9.50 13.00 38.29
N LEU B 320 9.51 11.95 37.45
CA LEU B 320 10.11 10.68 37.84
C LEU B 320 11.59 10.72 37.54
N MSE B 321 12.27 9.62 37.80
CA MSE B 321 13.70 9.56 37.55
C MSE B 321 14.06 9.27 36.10
O MSE B 321 13.46 8.44 35.41
CB MSE B 321 14.24 8.52 38.54
CG MSE B 321 15.66 8.12 38.35
SE MSE B 321 16.54 10.16 39.25
CE MSE B 321 15.12 10.97 40.14
N SER B 322 15.15 9.90 35.67
CA SER B 322 15.64 9.75 34.30
C SER B 322 17.16 9.92 34.28
N VAL B 323 17.70 10.28 33.13
CA VAL B 323 19.14 10.40 32.91
C VAL B 323 19.41 11.63 32.04
N ASP B 324 20.46 12.35 32.32
CA ASP B 324 20.94 13.48 31.51
C ASP B 324 21.66 12.93 30.28
N ILE B 325 21.09 13.07 29.10
CA ILE B 325 21.71 12.43 27.92
C ILE B 325 23.07 13.01 27.56
N GLU B 326 23.44 14.10 28.22
CA GLU B 326 24.74 14.72 27.99
C GLU B 326 25.81 14.19 28.93
N THR B 327 25.46 13.86 30.16
CA THR B 327 26.48 13.46 31.12
C THR B 327 26.28 12.02 31.58
N HIS B 328 25.15 11.42 31.25
CA HIS B 328 24.82 10.07 31.70
C HIS B 328 24.60 10.01 33.22
N GLU B 329 24.40 11.15 33.88
CA GLU B 329 24.05 11.11 35.30
C GLU B 329 22.55 11.03 35.52
N PRO B 330 22.14 10.50 36.67
CA PRO B 330 20.74 10.40 37.00
C PRO B 330 20.23 11.83 37.23
N TYR B 331 19.00 12.05 36.82
CA TYR B 331 18.40 13.37 36.93
C TYR B 331 16.88 13.22 36.80
N LYS B 332 16.14 14.17 37.32
CA LYS B 332 14.69 14.10 37.24
C LYS B 332 14.28 14.46 35.81
N ALA B 333 13.26 13.78 35.30
CA ALA B 333 12.76 14.10 33.97
C ALA B 333 12.42 15.59 33.89
N THR B 334 12.47 16.10 32.65
CA THR B 334 12.09 17.48 32.41
C THR B 334 10.60 17.62 32.71
N VAL B 335 10.14 18.82 33.12
CA VAL B 335 8.72 18.97 33.36
C VAL B 335 8.21 19.90 32.24
N GLU B 336 7.44 19.42 31.26
CA GLU B 336 6.92 20.35 30.24
C GLU B 336 5.49 20.75 30.59
N ARG B 337 4.87 21.67 29.86
CA ARG B 337 3.48 22.04 30.11
C ARG B 337 2.56 20.88 29.76
N SER B 338 1.70 20.47 30.70
CA SER B 338 0.83 19.32 30.56
C SER B 338 -0.36 19.39 31.50
N ASP B 339 -1.39 18.59 31.23
CA ASP B 339 -2.54 18.52 32.13
C ASP B 339 -2.42 17.31 33.06
N PRO B 340 -3.26 17.22 34.08
CA PRO B 340 -3.33 16.08 34.97
C PRO B 340 -4.04 14.95 34.22
N THR B 341 -4.90 15.30 33.26
CA THR B 341 -5.56 14.24 32.46
C THR B 341 -6.16 14.83 31.20
N ALA B 342 -6.31 13.98 30.16
CA ALA B 342 -7.03 14.57 29.00
C ALA B 342 -7.97 13.51 28.46
N LEU B 343 -8.53 12.67 29.31
CA LEU B 343 -9.34 11.53 28.89
C LEU B 343 -10.53 11.90 28.05
N PRO B 344 -11.38 12.85 28.46
CA PRO B 344 -12.51 13.23 27.65
C PRO B 344 -12.04 13.67 26.26
N ALA B 345 -10.94 14.43 26.14
CA ALA B 345 -10.45 14.79 24.80
C ALA B 345 -10.09 13.52 24.03
N ALA B 346 -9.37 12.62 24.73
CA ALA B 346 -8.97 11.37 24.10
C ALA B 346 -10.17 10.60 23.58
N GLY B 347 -11.32 10.73 24.21
CA GLY B 347 -12.55 10.12 23.73
C GLY B 347 -13.00 10.66 22.36
N MSE B 348 -12.91 11.97 22.24
CA MSE B 348 -13.23 12.66 20.99
C MSE B 348 -12.20 12.21 19.93
O MSE B 348 -12.58 11.94 18.83
CB MSE B 348 -13.07 14.17 21.19
CG MSE B 348 -13.29 15.00 19.92
SE MSE B 348 -15.19 14.82 19.27
CE MSE B 348 -14.83 13.69 17.50
N VAL B 349 -10.90 12.12 20.24
CA VAL B 349 -9.96 11.60 19.24
C VAL B 349 -10.34 10.19 18.79
N MSE B 350 -10.74 9.38 19.76
CA MSE B 350 -11.12 7.99 19.41
C MSE B 350 -12.39 7.94 18.56
O MSE B 350 -12.46 7.13 17.65
CB MSE B 350 -11.32 7.16 20.70
CG MSE B 350 -11.47 5.69 20.35
SE MSE B 350 -12.18 4.65 21.95
CE MSE B 350 -12.21 2.76 21.05
N GLU B 351 -13.38 8.79 18.82
CA GLU B 351 -14.57 8.85 17.98
C GLU B 351 -14.19 9.18 16.52
N ALA B 352 -13.28 10.16 16.40
CA ALA B 352 -12.84 10.59 15.08
C ALA B 352 -12.10 9.52 14.30
N VAL B 353 -11.24 8.75 14.95
CA VAL B 353 -10.38 7.79 14.30
C VAL B 353 -11.26 6.61 13.88
N VAL B 354 -12.11 6.17 14.78
CA VAL B 354 -13.10 5.13 14.43
C VAL B 354 -13.93 5.58 13.23
N ALA B 355 -14.53 6.77 13.28
CA ALA B 355 -15.30 7.21 12.10
C ALA B 355 -14.47 7.25 10.82
N THR B 356 -13.22 7.64 10.90
CA THR B 356 -12.31 7.65 9.76
C THR B 356 -12.19 6.27 9.14
N VAL B 357 -11.82 5.28 9.96
CA VAL B 357 -11.60 3.91 9.49
C VAL B 357 -12.85 3.36 8.82
N LEU B 358 -13.96 3.63 9.47
CA LEU B 358 -15.26 3.22 8.89
C LEU B 358 -15.55 3.93 7.58
N ALA B 359 -15.32 5.24 7.50
CA ALA B 359 -15.55 5.88 6.18
C ALA B 359 -14.61 5.18 5.18
N GLN B 360 -13.33 4.96 5.55
CA GLN B 360 -12.44 4.35 4.56
C GLN B 360 -12.96 2.99 4.08
N GLU B 361 -13.49 2.19 5.01
CA GLU B 361 -14.00 0.87 4.66
C GLU B 361 -15.22 1.02 3.74
N ILE B 362 -16.09 1.97 4.08
CA ILE B 362 -17.24 2.18 3.18
C ILE B 362 -16.83 2.59 1.77
N LEU B 363 -15.88 3.53 1.64
CA LEU B 363 -15.44 3.99 0.33
C LEU B 363 -14.76 2.86 -0.43
N GLU B 364 -14.17 1.92 0.31
CA GLU B 364 -13.58 0.79 -0.41
C GLU B 364 -14.65 -0.17 -0.88
N LYS B 365 -15.68 -0.40 -0.11
CA LYS B 365 -16.70 -1.44 -0.43
C LYS B 365 -17.60 -1.00 -1.54
N PHE B 366 -17.98 0.28 -1.56
CA PHE B 366 -18.97 0.76 -2.51
C PHE B 366 -18.43 1.78 -3.52
N SER B 367 -19.05 1.77 -4.69
CA SER B 367 -18.82 2.73 -5.76
C SER B 367 -18.87 4.08 -5.06
N SER B 368 -17.82 4.87 -5.14
CA SER B 368 -17.83 6.10 -4.38
C SER B 368 -16.96 7.20 -4.92
N ASP B 369 -16.91 7.40 -6.25
CA ASP B 369 -16.21 8.56 -6.85
C ASP B 369 -17.01 9.81 -6.53
N ASN B 370 -18.32 9.64 -6.35
CA ASN B 370 -19.17 10.81 -6.02
C ASN B 370 -20.21 10.40 -5.01
N LEU B 371 -20.80 11.32 -4.31
CA LEU B 371 -21.75 11.07 -3.26
C LEU B 371 -23.06 10.45 -3.75
N GLU B 372 -23.52 10.82 -4.92
CA GLU B 372 -24.79 10.32 -5.42
C GLU B 372 -24.74 8.81 -5.64
N GLU B 373 -23.66 8.38 -6.32
CA GLU B 373 -23.49 6.95 -6.58
C GLU B 373 -23.25 6.15 -5.30
N LEU B 374 -22.55 6.78 -4.37
CA LEU B 374 -22.28 6.14 -3.07
C LEU B 374 -23.61 5.93 -2.34
N LYS B 375 -24.41 6.99 -2.26
CA LYS B 375 -25.74 6.82 -1.59
C LYS B 375 -26.58 5.79 -2.31
N GLU B 376 -26.61 5.75 -3.65
CA GLU B 376 -27.42 4.74 -4.31
C GLU B 376 -26.93 3.32 -4.03
N ALA B 377 -25.61 3.12 -4.04
CA ALA B 377 -25.08 1.79 -3.76
C ALA B 377 -25.42 1.35 -2.33
N VAL B 378 -25.20 2.19 -1.35
CA VAL B 378 -25.48 1.82 0.06
C VAL B 378 -26.97 1.51 0.21
N ALA B 379 -27.87 2.32 -0.38
CA ALA B 379 -29.33 2.03 -0.28
C ALA B 379 -29.66 0.66 -0.85
N LYS B 380 -29.03 0.37 -2.00
CA LYS B 380 -29.25 -0.88 -2.68
C LYS B 380 -28.75 -2.05 -1.84
N HIS B 381 -27.60 -1.85 -1.20
CA HIS B 381 -27.02 -2.90 -0.36
C HIS B 381 -27.90 -3.17 0.84
N ARG B 382 -28.42 -2.09 1.42
CA ARG B 382 -29.32 -2.18 2.58
C ARG B 382 -30.60 -2.90 2.13
N ASP B 383 -31.07 -2.61 0.94
CA ASP B 383 -32.24 -3.31 0.41
C ASP B 383 -31.95 -4.82 0.27
N TYR B 384 -30.75 -5.15 -0.23
CA TYR B 384 -30.45 -6.59 -0.40
C TYR B 384 -30.32 -7.28 0.95
N THR B 385 -29.64 -6.64 1.87
CA THR B 385 -29.49 -7.13 3.23
C THR B 385 -30.84 -7.41 3.89
N LYS B 386 -31.74 -6.44 3.89
CA LYS B 386 -33.03 -6.59 4.55
C LYS B 386 -33.83 -7.75 3.99
N ASN B 387 -33.71 -7.96 2.68
CA ASN B 387 -34.55 -8.95 2.02
C ASN B 387 -33.85 -10.28 1.79
N TYR B 388 -32.63 -10.43 2.36
CA TYR B 388 -31.96 -11.72 2.15
C TYR B 388 -32.77 -12.90 2.72
N MSE C 1 -8.06 -5.94 -5.51
CA MSE C 1 -7.55 -7.26 -6.01
C MSE C 1 -6.03 -7.15 -6.01
O MSE C 1 -5.54 -6.12 -6.52
CB MSE C 1 -8.04 -7.66 -7.38
CG MSE C 1 -7.85 -9.13 -7.71
SE MSE C 1 -6.33 -8.87 -9.00
CE MSE C 1 -7.53 -8.49 -10.66
N ARG C 2 -5.37 -8.18 -5.55
CA ARG C 2 -3.90 -8.16 -5.48
C ARG C 2 -3.38 -9.58 -5.70
N TYR C 3 -2.09 -9.74 -5.95
CA TYR C 3 -1.66 -11.15 -6.22
C TYR C 3 -0.16 -11.23 -6.10
N LEU C 4 0.38 -12.42 -5.99
CA LEU C 4 1.81 -12.66 -5.97
C LEU C 4 2.09 -13.89 -6.88
N THR C 5 3.24 -13.84 -7.55
CA THR C 5 3.60 -15.00 -8.37
C THR C 5 4.88 -15.55 -7.75
N ALA C 6 5.19 -16.84 -7.97
CA ALA C 6 6.37 -17.43 -7.38
C ALA C 6 6.85 -18.59 -8.25
N GLY C 7 8.07 -19.02 -7.98
CA GLY C 7 8.55 -20.21 -8.67
C GLY C 7 9.83 -19.88 -9.41
N GLU C 8 10.62 -20.95 -9.62
CA GLU C 8 11.87 -20.75 -10.36
C GLU C 8 11.73 -21.42 -11.73
N SER C 9 12.48 -20.95 -12.72
CA SER C 9 12.45 -21.58 -14.03
C SER C 9 12.67 -23.10 -13.96
N HIS C 10 13.65 -23.59 -13.25
CA HIS C 10 13.86 -25.06 -13.16
C HIS C 10 13.52 -25.61 -11.78
N GLY C 11 12.75 -24.86 -11.00
CA GLY C 11 12.17 -25.38 -9.75
C GLY C 11 11.04 -26.35 -10.15
N PRO C 12 10.39 -26.98 -9.18
CA PRO C 12 9.35 -27.93 -9.43
C PRO C 12 8.04 -27.37 -9.96
N ARG C 13 7.71 -26.11 -9.59
CA ARG C 13 6.40 -25.62 -10.01
C ARG C 13 6.30 -24.10 -9.91
N LEU C 14 5.40 -23.51 -10.64
CA LEU C 14 5.18 -22.07 -10.53
C LEU C 14 3.86 -21.96 -9.75
N THR C 15 3.71 -20.89 -8.98
CA THR C 15 2.47 -20.73 -8.24
C THR C 15 2.04 -19.28 -8.27
N ALA C 16 0.74 -19.04 -8.20
CA ALA C 16 0.22 -17.67 -8.08
C ALA C 16 -0.94 -17.68 -7.09
N ILE C 17 -1.12 -16.65 -6.30
CA ILE C 17 -2.23 -16.44 -5.44
C ILE C 17 -2.93 -15.12 -5.82
N ILE C 18 -4.24 -15.13 -6.04
CA ILE C 18 -5.00 -13.91 -6.32
C ILE C 18 -5.97 -13.69 -5.13
N GLU C 19 -5.89 -12.49 -4.54
CA GLU C 19 -6.75 -12.19 -3.40
C GLU C 19 -7.67 -11.05 -3.82
N GLY C 20 -8.97 -11.20 -3.64
CA GLY C 20 -9.88 -10.11 -3.96
C GLY C 20 -10.69 -10.21 -5.24
N ILE C 21 -10.77 -11.38 -5.87
CA ILE C 21 -11.64 -11.46 -7.07
C ILE C 21 -13.06 -11.56 -6.52
N PRO C 22 -14.08 -10.99 -7.12
CA PRO C 22 -15.45 -11.13 -6.65
C PRO C 22 -15.94 -12.60 -6.67
N ALA C 23 -16.73 -12.96 -5.67
CA ALA C 23 -17.39 -14.28 -5.66
C ALA C 23 -18.34 -14.34 -6.86
N GLY C 24 -18.55 -15.53 -7.40
CA GLY C 24 -19.53 -15.76 -8.45
C GLY C 24 -19.01 -15.56 -9.86
N LEU C 25 -17.72 -15.46 -10.10
CA LEU C 25 -17.24 -15.35 -11.48
C LEU C 25 -17.05 -16.72 -12.09
N PRO C 26 -17.77 -17.11 -13.15
CA PRO C 26 -17.53 -18.37 -13.85
C PRO C 26 -16.10 -18.45 -14.33
N LEU C 27 -15.39 -19.53 -14.02
CA LEU C 27 -13.95 -19.67 -14.23
C LEU C 27 -13.53 -21.12 -14.31
N THR C 28 -12.81 -21.53 -15.37
CA THR C 28 -12.48 -22.93 -15.57
C THR C 28 -11.00 -23.03 -15.90
N ALA C 29 -10.42 -24.21 -15.76
CA ALA C 29 -9.00 -24.36 -16.10
C ALA C 29 -8.79 -24.13 -17.58
N GLU C 30 -9.78 -24.40 -18.44
CA GLU C 30 -9.65 -24.10 -19.86
C GLU C 30 -9.60 -22.59 -20.07
N ASP C 31 -10.27 -21.76 -19.25
CA ASP C 31 -10.15 -20.31 -19.47
C ASP C 31 -8.69 -19.88 -19.36
N ILE C 32 -7.98 -20.54 -18.48
CA ILE C 32 -6.57 -20.21 -18.26
C ILE C 32 -5.69 -20.86 -19.33
N ASN C 33 -5.95 -22.16 -19.53
CA ASN C 33 -5.11 -22.94 -20.44
C ASN C 33 -5.02 -22.38 -21.85
N GLU C 34 -6.09 -21.73 -22.27
CA GLU C 34 -6.07 -21.20 -23.65
C GLU C 34 -4.96 -20.18 -23.77
N ASP C 35 -4.87 -19.30 -22.76
CA ASP C 35 -3.84 -18.27 -22.75
C ASP C 35 -2.49 -18.87 -22.45
N LEU C 36 -2.38 -19.90 -21.59
CA LEU C 36 -1.04 -20.46 -21.36
C LEU C 36 -0.48 -20.96 -22.70
N ARG C 37 -1.34 -21.62 -23.47
CA ARG C 37 -0.95 -22.16 -24.78
C ARG C 37 -0.45 -21.06 -25.71
N ARG C 38 -1.15 -19.94 -25.79
CA ARG C 38 -0.75 -18.83 -26.64
C ARG C 38 0.64 -18.36 -26.22
N ARG C 39 0.87 -18.25 -24.90
CA ARG C 39 2.12 -17.74 -24.39
C ARG C 39 3.32 -18.58 -24.79
N GLN C 40 3.08 -19.87 -24.99
CA GLN C 40 4.14 -20.80 -25.35
C GLN C 40 4.47 -20.71 -26.84
N GLY C 41 3.59 -20.16 -27.66
CA GLY C 41 3.78 -20.15 -29.09
C GLY C 41 4.53 -18.97 -29.67
N GLY C 42 4.44 -18.87 -31.01
CA GLY C 42 5.12 -17.81 -31.75
C GLY C 42 6.35 -18.39 -32.48
N TYR C 43 6.39 -18.17 -33.81
CA TYR C 43 7.58 -18.56 -34.56
C TYR C 43 8.88 -18.05 -33.97
N GLY C 44 9.89 -18.91 -33.78
CA GLY C 44 11.16 -18.44 -33.23
C GLY C 44 11.42 -18.97 -31.82
N ARG C 45 10.43 -19.53 -31.13
CA ARG C 45 10.66 -20.10 -29.82
C ARG C 45 10.86 -21.62 -29.96
N GLY C 46 11.85 -22.18 -29.30
CA GLY C 46 12.02 -23.63 -29.45
C GLY C 46 12.20 -24.23 -28.06
N GLY C 47 13.12 -25.16 -27.97
CA GLY C 47 13.52 -25.77 -26.73
C GLY C 47 12.41 -26.03 -25.71
N ARG C 48 12.47 -25.27 -24.64
CA ARG C 48 11.60 -25.48 -23.47
C ARG C 48 10.15 -25.51 -23.89
N MSE C 49 9.85 -24.72 -24.94
CA MSE C 49 8.46 -24.57 -25.36
C MSE C 49 7.94 -25.87 -25.99
O MSE C 49 6.75 -25.92 -26.23
CB MSE C 49 8.17 -23.40 -26.28
CG MSE C 49 8.48 -22.04 -25.69
SE MSE C 49 7.52 -21.89 -23.91
CE MSE C 49 8.46 -22.56 -22.48
N LYS C 50 8.80 -26.86 -26.19
CA LYS C 50 8.25 -28.12 -26.74
C LYS C 50 8.21 -29.11 -25.58
N ILE C 51 8.96 -28.84 -24.53
CA ILE C 51 9.01 -29.72 -23.38
C ILE C 51 7.80 -29.43 -22.48
N GLU C 52 7.57 -28.16 -22.15
CA GLU C 52 6.47 -27.80 -21.28
C GLU C 52 5.14 -27.89 -22.01
N ASN C 53 4.11 -28.24 -21.29
CA ASN C 53 2.73 -28.26 -21.76
C ASN C 53 1.95 -27.59 -20.63
N ASP C 54 2.01 -26.27 -20.64
CA ASP C 54 1.53 -25.47 -19.53
C ASP C 54 0.03 -25.56 -19.32
N GLN C 55 -0.40 -26.14 -18.18
CA GLN C 55 -1.82 -26.09 -17.85
C GLN C 55 -1.98 -25.84 -16.35
N VAL C 56 -3.13 -25.23 -16.01
CA VAL C 56 -3.26 -24.87 -14.58
C VAL C 56 -3.93 -25.92 -13.73
N VAL C 57 -3.66 -25.89 -12.43
CA VAL C 57 -4.31 -26.64 -11.40
C VAL C 57 -4.78 -25.66 -10.31
N PHE C 58 -6.12 -25.56 -10.12
CA PHE C 58 -6.64 -24.72 -9.06
C PHE C 58 -6.58 -25.53 -7.74
N THR C 59 -6.32 -24.83 -6.66
CA THR C 59 -6.24 -25.53 -5.33
C THR C 59 -6.95 -24.73 -4.29
N SER C 60 -7.47 -23.55 -4.65
CA SER C 60 -8.30 -22.79 -3.74
C SER C 60 -9.10 -21.73 -4.53
N GLY C 61 -10.14 -21.26 -3.87
CA GLY C 61 -11.01 -20.18 -4.31
C GLY C 61 -11.91 -20.43 -5.49
N VAL C 62 -11.91 -21.64 -6.05
CA VAL C 62 -12.78 -21.91 -7.22
C VAL C 62 -13.61 -23.15 -6.86
N ARG C 63 -14.92 -23.10 -7.01
CA ARG C 63 -15.76 -24.24 -6.62
C ARG C 63 -16.92 -24.42 -7.58
N HIS C 64 -17.01 -25.61 -8.15
CA HIS C 64 -18.09 -25.88 -9.08
C HIS C 64 -18.15 -24.94 -10.24
N GLY C 65 -17.00 -24.56 -10.78
CA GLY C 65 -16.95 -23.66 -11.91
C GLY C 65 -17.07 -22.17 -11.68
N LYS C 66 -17.03 -21.70 -10.44
CA LYS C 66 -17.18 -20.31 -10.09
C LYS C 66 -16.28 -19.89 -8.95
N THR C 67 -15.87 -18.60 -8.96
CA THR C 67 -15.04 -18.16 -7.82
C THR C 67 -15.93 -18.03 -6.60
N THR C 68 -15.29 -18.00 -5.42
CA THR C 68 -16.04 -17.87 -4.20
C THR C 68 -15.71 -16.54 -3.50
N GLY C 69 -14.70 -15.83 -4.01
CA GLY C 69 -14.31 -14.59 -3.29
C GLY C 69 -13.07 -14.87 -2.44
N ALA C 70 -12.82 -16.13 -2.10
CA ALA C 70 -11.62 -16.44 -1.30
C ALA C 70 -10.40 -16.32 -2.22
N PRO C 71 -9.19 -16.36 -1.70
CA PRO C 71 -8.00 -16.37 -2.51
C PRO C 71 -7.99 -17.54 -3.50
N ILE C 72 -7.59 -17.20 -4.72
CA ILE C 72 -7.46 -18.24 -5.76
C ILE C 72 -6.00 -18.64 -5.89
N THR C 73 -5.74 -19.92 -5.87
CA THR C 73 -4.39 -20.44 -6.01
C THR C 73 -4.32 -21.24 -7.33
N MSE C 74 -3.32 -20.91 -8.11
CA MSE C 74 -3.06 -21.62 -9.36
C MSE C 74 -1.62 -22.14 -9.39
O MSE C 74 -0.71 -21.43 -8.99
CB MSE C 74 -3.23 -20.70 -10.58
CG MSE C 74 -4.68 -20.26 -10.65
SE MSE C 74 -4.95 -19.07 -12.18
CE MSE C 74 -3.73 -17.61 -11.50
N ASP C 75 -1.42 -23.38 -9.85
CA ASP C 75 -0.15 -24.03 -10.00
C ASP C 75 0.04 -24.37 -11.50
N VAL C 76 1.27 -24.33 -11.95
CA VAL C 76 1.71 -24.76 -13.24
C VAL C 76 3.05 -25.47 -12.99
N ILE C 77 3.01 -26.76 -13.20
CA ILE C 77 4.21 -27.59 -13.00
C ILE C 77 5.31 -27.34 -14.02
N ASN C 78 6.57 -27.55 -13.63
CA ASN C 78 7.68 -27.47 -14.54
C ASN C 78 8.09 -28.90 -14.86
N LYS C 79 7.69 -29.40 -16.01
CA LYS C 79 8.09 -30.75 -16.41
C LYS C 79 9.61 -30.85 -16.44
N ASP C 80 10.32 -29.83 -16.86
CA ASP C 80 11.77 -29.80 -16.89
C ASP C 80 12.51 -30.05 -15.58
N HIS C 81 11.84 -29.90 -14.43
CA HIS C 81 12.46 -30.00 -13.12
C HIS C 81 13.10 -31.37 -12.83
N GLN C 82 12.55 -32.36 -13.53
CA GLN C 82 13.03 -33.72 -13.42
C GLN C 82 14.51 -33.78 -13.78
N LYS C 83 14.96 -32.81 -14.58
CA LYS C 83 16.37 -32.78 -15.00
C LYS C 83 17.21 -31.93 -14.06
N TRP C 84 16.62 -31.45 -12.97
CA TRP C 84 17.28 -30.54 -12.05
C TRP C 84 17.00 -30.82 -10.58
N LEU C 85 16.62 -32.05 -10.25
CA LEU C 85 16.25 -32.41 -8.90
C LEU C 85 17.30 -32.14 -7.84
N ASP C 86 18.56 -32.21 -8.25
CA ASP C 86 19.69 -32.02 -7.35
C ASP C 86 20.07 -30.54 -7.30
N ILE C 87 20.28 -29.95 -8.43
CA ILE C 87 20.68 -28.56 -8.60
C ILE C 87 19.69 -27.60 -7.94
N MSE C 88 18.42 -27.84 -8.09
CA MSE C 88 17.36 -26.98 -7.61
C MSE C 88 16.63 -27.47 -6.37
O MSE C 88 15.64 -26.87 -5.91
CB MSE C 88 16.34 -26.74 -8.70
CG MSE C 88 16.79 -26.06 -9.93
SE MSE C 88 17.67 -24.22 -9.29
CE MSE C 88 15.57 -23.48 -8.88
N SER C 89 17.19 -28.44 -5.69
CA SER C 89 16.67 -28.97 -4.44
C SER C 89 16.49 -27.87 -3.39
N ALA C 90 15.31 -27.88 -2.74
CA ALA C 90 15.12 -26.96 -1.61
C ALA C 90 16.06 -27.25 -0.45
N GLU C 91 16.31 -28.55 -0.21
CA GLU C 91 17.17 -28.88 0.93
C GLU C 91 18.63 -29.02 0.56
N ASP C 92 19.51 -28.96 1.53
CA ASP C 92 20.94 -28.97 1.28
C ASP C 92 21.41 -30.30 0.69
N ILE C 93 22.36 -30.23 -0.21
CA ILE C 93 22.96 -31.40 -0.83
C ILE C 93 24.48 -31.39 -0.55
N GLU C 94 25.18 -32.40 -1.06
CA GLU C 94 26.62 -32.49 -0.86
C GLU C 94 27.36 -31.34 -1.54
N ASP C 95 28.25 -30.66 -0.84
CA ASP C 95 28.99 -29.54 -1.41
C ASP C 95 29.55 -29.81 -2.80
N ARG C 96 30.04 -31.03 -2.96
CA ARG C 96 30.68 -31.49 -4.18
C ARG C 96 29.74 -31.46 -5.38
N LEU C 97 28.44 -31.40 -5.12
CA LEU C 97 27.47 -31.42 -6.19
C LEU C 97 26.97 -30.02 -6.53
N LYS C 98 27.22 -29.06 -5.64
CA LYS C 98 26.74 -27.69 -5.81
C LYS C 98 27.32 -26.90 -6.96
N SER C 99 28.48 -27.25 -7.49
CA SER C 99 29.03 -26.50 -8.61
C SER C 99 28.33 -26.76 -9.94
N LYS C 100 27.49 -27.79 -10.00
CA LYS C 100 26.77 -28.13 -11.22
C LYS C 100 25.93 -26.99 -11.76
N ARG C 101 26.17 -26.58 -13.00
CA ARG C 101 25.41 -25.55 -13.69
C ARG C 101 25.54 -24.18 -13.03
N LYS C 102 26.46 -24.11 -12.08
CA LYS C 102 26.71 -22.85 -11.39
C LYS C 102 27.14 -21.83 -12.42
N ILE C 103 26.79 -20.57 -12.18
CA ILE C 103 27.13 -19.57 -13.18
C ILE C 103 28.07 -18.54 -12.54
N THR C 104 29.16 -18.27 -13.27
CA THR C 104 30.12 -17.29 -12.78
C THR C 104 30.42 -16.31 -13.91
N HIS C 105 29.78 -16.50 -15.05
CA HIS C 105 29.98 -15.63 -16.20
C HIS C 105 28.67 -14.91 -16.50
N PRO C 106 28.44 -13.75 -15.91
CA PRO C 106 27.17 -13.05 -16.09
C PRO C 106 26.85 -12.75 -17.54
N ARG C 107 25.60 -12.73 -17.99
CA ARG C 107 25.25 -12.30 -19.33
C ARG C 107 24.82 -10.84 -19.37
N PRO C 108 25.44 -10.08 -20.28
CA PRO C 108 25.10 -8.70 -20.53
C PRO C 108 23.63 -8.69 -20.92
N GLY C 109 22.93 -7.66 -20.48
CA GLY C 109 21.49 -7.68 -20.81
C GLY C 109 20.66 -8.43 -19.78
N HIS C 110 21.19 -9.38 -19.04
CA HIS C 110 20.33 -10.11 -18.09
C HIS C 110 20.52 -9.64 -16.66
N ALA C 111 19.83 -10.24 -15.67
CA ALA C 111 19.89 -9.79 -14.29
C ALA C 111 21.04 -10.45 -13.52
N ASP C 112 21.85 -11.24 -14.21
CA ASP C 112 22.85 -12.03 -13.48
C ASP C 112 23.73 -11.25 -12.52
N LEU C 113 24.59 -10.41 -13.07
CA LEU C 113 25.59 -9.71 -12.25
C LEU C 113 24.98 -8.83 -11.16
N VAL C 114 24.08 -7.92 -11.53
CA VAL C 114 23.45 -7.01 -10.59
C VAL C 114 22.67 -7.71 -9.51
N GLY C 115 22.03 -8.80 -9.80
CA GLY C 115 21.30 -9.62 -8.82
C GLY C 115 22.36 -10.22 -7.88
N GLY C 116 23.44 -10.68 -8.48
CA GLY C 116 24.57 -11.24 -7.69
C GLY C 116 25.04 -10.17 -6.70
N ILE C 117 25.21 -8.92 -7.10
CA ILE C 117 25.74 -7.89 -6.19
C ILE C 117 24.74 -7.54 -5.10
N LYS C 118 23.50 -7.30 -5.56
CA LYS C 118 22.41 -6.93 -4.65
C LYS C 118 22.16 -7.96 -3.58
N TYR C 119 22.08 -9.21 -4.02
CA TYR C 119 21.71 -10.29 -3.08
C TYR C 119 22.93 -11.03 -2.52
N ARG C 120 24.11 -10.63 -2.92
CA ARG C 120 25.36 -11.26 -2.48
C ARG C 120 25.48 -12.76 -2.77
N PHE C 121 25.23 -13.08 -4.03
CA PHE C 121 25.33 -14.46 -4.48
C PHE C 121 26.75 -14.83 -4.92
N ASP C 122 27.09 -16.09 -4.77
CA ASP C 122 28.35 -16.56 -5.34
C ASP C 122 27.96 -17.45 -6.51
N ASP C 123 26.66 -17.74 -6.70
CA ASP C 123 26.23 -18.55 -7.85
C ASP C 123 25.16 -17.79 -8.62
N LEU C 124 25.48 -17.26 -9.81
CA LEU C 124 24.54 -16.42 -10.51
C LEU C 124 23.29 -17.15 -10.96
N ARG C 125 23.23 -18.48 -10.86
CA ARG C 125 22.02 -19.18 -11.19
C ARG C 125 20.93 -18.63 -10.23
N ASN C 126 21.37 -18.19 -9.03
CA ASN C 126 20.36 -17.73 -8.05
C ASN C 126 19.69 -16.47 -8.51
N SER C 127 20.29 -15.76 -9.47
CA SER C 127 19.62 -14.64 -10.07
C SER C 127 18.72 -15.18 -11.22
N LEU C 128 19.33 -15.99 -12.05
CA LEU C 128 18.69 -16.46 -13.28
C LEU C 128 17.36 -17.15 -13.03
N GLU C 129 17.27 -18.06 -12.09
CA GLU C 129 16.10 -18.91 -11.87
C GLU C 129 14.80 -18.12 -11.67
N ARG C 130 14.90 -16.99 -10.99
CA ARG C 130 13.72 -16.15 -10.77
C ARG C 130 13.62 -14.99 -11.77
N SER C 131 14.72 -14.43 -12.28
CA SER C 131 14.59 -13.35 -13.23
C SER C 131 14.12 -13.92 -14.58
N SER C 132 14.18 -15.25 -14.74
CA SER C 132 13.71 -15.81 -16.03
C SER C 132 12.26 -15.45 -16.38
N ALA C 133 12.03 -15.28 -17.71
CA ALA C 133 10.65 -14.98 -18.13
C ALA C 133 9.74 -16.20 -18.02
N ARG C 134 10.25 -17.31 -17.45
CA ARG C 134 9.37 -18.44 -17.15
C ARG C 134 8.24 -17.95 -16.23
N GLU C 135 8.51 -16.92 -15.42
CA GLU C 135 7.55 -16.36 -14.47
C GLU C 135 6.38 -15.72 -15.18
N THR C 136 6.63 -15.27 -16.42
CA THR C 136 5.52 -14.63 -17.17
C THR C 136 4.39 -15.63 -17.40
N THR C 137 4.68 -16.90 -17.26
CA THR C 137 3.57 -17.91 -17.37
C THR C 137 2.50 -17.59 -16.31
N MSE C 138 2.90 -17.40 -15.05
CA MSE C 138 1.87 -17.07 -14.02
C MSE C 138 1.27 -15.68 -14.24
O MSE C 138 0.12 -15.49 -13.81
CB MSE C 138 2.39 -17.13 -12.60
CG MSE C 138 3.15 -18.41 -12.25
SE MSE C 138 1.80 -19.92 -12.94
CE MSE C 138 0.28 -19.53 -11.77
N ARG C 139 2.02 -14.72 -14.79
CA ARG C 139 1.37 -13.44 -15.07
C ARG C 139 0.26 -13.64 -16.12
N VAL C 140 0.49 -14.53 -17.09
CA VAL C 140 -0.56 -14.83 -18.09
C VAL C 140 -1.80 -15.47 -17.46
N ALA C 141 -1.54 -16.31 -16.50
CA ALA C 141 -2.55 -17.05 -15.73
C ALA C 141 -3.40 -16.09 -14.93
N VAL C 142 -2.70 -15.12 -14.29
CA VAL C 142 -3.51 -14.15 -13.51
C VAL C 142 -4.28 -13.34 -14.54
N GLY C 143 -3.61 -13.02 -15.64
CA GLY C 143 -4.30 -12.26 -16.69
C GLY C 143 -5.55 -12.91 -17.25
N ALA C 144 -5.57 -14.23 -17.28
CA ALA C 144 -6.72 -14.98 -17.80
C ALA C 144 -7.89 -14.90 -16.84
N VAL C 145 -7.65 -14.87 -15.54
CA VAL C 145 -8.73 -14.60 -14.58
C VAL C 145 -9.26 -13.19 -14.80
N ALA C 146 -8.38 -12.20 -14.98
CA ALA C 146 -8.80 -10.81 -15.17
C ALA C 146 -9.66 -10.68 -16.45
N LYS C 147 -9.24 -11.41 -17.47
CA LYS C 147 -9.97 -11.36 -18.75
C LYS C 147 -11.38 -11.89 -18.66
N ARG C 148 -11.58 -12.91 -17.82
CA ARG C 148 -12.94 -13.42 -17.58
C ARG C 148 -13.81 -12.35 -16.97
N LEU C 149 -13.23 -11.55 -16.04
CA LEU C 149 -14.02 -10.45 -15.50
C LEU C 149 -14.31 -9.42 -16.60
N LEU C 150 -13.35 -9.13 -17.47
CA LEU C 150 -13.62 -8.16 -18.53
C LEU C 150 -14.72 -8.69 -19.46
N ALA C 151 -14.62 -10.00 -19.78
CA ALA C 151 -15.62 -10.61 -20.64
C ALA C 151 -17.03 -10.47 -20.04
N GLU C 152 -17.16 -10.70 -18.74
CA GLU C 152 -18.44 -10.54 -18.07
C GLU C 152 -18.91 -9.11 -18.12
N LEU C 153 -18.05 -8.14 -18.36
CA LEU C 153 -18.49 -6.76 -18.45
C LEU C 153 -18.54 -6.24 -19.90
N ASP C 154 -18.63 -7.14 -20.86
CA ASP C 154 -18.77 -6.88 -22.28
C ASP C 154 -17.55 -6.19 -22.89
N MSE C 155 -16.36 -6.46 -22.40
CA MSE C 155 -15.15 -5.84 -22.97
C MSE C 155 -14.39 -6.93 -23.73
O MSE C 155 -14.63 -8.11 -23.51
CB MSE C 155 -14.33 -5.25 -21.84
CG MSE C 155 -15.10 -4.18 -21.11
SE MSE C 155 -14.05 -3.60 -19.43
CE MSE C 155 -12.52 -2.88 -20.00
N GLU C 156 -13.48 -6.49 -24.58
CA GLU C 156 -12.70 -7.35 -25.46
C GLU C 156 -11.24 -6.89 -25.50
N ILE C 157 -10.33 -7.82 -25.66
CA ILE C 157 -8.93 -7.42 -25.68
C ILE C 157 -8.19 -8.24 -26.72
N ALA C 158 -7.13 -7.65 -27.28
CA ALA C 158 -6.30 -8.36 -28.24
C ALA C 158 -4.90 -7.77 -28.24
N ASN C 159 -3.99 -8.48 -28.90
CA ASN C 159 -2.64 -7.94 -29.02
C ASN C 159 -2.11 -8.38 -30.38
N HIS C 160 -1.21 -7.62 -30.97
CA HIS C 160 -0.62 -8.00 -32.27
C HIS C 160 0.73 -7.33 -32.34
N VAL C 161 1.58 -7.86 -33.21
CA VAL C 161 2.90 -7.32 -33.38
C VAL C 161 2.83 -6.23 -34.45
N VAL C 162 3.38 -5.05 -34.18
CA VAL C 162 3.33 -3.96 -35.12
C VAL C 162 4.71 -3.54 -35.62
N VAL C 163 5.74 -4.05 -34.95
CA VAL C 163 7.12 -3.86 -35.38
C VAL C 163 7.90 -5.12 -34.97
N PHE C 164 8.55 -5.79 -35.92
CA PHE C 164 9.23 -7.04 -35.64
C PHE C 164 10.68 -6.90 -36.10
N GLY C 165 11.54 -6.64 -35.13
CA GLY C 165 12.98 -6.50 -35.38
C GLY C 165 13.19 -5.40 -36.44
N GLY C 166 12.46 -4.34 -36.29
CA GLY C 166 12.59 -3.20 -37.20
C GLY C 166 11.70 -3.23 -38.42
N LYS C 167 11.01 -4.33 -38.69
CA LYS C 167 10.09 -4.37 -39.85
C LYS C 167 8.71 -3.87 -39.38
N GLU C 168 8.28 -2.70 -39.82
CA GLU C 168 7.01 -2.14 -39.37
C GLU C 168 5.87 -2.76 -40.18
N ILE C 169 4.86 -3.21 -39.47
CA ILE C 169 3.69 -3.85 -39.99
C ILE C 169 2.63 -2.80 -40.28
N ASP C 170 2.07 -2.97 -41.46
CA ASP C 170 1.10 -2.06 -42.05
C ASP C 170 -0.29 -2.50 -41.64
N VAL C 171 -0.81 -1.82 -40.63
CA VAL C 171 -2.09 -2.24 -40.06
C VAL C 171 -3.29 -1.56 -40.71
N PRO C 172 -4.21 -2.37 -41.22
CA PRO C 172 -5.40 -1.86 -41.86
C PRO C 172 -6.17 -0.94 -40.93
N GLU C 173 -6.57 0.22 -41.43
CA GLU C 173 -7.33 1.17 -40.65
C GLU C 173 -8.69 0.54 -40.33
N ASN C 174 -9.24 0.97 -39.22
CA ASN C 174 -10.53 0.63 -38.69
C ASN C 174 -10.93 -0.82 -38.43
N LEU C 175 -10.01 -1.63 -37.90
CA LEU C 175 -10.33 -3.01 -37.53
C LEU C 175 -10.97 -3.04 -36.13
N THR C 176 -11.92 -3.93 -35.84
CA THR C 176 -12.43 -3.98 -34.48
C THR C 176 -11.46 -4.79 -33.62
N VAL C 177 -11.64 -4.80 -32.29
CA VAL C 177 -10.77 -5.61 -31.42
C VAL C 177 -10.87 -7.07 -31.81
N ALA C 178 -12.13 -7.50 -32.04
CA ALA C 178 -12.45 -8.87 -32.46
C ALA C 178 -11.74 -9.20 -33.77
N GLU C 179 -11.56 -8.28 -34.70
CA GLU C 179 -10.90 -8.64 -35.97
C GLU C 179 -9.38 -8.72 -35.77
N ILE C 180 -8.93 -7.84 -34.89
CA ILE C 180 -7.46 -7.88 -34.59
C ILE C 180 -7.17 -9.21 -33.92
N LYS C 181 -7.97 -9.57 -32.91
CA LYS C 181 -7.73 -10.90 -32.31
C LYS C 181 -7.78 -12.04 -33.35
N GLN C 182 -8.80 -12.01 -34.17
CA GLN C 182 -8.96 -13.13 -35.14
C GLN C 182 -7.83 -13.16 -36.16
N ARG C 183 -7.48 -12.05 -36.78
CA ARG C 183 -6.41 -12.07 -37.77
C ARG C 183 -5.07 -12.43 -37.13
N ALA C 184 -4.82 -11.92 -35.91
CA ALA C 184 -3.53 -12.21 -35.29
C ALA C 184 -3.41 -13.71 -35.00
N ALA C 185 -4.49 -14.35 -34.60
CA ALA C 185 -4.41 -15.80 -34.30
C ALA C 185 -4.14 -16.64 -35.55
N GLN C 186 -4.29 -16.09 -36.75
CA GLN C 186 -3.97 -16.84 -37.95
C GLN C 186 -2.51 -16.73 -38.36
N SER C 187 -1.73 -15.95 -37.60
CA SER C 187 -0.33 -15.70 -37.98
C SER C 187 0.62 -16.38 -37.01
N GLU C 188 1.75 -16.92 -37.42
CA GLU C 188 2.71 -17.52 -36.52
C GLU C 188 3.54 -16.47 -35.83
N VAL C 189 3.39 -15.22 -36.26
CA VAL C 189 4.16 -14.11 -35.68
C VAL C 189 3.25 -13.03 -35.10
N SER C 190 1.98 -13.32 -34.95
CA SER C 190 0.95 -12.45 -34.47
C SER C 190 0.80 -11.17 -35.23
N ILE C 191 0.89 -11.19 -36.58
CA ILE C 191 0.70 -9.91 -37.29
C ILE C 191 -0.68 -9.95 -37.93
N VAL C 192 -1.34 -8.82 -38.07
CA VAL C 192 -2.69 -8.86 -38.64
C VAL C 192 -2.68 -8.84 -40.17
N ASN C 193 -1.58 -8.54 -40.80
CA ASN C 193 -1.44 -8.47 -42.26
C ASN C 193 -0.45 -9.56 -42.62
N GLN C 194 -0.83 -10.64 -43.29
CA GLN C 194 0.17 -11.68 -43.51
C GLN C 194 1.07 -11.45 -44.69
N GLU C 195 0.98 -10.25 -45.27
CA GLU C 195 1.75 -10.04 -46.49
C GLU C 195 3.23 -10.10 -46.17
N ARG C 196 3.60 -9.82 -44.92
CA ARG C 196 4.99 -9.95 -44.55
C ARG C 196 5.25 -11.19 -43.69
N GLU C 197 4.26 -12.07 -43.64
CA GLU C 197 4.42 -13.28 -42.80
C GLU C 197 5.66 -14.07 -43.19
N GLN C 198 5.82 -14.34 -44.50
CA GLN C 198 6.94 -15.25 -44.85
C GLN C 198 8.25 -14.51 -44.63
N GLU C 199 8.22 -13.24 -44.98
CA GLU C 199 9.38 -12.38 -44.84
C GLU C 199 9.82 -12.28 -43.37
N ILE C 200 8.84 -12.05 -42.49
CA ILE C 200 9.21 -12.04 -41.04
C ILE C 200 9.81 -13.36 -40.61
N LYS C 201 9.19 -14.49 -41.02
CA LYS C 201 9.70 -15.82 -40.66
C LYS C 201 11.13 -16.10 -41.14
N ASP C 202 11.38 -15.72 -42.40
CA ASP C 202 12.73 -15.92 -42.98
C ASP C 202 13.71 -14.97 -42.29
N TYR C 203 13.18 -13.81 -41.90
CA TYR C 203 14.06 -12.86 -41.16
C TYR C 203 14.44 -13.50 -39.83
N ILE C 204 13.46 -14.13 -39.15
CA ILE C 204 13.78 -14.79 -37.88
C ILE C 204 14.88 -15.83 -38.07
N ASP C 205 14.68 -16.69 -39.10
CA ASP C 205 15.62 -17.73 -39.42
C ASP C 205 17.02 -17.16 -39.68
N GLN C 206 17.13 -16.06 -40.38
CA GLN C 206 18.40 -15.38 -40.66
C GLN C 206 19.09 -14.95 -39.35
N ILE C 207 18.28 -14.27 -38.53
CA ILE C 207 18.72 -13.81 -37.21
C ILE C 207 19.33 -14.98 -36.45
N LYS C 208 18.60 -16.09 -36.45
CA LYS C 208 19.06 -17.28 -35.74
C LYS C 208 20.36 -17.79 -36.37
N ARG C 209 20.37 -17.88 -37.71
CA ARG C 209 21.65 -18.34 -38.27
C ARG C 209 22.67 -17.28 -37.82
N ASP C 210 22.47 -16.03 -38.18
CA ASP C 210 23.43 -15.03 -37.74
C ASP C 210 23.85 -15.10 -36.30
N GLY C 211 23.20 -15.90 -35.49
CA GLY C 211 23.43 -16.06 -34.08
C GLY C 211 23.01 -14.95 -33.12
N ASP C 212 22.10 -14.11 -33.57
CA ASP C 212 21.69 -12.90 -32.87
C ASP C 212 20.25 -13.03 -32.39
N THR C 213 19.66 -11.89 -31.99
CA THR C 213 18.26 -11.96 -31.50
C THR C 213 17.59 -10.67 -31.97
N ILE C 214 16.26 -10.62 -31.91
CA ILE C 214 15.51 -9.42 -32.26
C ILE C 214 14.31 -9.33 -31.31
N GLY C 215 13.89 -8.09 -31.10
CA GLY C 215 12.72 -7.76 -30.30
C GLY C 215 11.67 -7.16 -31.21
N GLY C 216 11.01 -6.12 -30.73
CA GLY C 216 9.96 -5.48 -31.51
C GLY C 216 9.03 -4.62 -30.65
N VAL C 217 7.90 -4.34 -31.26
CA VAL C 217 6.88 -3.52 -30.62
C VAL C 217 5.54 -4.24 -30.73
N VAL C 218 4.91 -4.44 -29.56
CA VAL C 218 3.63 -5.08 -29.49
C VAL C 218 2.60 -4.04 -29.05
N GLU C 219 1.39 -4.23 -29.61
CA GLU C 219 0.30 -3.33 -29.33
C GLU C 219 -0.86 -4.07 -28.68
N THR C 220 -1.44 -3.55 -27.63
CA THR C 220 -2.61 -4.19 -27.00
C THR C 220 -3.78 -3.25 -27.18
N VAL C 221 -4.94 -3.76 -27.53
CA VAL C 221 -6.12 -2.92 -27.75
C VAL C 221 -7.24 -3.40 -26.84
N VAL C 222 -7.92 -2.52 -26.14
CA VAL C 222 -9.05 -2.97 -25.31
C VAL C 222 -10.31 -2.28 -25.75
N GLY C 223 -11.39 -3.00 -25.96
CA GLY C 223 -12.60 -2.28 -26.42
C GLY C 223 -13.73 -2.36 -25.41
N GLY C 224 -14.71 -1.48 -25.58
CA GLY C 224 -15.89 -1.45 -24.73
C GLY C 224 -15.58 -0.98 -23.32
N VAL C 225 -14.57 -0.14 -23.16
CA VAL C 225 -14.10 0.34 -21.87
C VAL C 225 -15.01 1.37 -21.24
N PRO C 226 -15.43 1.20 -20.00
CA PRO C 226 -16.25 2.16 -19.30
C PRO C 226 -15.48 3.49 -19.19
N VAL C 227 -16.15 4.59 -19.11
CA VAL C 227 -15.53 5.89 -19.02
C VAL C 227 -15.25 6.31 -17.59
N GLY C 228 -14.14 7.00 -17.31
CA GLY C 228 -13.98 7.53 -15.95
C GLY C 228 -13.31 6.51 -15.02
N LEU C 229 -12.62 5.52 -15.58
CA LEU C 229 -11.73 4.67 -14.79
C LEU C 229 -10.36 5.37 -14.70
N GLY C 230 -9.76 5.44 -13.52
CA GLY C 230 -8.50 6.22 -13.37
C GLY C 230 -8.93 7.60 -12.83
N SER C 231 -8.04 8.45 -12.35
CA SER C 231 -8.40 9.79 -11.98
C SER C 231 -7.25 10.76 -12.16
N TYR C 232 -7.47 12.04 -12.34
CA TYR C 232 -6.38 13.04 -12.42
C TYR C 232 -6.09 13.66 -11.06
N VAL C 233 -6.89 13.39 -10.00
CA VAL C 233 -6.77 14.14 -8.76
C VAL C 233 -5.45 13.93 -8.01
N GLN C 234 -4.78 12.82 -8.30
CA GLN C 234 -3.45 12.57 -7.73
C GLN C 234 -2.68 11.77 -8.77
N TRP C 235 -1.36 11.99 -8.86
CA TRP C 235 -0.61 11.35 -9.97
C TRP C 235 -0.72 9.85 -10.00
N ASP C 236 -0.65 9.24 -8.81
CA ASP C 236 -0.65 7.77 -8.77
C ASP C 236 -2.05 7.17 -8.94
N ARG C 237 -3.04 7.97 -9.30
CA ARG C 237 -4.37 7.40 -9.56
C ARG C 237 -4.59 7.35 -11.07
N LYS C 238 -3.65 7.87 -11.85
CA LYS C 238 -3.82 7.91 -13.33
C LYS C 238 -3.74 6.52 -13.88
N LEU C 239 -4.72 6.11 -14.72
CA LEU C 239 -4.71 4.72 -15.20
C LEU C 239 -3.69 4.45 -16.30
N ASP C 240 -3.44 5.47 -17.14
CA ASP C 240 -2.40 5.26 -18.17
C ASP C 240 -1.08 4.97 -17.43
N ALA C 241 -0.88 5.72 -16.37
CA ALA C 241 0.38 5.60 -15.61
C ALA C 241 0.49 4.26 -14.92
N ARG C 242 -0.63 3.78 -14.37
CA ARG C 242 -0.59 2.44 -13.76
C ARG C 242 -0.26 1.42 -14.87
N LEU C 243 -0.84 1.51 -16.07
CA LEU C 243 -0.53 0.56 -17.13
C LEU C 243 0.94 0.64 -17.52
N ALA C 244 1.46 1.87 -17.50
CA ALA C 244 2.85 2.07 -17.85
C ALA C 244 3.75 1.24 -16.96
N GLN C 245 3.52 1.30 -15.66
CA GLN C 245 4.37 0.52 -14.77
C GLN C 245 4.23 -0.95 -15.14
N ALA C 246 2.99 -1.45 -15.25
CA ALA C 246 2.83 -2.86 -15.58
C ALA C 246 3.48 -3.30 -16.88
N VAL C 247 3.42 -2.47 -17.95
CA VAL C 247 3.99 -2.88 -19.23
C VAL C 247 5.52 -2.92 -19.14
N VAL C 248 6.14 -1.88 -18.59
CA VAL C 248 7.59 -1.87 -18.51
C VAL C 248 8.07 -2.91 -17.53
N SER C 249 7.28 -3.38 -16.57
CA SER C 249 7.65 -4.46 -15.70
C SER C 249 7.82 -5.81 -16.42
N ILE C 250 7.35 -5.89 -17.67
CA ILE C 250 7.52 -7.18 -18.37
C ILE C 250 8.99 -7.37 -18.74
N ASN C 251 9.55 -8.53 -18.49
CA ASN C 251 10.92 -8.82 -18.90
C ASN C 251 11.25 -8.34 -20.31
N ALA C 252 12.33 -7.56 -20.42
CA ALA C 252 12.85 -7.12 -21.72
C ALA C 252 12.13 -5.91 -22.26
N PHE C 253 11.08 -5.40 -21.59
CA PHE C 253 10.43 -4.20 -22.10
C PHE C 253 11.22 -2.96 -21.65
N LYS C 254 11.44 -2.06 -22.59
CA LYS C 254 12.24 -0.85 -22.32
C LYS C 254 11.44 0.40 -22.55
N GLY C 255 10.14 0.26 -22.77
CA GLY C 255 9.32 1.43 -23.03
C GLY C 255 7.83 1.10 -23.19
N VAL C 256 7.04 2.18 -23.05
CA VAL C 256 5.58 2.03 -23.24
C VAL C 256 4.99 3.33 -23.76
N GLU C 257 3.94 3.32 -24.60
CA GLU C 257 3.33 4.53 -25.12
C GLU C 257 1.84 4.32 -25.36
N PHE C 258 1.06 5.35 -25.42
CA PHE C 258 -0.37 5.35 -25.62
C PHE C 258 -0.83 6.16 -26.82
N GLY C 259 -1.69 5.54 -27.60
CA GLY C 259 -2.26 6.21 -28.80
C GLY C 259 -1.09 6.54 -29.75
N LEU C 260 -1.00 7.78 -30.18
CA LEU C 260 0.14 8.19 -31.02
C LEU C 260 1.46 7.97 -30.27
N GLY C 261 1.47 8.10 -28.93
CA GLY C 261 2.72 7.75 -28.24
C GLY C 261 3.81 8.79 -28.55
N PHE C 262 5.02 8.31 -28.72
CA PHE C 262 6.15 9.20 -29.02
C PHE C 262 5.91 10.06 -30.26
N GLU C 263 5.15 9.56 -31.22
CA GLU C 263 4.85 10.40 -32.41
C GLU C 263 4.09 11.66 -32.04
N ALA C 264 3.45 11.73 -30.87
CA ALA C 264 2.80 12.98 -30.47
C ALA C 264 3.84 14.08 -30.21
N GLY C 265 5.08 13.67 -29.91
CA GLY C 265 6.10 14.72 -29.68
C GLY C 265 6.54 15.31 -31.05
N TYR C 266 5.98 14.84 -32.16
CA TYR C 266 6.44 15.31 -33.47
C TYR C 266 5.32 16.00 -34.25
N ARG C 267 4.18 16.25 -33.58
CA ARG C 267 3.05 16.84 -34.28
C ARG C 267 2.54 18.09 -33.58
N LYS C 268 1.58 18.73 -34.23
CA LYS C 268 1.02 19.94 -33.59
C LYS C 268 -0.24 19.59 -32.80
N GLY C 269 -0.62 20.41 -31.85
CA GLY C 269 -1.84 20.16 -31.09
C GLY C 269 -3.03 19.86 -32.01
N SER C 270 -3.23 20.69 -33.04
CA SER C 270 -4.36 20.45 -33.94
C SER C 270 -4.32 19.10 -34.61
N GLN C 271 -3.18 18.42 -34.65
CA GLN C 271 -3.10 17.11 -35.28
C GLN C 271 -3.09 15.97 -34.26
N VAL C 272 -3.28 16.37 -33.00
CA VAL C 272 -3.28 15.34 -31.95
C VAL C 272 -4.59 15.35 -31.17
N MSE C 273 -5.23 16.43 -30.76
CA MSE C 273 -6.41 16.24 -29.91
C MSE C 273 -7.51 15.45 -30.63
O MSE C 273 -7.57 15.46 -31.85
CB MSE C 273 -7.01 17.50 -29.30
CG MSE C 273 -6.09 18.65 -29.00
SE MSE C 273 -4.77 17.44 -27.46
CE MSE C 273 -2.77 17.80 -28.01
N ASP C 274 -8.33 14.72 -29.93
CA ASP C 274 -9.42 13.95 -30.51
C ASP C 274 -10.69 14.74 -30.24
N GLU C 275 -11.32 15.20 -31.35
CA GLU C 275 -12.48 16.05 -31.15
C GLU C 275 -13.62 15.29 -30.46
N ILE C 276 -14.49 16.06 -29.81
CA ILE C 276 -15.59 15.47 -29.06
C ILE C 276 -16.90 15.52 -29.86
N LEU C 277 -17.52 14.38 -30.05
CA LEU C 277 -18.79 14.27 -30.78
C LEU C 277 -19.88 13.71 -29.85
N TRP C 278 -21.13 13.85 -30.23
CA TRP C 278 -22.26 13.40 -29.41
C TRP C 278 -23.41 13.02 -30.34
N SER C 279 -24.17 12.02 -30.02
CA SER C 279 -25.30 11.59 -30.83
C SER C 279 -26.32 11.03 -29.83
N LYS C 280 -27.59 11.11 -30.15
CA LYS C 280 -28.62 10.62 -29.24
C LYS C 280 -28.48 9.11 -29.11
N GLU C 281 -28.04 8.49 -30.18
CA GLU C 281 -27.93 7.04 -30.25
C GLU C 281 -26.77 6.50 -29.42
N ASP C 282 -25.62 7.16 -29.37
CA ASP C 282 -24.48 6.65 -28.64
C ASP C 282 -23.94 7.53 -27.53
N GLY C 283 -24.47 8.73 -27.30
CA GLY C 283 -23.83 9.56 -26.24
C GLY C 283 -22.53 10.12 -26.82
N TYR C 284 -21.60 10.43 -25.94
CA TYR C 284 -20.34 11.02 -26.31
C TYR C 284 -19.35 10.03 -26.90
N THR C 285 -18.67 10.47 -27.94
CA THR C 285 -17.61 9.65 -28.55
C THR C 285 -16.48 10.60 -28.94
N ARG C 286 -15.49 10.15 -29.70
CA ARG C 286 -14.36 10.97 -30.13
C ARG C 286 -14.19 10.78 -31.66
N ARG C 287 -13.83 11.84 -32.39
CA ARG C 287 -13.72 11.66 -33.85
C ARG C 287 -12.57 10.73 -34.21
N THR C 288 -11.46 10.84 -33.44
CA THR C 288 -10.26 10.09 -33.74
C THR C 288 -9.76 9.47 -32.41
N ASN C 289 -8.72 8.64 -32.45
CA ASN C 289 -8.24 8.05 -31.21
C ASN C 289 -6.76 8.21 -31.07
N ASN C 290 -6.21 9.40 -31.42
CA ASN C 290 -4.81 9.70 -31.23
C ASN C 290 -4.37 9.55 -29.77
N LEU C 291 -5.28 9.79 -28.81
CA LEU C 291 -4.91 9.69 -27.40
C LEU C 291 -4.97 8.31 -26.81
N GLY C 292 -5.37 7.36 -27.64
CA GLY C 292 -5.38 5.96 -27.21
C GLY C 292 -6.22 5.67 -26.00
N GLY C 293 -7.40 6.33 -25.90
CA GLY C 293 -8.35 5.96 -24.88
C GLY C 293 -8.20 6.70 -23.56
N PHE C 294 -7.26 7.64 -23.47
CA PHE C 294 -7.01 8.31 -22.20
C PHE C 294 -6.99 9.83 -22.29
N GLU C 295 -7.71 10.47 -21.39
CA GLU C 295 -7.72 11.91 -21.20
C GLU C 295 -7.54 12.13 -19.69
N GLY C 296 -6.54 12.90 -19.26
CA GLY C 296 -6.52 13.20 -17.80
C GLY C 296 -6.29 11.96 -16.93
N GLY C 297 -5.66 10.94 -17.51
CA GLY C 297 -5.36 9.75 -16.71
C GLY C 297 -6.59 8.86 -16.56
N MSE C 298 -7.65 9.20 -17.30
CA MSE C 298 -8.91 8.46 -17.21
C MSE C 298 -9.36 7.88 -18.55
O MSE C 298 -9.15 8.50 -19.58
CB MSE C 298 -9.97 9.48 -16.76
CG MSE C 298 -9.66 10.11 -15.38
SE MSE C 298 -11.07 11.41 -14.97
CE MSE C 298 -10.57 12.57 -16.50
N THR C 299 -10.07 6.75 -18.58
CA THR C 299 -10.56 6.19 -19.85
C THR C 299 -11.64 7.08 -20.45
N ASN C 300 -11.50 7.41 -21.74
CA ASN C 300 -12.56 8.23 -22.35
C ASN C 300 -13.61 7.42 -23.09
N GLY C 301 -13.58 6.08 -23.09
CA GLY C 301 -14.63 5.33 -23.79
C GLY C 301 -14.13 4.88 -25.19
N GLN C 302 -13.07 5.48 -25.66
CA GLN C 302 -12.49 5.01 -26.94
C GLN C 302 -11.65 3.79 -26.63
N PRO C 303 -11.27 3.02 -27.64
CA PRO C 303 -10.45 1.86 -27.41
C PRO C 303 -9.14 2.28 -26.74
N ILE C 304 -8.72 1.46 -25.78
CA ILE C 304 -7.44 1.77 -25.14
C ILE C 304 -6.41 1.20 -26.13
N VAL C 305 -5.41 1.97 -26.47
CA VAL C 305 -4.39 1.51 -27.43
C VAL C 305 -3.02 1.72 -26.79
N VAL C 306 -2.35 0.61 -26.46
CA VAL C 306 -1.07 0.80 -25.79
C VAL C 306 0.01 -0.03 -26.44
N ARG C 307 1.24 0.50 -26.54
CA ARG C 307 2.28 -0.31 -27.17
C ARG C 307 3.45 -0.38 -26.20
N GLY C 308 4.14 -1.47 -26.22
CA GLY C 308 5.38 -1.69 -25.47
C GLY C 308 6.44 -2.21 -26.44
N VAL C 309 7.69 -1.85 -26.13
CA VAL C 309 8.84 -2.25 -26.90
C VAL C 309 9.63 -3.25 -26.07
N MSE C 310 9.77 -4.40 -26.73
CA MSE C 310 10.57 -5.46 -26.16
C MSE C 310 11.95 -5.39 -26.77
O MSE C 310 12.10 -5.50 -28.01
CB MSE C 310 9.91 -6.82 -26.39
CG MSE C 310 10.83 -7.89 -25.81
SE MSE C 310 10.21 -9.57 -26.48
CE MSE C 310 10.95 -10.82 -25.20
N LYS C 311 12.98 -5.31 -25.93
CA LYS C 311 14.34 -5.29 -26.49
C LYS C 311 14.63 -6.70 -26.99
N PRO C 312 15.67 -6.88 -27.79
CA PRO C 312 16.03 -8.22 -28.21
C PRO C 312 16.45 -9.08 -27.02
N ILE C 313 16.14 -10.36 -27.02
CA ILE C 313 16.49 -11.29 -25.95
C ILE C 313 18.00 -11.23 -25.72
N PRO C 314 18.42 -11.09 -24.49
CA PRO C 314 19.82 -10.90 -24.17
C PRO C 314 20.72 -12.11 -24.43
N THR C 315 20.21 -13.33 -24.31
CA THR C 315 21.06 -14.49 -24.52
C THR C 315 21.35 -14.73 -25.99
N LEU C 316 22.57 -14.46 -26.38
CA LEU C 316 23.06 -14.66 -27.73
C LEU C 316 23.82 -15.99 -27.78
N TYR C 317 23.55 -16.82 -28.81
CA TYR C 317 24.25 -18.10 -28.95
C TYR C 317 25.69 -17.80 -29.39
N LYS C 318 25.87 -16.56 -29.81
CA LYS C 318 27.19 -16.02 -30.15
C LYS C 318 27.43 -14.99 -29.05
N PRO C 319 27.88 -15.47 -27.89
CA PRO C 319 28.00 -14.64 -26.71
C PRO C 319 28.88 -13.42 -26.78
N LEU C 320 28.42 -12.36 -26.10
CA LEU C 320 29.15 -11.11 -26.00
C LEU C 320 30.17 -11.19 -24.86
N MSE C 321 31.02 -10.16 -24.77
CA MSE C 321 32.06 -10.03 -23.77
C MSE C 321 31.54 -9.84 -22.33
O MSE C 321 30.70 -8.98 -22.08
CB MSE C 321 32.90 -8.80 -24.08
CG MSE C 321 34.24 -8.60 -23.44
SE MSE C 321 34.88 -10.69 -23.40
CE MSE C 321 35.21 -12.00 -25.30
N SER C 322 32.25 -10.44 -21.38
CA SER C 322 31.90 -10.33 -19.97
C SER C 322 33.11 -10.57 -19.08
N VAL C 323 32.89 -10.86 -17.80
CA VAL C 323 33.93 -11.04 -16.82
C VAL C 323 33.59 -12.23 -15.93
N ASP C 324 34.56 -13.06 -15.59
CA ASP C 324 34.41 -14.21 -14.70
C ASP C 324 34.42 -13.67 -13.25
N ILE C 325 33.34 -13.87 -12.51
CA ILE C 325 33.27 -13.22 -11.20
C ILE C 325 34.21 -13.77 -10.14
N GLU C 326 34.73 -14.98 -10.33
CA GLU C 326 35.68 -15.54 -9.39
C GLU C 326 37.11 -15.08 -9.69
N THR C 327 37.41 -14.78 -10.97
CA THR C 327 38.77 -14.35 -11.26
C THR C 327 38.89 -12.91 -11.70
N HIS C 328 37.78 -12.23 -12.01
CA HIS C 328 37.82 -10.89 -12.53
C HIS C 328 38.49 -10.81 -13.92
N GLU C 329 38.63 -11.91 -14.65
CA GLU C 329 39.15 -11.89 -16.00
C GLU C 329 38.07 -11.78 -17.07
N PRO C 330 38.35 -11.14 -18.19
CA PRO C 330 37.41 -11.04 -19.30
C PRO C 330 37.14 -12.44 -19.83
N TYR C 331 35.92 -12.65 -20.30
CA TYR C 331 35.48 -13.95 -20.81
C TYR C 331 34.11 -13.81 -21.49
N LYS C 332 33.79 -14.69 -22.42
CA LYS C 332 32.51 -14.56 -23.13
C LYS C 332 31.39 -14.89 -22.15
N ALA C 333 30.20 -14.33 -22.35
CA ALA C 333 29.09 -14.61 -21.42
C ALA C 333 28.68 -16.09 -21.47
N THR C 334 27.90 -16.47 -20.47
CA THR C 334 27.38 -17.84 -20.48
C THR C 334 26.29 -17.94 -21.55
N VAL C 335 26.20 -19.12 -22.16
CA VAL C 335 25.18 -19.31 -23.18
C VAL C 335 24.16 -20.28 -22.60
N GLU C 336 22.99 -19.76 -22.23
CA GLU C 336 21.95 -20.64 -21.69
C GLU C 336 20.85 -20.90 -22.74
N ARG C 337 20.10 -22.00 -22.57
CA ARG C 337 19.03 -22.25 -23.56
C ARG C 337 18.13 -21.03 -23.75
N SER C 338 17.85 -20.64 -24.97
CA SER C 338 17.06 -19.46 -25.36
C SER C 338 16.66 -19.52 -26.83
N ASP C 339 15.93 -18.57 -27.39
CA ASP C 339 15.46 -18.54 -28.80
C ASP C 339 15.92 -17.31 -29.54
N PRO C 340 15.95 -17.15 -30.84
CA PRO C 340 16.24 -15.89 -31.52
C PRO C 340 15.21 -14.79 -31.25
N THR C 341 13.99 -15.13 -30.82
CA THR C 341 13.03 -14.06 -30.50
C THR C 341 11.89 -14.62 -29.68
N ALA C 342 11.27 -13.79 -28.82
CA ALA C 342 10.08 -14.28 -28.11
C ALA C 342 8.96 -13.22 -28.19
N LEU C 343 8.99 -12.40 -29.22
CA LEU C 343 8.04 -11.28 -29.35
C LEU C 343 6.59 -11.66 -29.34
N PRO C 344 6.11 -12.62 -30.13
CA PRO C 344 4.70 -13.01 -30.14
C PRO C 344 4.28 -13.36 -28.72
N ALA C 345 5.14 -14.10 -28.00
CA ALA C 345 4.78 -14.54 -26.66
C ALA C 345 4.75 -13.30 -25.76
N ALA C 346 5.68 -12.39 -25.94
CA ALA C 346 5.69 -11.19 -25.11
C ALA C 346 4.36 -10.45 -25.28
N GLY C 347 3.84 -10.39 -26.49
CA GLY C 347 2.56 -9.82 -26.82
C GLY C 347 1.45 -10.40 -25.93
N MSE C 348 1.44 -11.71 -25.76
CA MSE C 348 0.45 -12.37 -24.93
C MSE C 348 0.68 -11.90 -23.49
O MSE C 348 -0.29 -11.70 -22.75
CB MSE C 348 0.60 -13.89 -25.05
CG MSE C 348 -0.29 -14.69 -24.10
SE MSE C 348 -2.31 -14.44 -24.68
CE MSE C 348 -3.05 -13.40 -22.90
N VAL C 349 1.91 -11.84 -23.06
CA VAL C 349 2.19 -11.40 -21.68
C VAL C 349 1.65 -10.00 -21.50
N MSE C 350 1.89 -9.13 -22.49
CA MSE C 350 1.36 -7.76 -22.37
C MSE C 350 -0.16 -7.69 -22.28
O MSE C 350 -0.75 -6.87 -21.57
CB MSE C 350 1.80 -6.94 -23.60
CG MSE C 350 1.68 -5.48 -23.23
SE MSE C 350 1.95 -4.47 -25.08
CE MSE C 350 1.43 -2.63 -24.59
N GLU C 351 -0.78 -8.51 -23.12
CA GLU C 351 -2.24 -8.60 -23.14
C GLU C 351 -2.74 -8.94 -21.75
N ALA C 352 -2.13 -9.94 -21.10
CA ALA C 352 -2.58 -10.33 -19.76
C ALA C 352 -2.37 -9.29 -18.67
N VAL C 353 -1.23 -8.65 -18.74
CA VAL C 353 -0.85 -7.60 -17.78
C VAL C 353 -1.79 -6.42 -17.93
N VAL C 354 -2.13 -6.05 -19.17
CA VAL C 354 -3.04 -4.90 -19.37
C VAL C 354 -4.39 -5.23 -18.82
N ALA C 355 -4.88 -6.42 -19.15
CA ALA C 355 -6.14 -6.90 -18.64
C ALA C 355 -6.16 -6.92 -17.11
N THR C 356 -5.04 -7.35 -16.51
CA THR C 356 -4.94 -7.43 -15.04
C THR C 356 -5.15 -6.08 -14.38
N VAL C 357 -4.37 -5.09 -14.86
CA VAL C 357 -4.47 -3.73 -14.29
C VAL C 357 -5.89 -3.19 -14.44
N LEU C 358 -6.44 -3.31 -15.66
CA LEU C 358 -7.80 -2.88 -15.95
C LEU C 358 -8.87 -3.48 -15.04
N ALA C 359 -8.79 -4.79 -14.83
CA ALA C 359 -9.69 -5.46 -13.90
C ALA C 359 -9.46 -4.93 -12.48
N GLN C 360 -8.19 -4.68 -12.16
CA GLN C 360 -7.93 -4.10 -10.81
C GLN C 360 -8.61 -2.75 -10.68
N GLU C 361 -8.53 -1.96 -11.75
CA GLU C 361 -9.09 -0.60 -11.74
C GLU C 361 -10.63 -0.67 -11.66
N ILE C 362 -11.23 -1.61 -12.41
CA ILE C 362 -12.67 -1.79 -12.33
C ILE C 362 -13.09 -2.22 -10.92
N LEU C 363 -12.37 -3.17 -10.31
CA LEU C 363 -12.70 -3.64 -8.95
C LEU C 363 -12.53 -2.55 -7.90
N GLU C 364 -11.62 -1.58 -8.19
CA GLU C 364 -11.51 -0.47 -7.22
C GLU C 364 -12.70 0.49 -7.31
N LYS C 365 -13.09 0.73 -8.58
CA LYS C 365 -14.05 1.78 -8.86
C LYS C 365 -15.47 1.40 -8.53
N PHE C 366 -15.88 0.15 -8.75
CA PHE C 366 -17.22 -0.29 -8.55
C PHE C 366 -17.41 -1.26 -7.36
N SER C 367 -18.59 -1.26 -6.76
CA SER C 367 -18.98 -2.23 -5.71
C SER C 367 -18.70 -3.62 -6.30
N SER C 368 -17.82 -4.41 -5.78
CA SER C 368 -17.40 -5.64 -6.40
C SER C 368 -17.02 -6.75 -5.42
N ASP C 369 -17.74 -6.89 -4.31
CA ASP C 369 -17.61 -8.09 -3.47
C ASP C 369 -18.08 -9.33 -4.23
N ASN C 370 -19.09 -9.17 -5.08
CA ASN C 370 -19.62 -10.27 -5.86
C ASN C 370 -19.92 -9.77 -7.28
N LEU C 371 -19.99 -10.69 -8.23
CA LEU C 371 -20.16 -10.37 -9.63
C LEU C 371 -21.53 -9.74 -9.87
N GLU C 372 -22.52 -10.22 -9.11
CA GLU C 372 -23.86 -9.67 -9.34
C GLU C 372 -23.85 -8.18 -9.12
N GLU C 373 -23.45 -7.74 -7.92
CA GLU C 373 -23.43 -6.31 -7.64
C GLU C 373 -22.48 -5.57 -8.60
N LEU C 374 -21.36 -6.19 -8.98
CA LEU C 374 -20.43 -5.55 -9.91
C LEU C 374 -21.10 -5.32 -11.27
N LYS C 375 -21.75 -6.36 -11.80
CA LYS C 375 -22.39 -6.19 -13.11
C LYS C 375 -23.44 -5.09 -13.03
N GLU C 376 -24.16 -5.04 -11.92
CA GLU C 376 -25.19 -4.01 -11.79
C GLU C 376 -24.57 -2.62 -11.69
N ALA C 377 -23.48 -2.46 -10.96
CA ALA C 377 -22.82 -1.17 -10.83
C ALA C 377 -22.31 -0.68 -12.19
N VAL C 378 -21.75 -1.64 -12.96
CA VAL C 378 -21.21 -1.29 -14.28
C VAL C 378 -22.33 -0.92 -15.25
N ALA C 379 -23.41 -1.65 -15.31
CA ALA C 379 -24.51 -1.34 -16.24
C ALA C 379 -25.02 0.04 -15.92
N LYS C 380 -25.27 0.24 -14.63
CA LYS C 380 -25.79 1.52 -14.14
C LYS C 380 -24.85 2.66 -14.52
N HIS C 381 -23.55 2.49 -14.36
CA HIS C 381 -22.58 3.53 -14.73
C HIS C 381 -22.59 3.78 -16.22
N ARG C 382 -22.65 2.71 -17.01
CA ARG C 382 -22.75 2.84 -18.46
C ARG C 382 -24.01 3.63 -18.84
N ASP C 383 -25.11 3.39 -18.12
CA ASP C 383 -26.34 4.11 -18.47
C ASP C 383 -26.16 5.61 -18.20
N TYR C 384 -25.61 5.94 -17.04
CA TYR C 384 -25.35 7.30 -16.62
C TYR C 384 -24.49 7.98 -17.68
N THR C 385 -23.39 7.28 -18.04
CA THR C 385 -22.45 7.78 -19.04
C THR C 385 -23.16 8.10 -20.34
N LYS C 386 -23.93 7.13 -20.82
CA LYS C 386 -24.67 7.29 -22.07
C LYS C 386 -25.60 8.48 -22.02
N ASN C 387 -26.18 8.77 -20.84
CA ASN C 387 -27.14 9.87 -20.78
C ASN C 387 -26.56 11.17 -20.26
N TYR C 388 -25.28 11.27 -20.00
CA TYR C 388 -24.69 12.52 -19.48
C TYR C 388 -24.91 13.72 -20.38
N MSE D 1 9.06 6.45 2.18
CA MSE D 1 8.72 7.89 1.97
C MSE D 1 7.49 7.99 1.03
O MSE D 1 7.34 7.22 0.09
CB MSE D 1 9.84 8.72 1.42
CG MSE D 1 9.67 10.24 1.60
SE MSE D 1 9.30 10.64 -0.43
CE MSE D 1 11.04 10.63 -1.03
N ARG D 2 6.59 8.86 1.41
CA ARG D 2 5.34 9.03 0.67
C ARG D 2 4.89 10.48 0.73
N TYR D 3 3.87 10.83 -0.08
CA TYR D 3 3.51 12.26 -0.06
C TYR D 3 2.15 12.44 -0.74
N LEU D 4 1.55 13.60 -0.53
CA LEU D 4 0.31 13.93 -1.24
C LEU D 4 0.42 15.40 -1.68
N THR D 5 -0.06 15.79 -2.87
CA THR D 5 -0.05 17.20 -3.27
C THR D 5 -1.52 17.63 -3.24
N ALA D 6 -1.82 18.91 -3.11
CA ALA D 6 -3.18 19.38 -3.08
C ALA D 6 -3.19 20.84 -3.53
N GLY D 7 -4.35 21.34 -3.89
CA GLY D 7 -4.52 22.73 -4.34
C GLY D 7 -5.20 22.74 -5.69
N GLU D 8 -5.83 23.86 -5.99
CA GLU D 8 -6.52 24.15 -7.23
C GLU D 8 -5.82 25.29 -7.95
N SER D 9 -5.87 25.27 -9.30
CA SER D 9 -5.15 26.26 -10.07
C SER D 9 -5.48 27.68 -9.57
N HIS D 10 -6.79 27.92 -9.45
CA HIS D 10 -7.19 29.26 -8.98
C HIS D 10 -7.72 29.25 -7.54
N GLY D 11 -7.27 28.31 -6.73
CA GLY D 11 -7.51 28.30 -5.30
C GLY D 11 -6.51 29.26 -4.60
N PRO D 12 -6.57 29.34 -3.27
CA PRO D 12 -5.75 30.24 -2.51
C PRO D 12 -4.29 29.80 -2.53
N ARG D 13 -4.03 28.49 -2.54
CA ARG D 13 -2.65 28.06 -2.49
C ARG D 13 -2.51 26.55 -2.72
N LEU D 14 -1.30 26.12 -2.91
CA LEU D 14 -1.01 24.71 -3.14
C LEU D 14 -0.29 24.24 -1.88
N THR D 15 -0.43 22.96 -1.57
CA THR D 15 0.16 22.35 -0.42
C THR D 15 0.67 20.96 -0.78
N ALA D 16 1.75 20.53 -0.17
CA ALA D 16 2.24 19.18 -0.24
C ALA D 16 2.70 18.77 1.16
N ILE D 17 2.52 17.48 1.49
CA ILE D 17 3.03 16.95 2.73
C ILE D 17 3.91 15.76 2.35
N ILE D 18 5.14 15.72 2.79
CA ILE D 18 6.02 14.57 2.58
C ILE D 18 6.27 13.87 3.93
N GLU D 19 5.95 12.58 4.04
CA GLU D 19 6.10 11.78 5.23
C GLU D 19 7.21 10.77 4.97
N GLY D 20 8.19 10.71 5.85
CA GLY D 20 9.24 9.70 5.73
C GLY D 20 10.60 10.17 5.27
N ILE D 21 10.85 11.48 5.16
CA ILE D 21 12.23 11.94 4.89
C ILE D 21 13.06 11.67 6.13
N PRO D 22 14.32 11.24 6.03
CA PRO D 22 15.11 11.02 7.20
C PRO D 22 15.34 12.34 7.92
N ALA D 23 15.61 12.21 9.23
CA ALA D 23 15.98 13.31 10.07
C ALA D 23 17.42 13.69 9.71
N GLY D 24 17.77 14.94 9.91
CA GLY D 24 19.15 15.35 9.69
C GLY D 24 19.43 15.90 8.31
N LEU D 25 18.45 16.02 7.40
CA LEU D 25 18.89 16.50 6.05
C LEU D 25 18.98 17.99 5.98
N PRO D 26 20.09 18.65 5.63
CA PRO D 26 20.06 20.11 5.50
C PRO D 26 19.07 20.46 4.40
N LEU D 27 18.19 21.42 4.65
CA LEU D 27 17.18 21.80 3.69
C LEU D 27 16.72 23.23 3.96
N THR D 28 16.79 24.03 2.88
CA THR D 28 16.36 25.40 2.97
C THR D 28 15.29 25.70 1.93
N ALA D 29 14.62 26.83 2.08
CA ALA D 29 13.63 27.24 1.07
C ALA D 29 14.31 27.48 -0.27
N GLU D 30 15.54 28.01 -0.34
CA GLU D 30 16.23 28.22 -1.59
C GLU D 30 16.46 26.89 -2.31
N ASP D 31 16.63 25.82 -1.52
CA ASP D 31 16.74 24.51 -2.14
C ASP D 31 15.51 24.19 -2.97
N ILE D 32 14.37 24.75 -2.60
CA ILE D 32 13.13 24.44 -3.34
C ILE D 32 12.87 25.49 -4.43
N ASN D 33 13.11 26.76 -4.05
CA ASN D 33 12.80 27.87 -4.96
C ASN D 33 13.56 27.81 -6.28
N GLU D 34 14.82 27.35 -6.25
CA GLU D 34 15.56 27.27 -7.49
C GLU D 34 14.84 26.41 -8.54
N ASP D 35 14.34 25.26 -8.10
CA ASP D 35 13.57 24.40 -9.02
C ASP D 35 12.23 25.04 -9.30
N LEU D 36 11.58 25.67 -8.29
CA LEU D 36 10.28 26.25 -8.63
C LEU D 36 10.48 27.27 -9.75
N ARG D 37 11.54 28.06 -9.66
CA ARG D 37 11.77 29.07 -10.68
C ARG D 37 12.02 28.40 -12.05
N ARG D 38 12.85 27.37 -12.08
CA ARG D 38 13.07 26.68 -13.36
C ARG D 38 11.76 26.18 -13.94
N ARG D 39 10.81 25.75 -13.10
CA ARG D 39 9.56 25.20 -13.64
C ARG D 39 8.66 26.25 -14.29
N GLN D 40 8.77 27.51 -13.88
CA GLN D 40 7.90 28.56 -14.40
C GLN D 40 8.34 29.01 -15.80
N GLY D 41 9.55 28.74 -16.17
CA GLY D 41 10.18 29.29 -17.34
C GLY D 41 10.12 28.41 -18.58
N GLY D 42 10.98 28.75 -19.51
CA GLY D 42 11.02 28.07 -20.82
C GLY D 42 10.29 28.99 -21.82
N TYR D 43 10.95 29.19 -22.96
CA TYR D 43 10.42 30.04 -24.02
C TYR D 43 9.08 29.51 -24.50
N GLY D 44 8.02 30.32 -24.54
CA GLY D 44 6.72 29.83 -24.97
C GLY D 44 5.71 29.95 -23.83
N ARG D 45 6.14 30.02 -22.57
CA ARG D 45 5.17 30.16 -21.50
C ARG D 45 4.93 31.64 -21.28
N GLY D 46 3.68 32.00 -20.99
CA GLY D 46 3.48 33.44 -20.76
C GLY D 46 2.54 33.65 -19.59
N GLY D 47 1.54 34.49 -19.81
CA GLY D 47 0.45 34.76 -18.91
C GLY D 47 0.60 34.52 -17.43
N ARG D 48 -0.04 33.44 -16.97
CA ARG D 48 0.00 33.16 -15.52
C ARG D 48 1.44 33.22 -15.02
N MSE D 49 2.42 32.75 -15.81
CA MSE D 49 3.78 32.67 -15.34
C MSE D 49 4.37 34.06 -15.07
O MSE D 49 5.41 34.15 -14.42
CB MSE D 49 4.70 31.93 -16.33
CG MSE D 49 4.06 30.62 -16.79
SE MSE D 49 4.21 29.60 -14.76
CE MSE D 49 2.41 29.66 -14.19
N LYS D 50 3.74 35.12 -15.54
CA LYS D 50 4.32 36.44 -15.26
C LYS D 50 3.56 37.11 -14.12
N ILE D 51 2.57 36.37 -13.65
CA ILE D 51 1.75 36.76 -12.52
C ILE D 51 2.26 36.06 -11.26
N GLU D 52 2.64 34.78 -11.36
CA GLU D 52 3.12 34.07 -10.18
C GLU D 52 4.61 34.25 -9.99
N ASN D 53 5.07 34.12 -8.76
CA ASN D 53 6.51 34.15 -8.45
C ASN D 53 6.60 33.06 -7.36
N ASP D 54 6.70 31.81 -7.84
CA ASP D 54 6.48 30.70 -6.90
C ASP D 54 7.62 30.58 -5.90
N GLN D 55 7.32 30.73 -4.63
CA GLN D 55 8.33 30.44 -3.61
C GLN D 55 7.72 29.54 -2.52
N VAL D 56 8.51 28.74 -1.82
CA VAL D 56 7.95 27.86 -0.79
C VAL D 56 7.89 28.45 0.62
N VAL D 57 6.93 27.93 1.39
CA VAL D 57 6.79 28.30 2.80
C VAL D 57 6.71 26.95 3.57
N PHE D 58 7.75 26.70 4.36
CA PHE D 58 7.70 25.47 5.14
C PHE D 58 6.89 25.73 6.42
N THR D 59 6.06 24.76 6.80
CA THR D 59 5.27 24.92 8.06
C THR D 59 5.41 23.69 8.97
N SER D 60 6.19 22.68 8.59
CA SER D 60 6.46 21.55 9.47
C SER D 60 7.64 20.76 8.96
N GLY D 61 8.24 19.99 9.87
CA GLY D 61 9.28 19.02 9.55
C GLY D 61 10.68 19.53 9.32
N VAL D 62 10.83 20.86 9.42
CA VAL D 62 12.15 21.46 9.20
C VAL D 62 12.43 22.40 10.38
N ARG D 63 13.60 22.24 10.97
CA ARG D 63 13.99 22.99 12.15
C ARG D 63 15.44 23.43 12.01
N HIS D 64 15.65 24.75 12.11
CA HIS D 64 17.03 25.26 12.03
C HIS D 64 17.83 24.71 10.87
N GLY D 65 17.31 24.69 9.64
CA GLY D 65 18.00 24.23 8.48
C GLY D 65 18.06 22.76 8.18
N LYS D 66 17.50 21.93 9.04
CA LYS D 66 17.54 20.49 8.85
C LYS D 66 16.17 19.84 9.10
N THR D 67 15.89 18.75 8.38
CA THR D 67 14.64 18.03 8.60
C THR D 67 14.76 17.39 9.97
N THR D 68 13.64 16.95 10.56
CA THR D 68 13.69 16.25 11.84
C THR D 68 13.13 14.83 11.73
N GLY D 69 12.69 14.40 10.55
CA GLY D 69 12.09 13.09 10.37
C GLY D 69 10.54 13.21 10.48
N ALA D 70 10.02 14.33 10.91
CA ALA D 70 8.54 14.52 10.98
C ALA D 70 8.00 14.89 9.60
N PRO D 71 6.69 14.81 9.33
CA PRO D 71 6.15 15.22 8.08
C PRO D 71 6.55 16.67 7.75
N ILE D 72 6.86 16.86 6.48
CA ILE D 72 7.29 18.18 6.00
C ILE D 72 6.14 18.79 5.20
N THR D 73 5.77 20.03 5.52
CA THR D 73 4.67 20.64 4.76
C THR D 73 5.26 21.87 4.06
N MSE D 74 4.96 22.05 2.79
CA MSE D 74 5.41 23.13 1.94
C MSE D 74 4.17 23.75 1.28
O MSE D 74 3.25 23.03 0.88
CB MSE D 74 6.38 22.57 0.89
CG MSE D 74 7.57 21.97 1.72
SE MSE D 74 8.65 21.47 0.04
CE MSE D 74 7.67 19.86 -0.62
N ASP D 75 4.11 25.06 1.30
CA ASP D 75 3.02 25.81 0.69
C ASP D 75 3.61 26.62 -0.49
N VAL D 76 2.78 26.94 -1.46
CA VAL D 76 3.09 27.90 -2.50
C VAL D 76 1.78 28.66 -2.75
N ILE D 77 1.81 29.95 -2.48
CA ILE D 77 0.63 30.77 -2.68
C ILE D 77 0.27 30.94 -4.14
N ASN D 78 -1.02 31.11 -4.44
CA ASN D 78 -1.45 31.52 -5.80
C ASN D 78 -1.82 33.02 -5.73
N LYS D 79 -0.90 33.86 -6.21
CA LYS D 79 -1.17 35.29 -6.26
C LYS D 79 -2.44 35.53 -7.07
N ASP D 80 -2.66 34.82 -8.15
CA ASP D 80 -3.84 35.07 -8.98
C ASP D 80 -5.17 34.91 -8.24
N HIS D 81 -5.23 34.23 -7.10
CA HIS D 81 -6.46 33.91 -6.38
C HIS D 81 -7.30 35.13 -6.03
N GLN D 82 -6.67 36.29 -5.84
CA GLN D 82 -7.43 37.48 -5.48
C GLN D 82 -8.40 37.86 -6.62
N LYS D 83 -8.26 37.26 -7.80
CA LYS D 83 -9.25 37.58 -8.85
C LYS D 83 -10.36 36.55 -8.88
N TRP D 84 -10.20 35.44 -8.16
CA TRP D 84 -11.19 34.38 -8.09
C TRP D 84 -11.76 34.16 -6.69
N LEU D 85 -11.84 35.18 -5.84
CA LEU D 85 -12.33 34.98 -4.47
C LEU D 85 -13.72 34.40 -4.29
N ASP D 86 -14.69 34.85 -5.07
CA ASP D 86 -16.04 34.33 -5.07
C ASP D 86 -16.12 32.99 -5.83
N ILE D 87 -15.63 32.96 -7.07
CA ILE D 87 -15.66 31.80 -7.92
C ILE D 87 -15.06 30.57 -7.22
N MSE D 88 -13.96 30.76 -6.50
CA MSE D 88 -13.26 29.63 -5.87
C MSE D 88 -13.34 29.62 -4.36
O MSE D 88 -12.72 28.74 -3.76
CB MSE D 88 -11.78 29.70 -6.31
CG MSE D 88 -11.56 29.44 -7.79
SE MSE D 88 -12.25 27.64 -8.29
CE MSE D 88 -10.73 26.59 -7.53
N SER D 89 -14.33 30.33 -3.81
CA SER D 89 -14.57 30.29 -2.38
C SER D 89 -14.88 28.89 -1.88
N ALA D 90 -14.30 28.51 -0.72
CA ALA D 90 -14.67 27.24 -0.13
C ALA D 90 -16.11 27.33 0.38
N GLU D 91 -16.53 28.50 0.87
CA GLU D 91 -17.90 28.61 1.43
C GLU D 91 -18.94 28.83 0.33
N ASP D 92 -20.20 28.53 0.58
CA ASP D 92 -21.25 28.79 -0.41
C ASP D 92 -21.40 30.29 -0.67
N ILE D 93 -21.83 30.72 -1.83
CA ILE D 93 -22.09 32.08 -2.26
C ILE D 93 -23.48 32.11 -2.89
N GLU D 94 -24.19 33.22 -3.15
CA GLU D 94 -25.54 33.03 -3.74
C GLU D 94 -25.61 32.48 -5.16
N ASP D 95 -26.55 31.56 -5.39
CA ASP D 95 -26.81 30.93 -6.67
C ASP D 95 -26.27 31.78 -7.83
N ARG D 96 -26.72 33.01 -7.82
CA ARG D 96 -26.56 34.04 -8.81
C ARG D 96 -25.11 34.31 -9.22
N LEU D 97 -24.15 34.10 -8.34
CA LEU D 97 -22.75 34.33 -8.67
C LEU D 97 -22.06 33.06 -9.17
N LYS D 98 -22.58 31.90 -8.82
CA LYS D 98 -21.98 30.62 -9.18
C LYS D 98 -21.80 30.42 -10.68
N SER D 99 -22.63 31.08 -11.46
CA SER D 99 -22.66 30.97 -12.91
C SER D 99 -21.38 31.49 -13.55
N LYS D 100 -20.65 32.25 -12.75
CA LYS D 100 -19.42 32.91 -13.18
C LYS D 100 -18.29 31.96 -13.52
N ARG D 101 -17.78 32.12 -14.74
CA ARG D 101 -16.71 31.29 -15.28
C ARG D 101 -17.08 29.81 -15.27
N LYS D 102 -18.38 29.52 -15.29
CA LYS D 102 -18.88 28.14 -15.32
C LYS D 102 -18.58 27.53 -16.68
N ILE D 103 -17.99 26.34 -16.73
CA ILE D 103 -17.62 25.73 -17.98
C ILE D 103 -18.55 24.57 -18.38
N THR D 104 -19.11 24.71 -19.56
CA THR D 104 -19.97 23.67 -20.15
C THR D 104 -19.44 23.21 -21.50
N HIS D 105 -18.28 23.68 -21.95
CA HIS D 105 -17.76 23.32 -23.28
C HIS D 105 -16.41 22.65 -23.04
N PRO D 106 -16.41 21.31 -22.98
CA PRO D 106 -15.20 20.57 -22.69
C PRO D 106 -14.12 20.72 -23.72
N ARG D 107 -12.86 20.77 -23.25
CA ARG D 107 -11.85 20.87 -24.28
C ARG D 107 -11.23 19.52 -24.62
N PRO D 108 -11.21 19.25 -25.92
CA PRO D 108 -10.60 18.04 -26.46
C PRO D 108 -9.17 18.00 -25.90
N GLY D 109 -8.74 16.78 -25.56
CA GLY D 109 -7.46 16.53 -25.01
C GLY D 109 -7.32 16.82 -23.52
N HIS D 110 -8.32 17.42 -22.88
CA HIS D 110 -8.13 17.68 -21.43
C HIS D 110 -9.00 16.77 -20.58
N ALA D 111 -8.99 16.91 -19.25
CA ALA D 111 -9.81 16.06 -18.41
C ALA D 111 -11.25 16.55 -18.24
N ASP D 112 -11.63 17.69 -18.79
CA ASP D 112 -12.94 18.27 -18.54
C ASP D 112 -14.11 17.31 -18.60
N LEU D 113 -14.40 16.74 -19.79
CA LEU D 113 -15.62 15.97 -19.95
C LEU D 113 -15.64 14.68 -19.12
N VAL D 114 -14.55 13.94 -19.23
CA VAL D 114 -14.51 12.65 -18.49
C VAL D 114 -14.54 12.83 -16.98
N GLY D 115 -13.94 13.93 -16.50
CA GLY D 115 -13.94 14.29 -15.09
C GLY D 115 -15.37 14.66 -14.71
N GLY D 116 -16.09 15.30 -15.65
CA GLY D 116 -17.51 15.62 -15.35
C GLY D 116 -18.35 14.36 -15.26
N ILE D 117 -18.19 13.36 -16.14
CA ILE D 117 -18.96 12.11 -16.07
C ILE D 117 -18.66 11.30 -14.81
N LYS D 118 -17.38 11.11 -14.49
CA LYS D 118 -16.87 10.41 -13.35
C LYS D 118 -17.32 10.95 -11.98
N TYR D 119 -17.27 12.27 -11.83
CA TYR D 119 -17.59 12.95 -10.60
C TYR D 119 -18.97 13.61 -10.61
N ARG D 120 -19.66 13.47 -11.75
CA ARG D 120 -20.99 14.02 -11.93
C ARG D 120 -21.11 15.51 -11.69
N PHE D 121 -20.24 16.28 -12.36
CA PHE D 121 -20.24 17.73 -12.20
C PHE D 121 -21.22 18.44 -13.12
N ASP D 122 -21.78 19.57 -12.76
CA ASP D 122 -22.58 20.40 -13.67
C ASP D 122 -21.70 21.56 -14.16
N ASP D 123 -20.55 21.77 -13.55
CA ASP D 123 -19.54 22.78 -13.87
C ASP D 123 -18.17 22.12 -14.02
N LEU D 124 -17.63 22.09 -15.22
CA LEU D 124 -16.41 21.44 -15.59
C LEU D 124 -15.19 22.20 -15.06
N ARG D 125 -15.38 23.41 -14.54
CA ARG D 125 -14.29 24.09 -13.86
C ARG D 125 -13.91 23.17 -12.66
N ASN D 126 -14.84 22.38 -12.20
CA ASN D 126 -14.51 21.52 -11.02
C ASN D 126 -13.59 20.37 -11.42
N SER D 127 -13.45 20.19 -12.74
CA SER D 127 -12.49 19.20 -13.20
C SER D 127 -11.16 19.92 -13.52
N LEU D 128 -11.30 21.11 -14.11
CA LEU D 128 -10.19 21.90 -14.62
C LEU D 128 -9.27 22.30 -13.49
N GLU D 129 -9.85 22.90 -12.46
CA GLU D 129 -9.06 23.41 -11.33
C GLU D 129 -8.08 22.39 -10.75
N ARG D 130 -8.47 21.09 -10.70
CA ARG D 130 -7.47 20.17 -10.11
C ARG D 130 -6.63 19.56 -11.24
N SER D 131 -7.19 19.29 -12.42
CA SER D 131 -6.41 18.53 -13.43
C SER D 131 -5.31 19.44 -14.02
N SER D 132 -5.50 20.77 -13.78
CA SER D 132 -4.47 21.66 -14.35
C SER D 132 -3.06 21.34 -13.88
N ALA D 133 -2.07 21.63 -14.72
CA ALA D 133 -0.67 21.38 -14.40
C ALA D 133 -0.12 22.36 -13.38
N ARG D 134 -0.87 23.32 -12.89
CA ARG D 134 -0.41 24.16 -11.77
C ARG D 134 0.09 23.22 -10.66
N GLU D 135 -0.54 22.05 -10.60
CA GLU D 135 -0.20 21.05 -9.56
C GLU D 135 1.23 20.56 -9.66
N THR D 136 1.81 20.58 -10.86
CA THR D 136 3.17 20.10 -11.03
C THR D 136 4.14 20.97 -10.23
N THR D 137 3.70 22.15 -9.83
CA THR D 137 4.50 23.03 -8.97
C THR D 137 4.86 22.30 -7.66
N MSE D 138 3.90 21.52 -7.15
CA MSE D 138 4.14 20.87 -5.85
C MSE D 138 4.92 19.57 -6.14
O MSE D 138 5.65 19.15 -5.28
CB MSE D 138 2.89 20.58 -5.07
CG MSE D 138 1.95 21.67 -4.66
SE MSE D 138 3.32 23.23 -4.03
CE MSE D 138 4.10 22.28 -2.37
N ARG D 139 4.76 18.99 -7.33
CA ARG D 139 5.57 17.83 -7.64
C ARG D 139 7.04 18.24 -7.70
N VAL D 140 7.33 19.41 -8.25
CA VAL D 140 8.72 19.90 -8.36
C VAL D 140 9.24 20.19 -6.95
N ALA D 141 8.38 20.80 -6.14
CA ALA D 141 8.71 21.08 -4.74
C ALA D 141 9.12 19.79 -4.01
N VAL D 142 8.35 18.70 -4.21
CA VAL D 142 8.69 17.42 -3.57
C VAL D 142 9.97 16.86 -4.16
N GLY D 143 10.11 17.01 -5.51
CA GLY D 143 11.37 16.53 -6.12
C GLY D 143 12.60 17.30 -5.65
N ALA D 144 12.45 18.57 -5.31
CA ALA D 144 13.64 19.31 -4.83
C ALA D 144 14.12 18.78 -3.47
N VAL D 145 13.16 18.38 -2.64
CA VAL D 145 13.54 17.70 -1.38
C VAL D 145 14.23 16.38 -1.72
N ALA D 146 13.67 15.60 -2.67
CA ALA D 146 14.28 14.34 -3.05
C ALA D 146 15.73 14.57 -3.55
N LYS D 147 15.86 15.61 -4.40
CA LYS D 147 17.17 15.97 -4.91
C LYS D 147 18.20 16.31 -3.83
N ARG D 148 17.85 16.99 -2.75
CA ARG D 148 18.78 17.23 -1.66
C ARG D 148 19.31 15.88 -1.18
N LEU D 149 18.42 14.89 -1.08
CA LEU D 149 18.93 13.59 -0.65
C LEU D 149 19.95 13.01 -1.60
N LEU D 150 19.66 12.97 -2.89
CA LEU D 150 20.54 12.53 -3.93
C LEU D 150 21.86 13.33 -3.89
N ALA D 151 21.76 14.62 -3.64
CA ALA D 151 23.01 15.41 -3.60
C ALA D 151 23.83 14.91 -2.41
N GLU D 152 23.18 14.65 -1.26
CA GLU D 152 24.01 14.20 -0.12
C GLU D 152 24.67 12.87 -0.38
N LEU D 153 24.14 12.16 -1.37
CA LEU D 153 24.65 10.83 -1.69
C LEU D 153 25.55 10.85 -2.95
N ASP D 154 25.93 12.03 -3.37
CA ASP D 154 26.87 12.32 -4.41
C ASP D 154 26.33 11.91 -5.79
N MSE D 155 25.02 12.05 -5.95
CA MSE D 155 24.42 11.73 -7.24
C MSE D 155 24.09 13.01 -7.97
O MSE D 155 24.05 14.07 -7.30
CB MSE D 155 23.18 10.85 -7.03
CG MSE D 155 23.65 9.54 -6.39
SE MSE D 155 21.88 8.63 -5.85
CE MSE D 155 21.26 8.41 -7.42
N GLU D 156 23.96 12.92 -9.29
CA GLU D 156 23.65 14.15 -10.05
C GLU D 156 22.48 13.89 -10.98
N ILE D 157 21.69 14.91 -11.28
CA ILE D 157 20.57 14.65 -12.19
C ILE D 157 20.44 15.88 -13.10
N ALA D 158 19.89 15.69 -14.27
CA ALA D 158 19.72 16.76 -15.23
C ALA D 158 18.61 16.34 -16.21
N ASN D 159 18.08 17.33 -16.90
CA ASN D 159 17.08 17.11 -17.92
C ASN D 159 17.34 17.97 -19.13
N HIS D 160 16.97 17.51 -20.31
CA HIS D 160 17.12 18.37 -21.49
C HIS D 160 16.14 17.95 -22.57
N VAL D 161 15.80 18.90 -23.43
CA VAL D 161 14.88 18.65 -24.53
C VAL D 161 15.67 17.99 -25.66
N VAL D 162 15.19 16.83 -26.12
CA VAL D 162 15.85 16.14 -27.20
C VAL D 162 14.99 16.10 -28.48
N VAL D 163 13.73 16.48 -28.37
CA VAL D 163 12.84 16.60 -29.53
C VAL D 163 11.90 17.75 -29.21
N PHE D 164 11.82 18.80 -30.04
CA PHE D 164 10.97 19.93 -29.79
C PHE D 164 10.01 20.10 -30.96
N GLY D 165 8.79 19.63 -30.79
CA GLY D 165 7.77 19.75 -31.81
C GLY D 165 8.21 19.11 -33.12
N GLY D 166 8.94 18.01 -33.10
CA GLY D 166 9.47 17.39 -34.31
C GLY D 166 10.93 17.56 -34.62
N LYS D 167 11.58 18.60 -34.09
CA LYS D 167 13.01 18.84 -34.27
C LYS D 167 13.85 17.99 -33.36
N GLU D 168 14.61 17.04 -33.91
CA GLU D 168 15.41 16.13 -33.11
C GLU D 168 16.73 16.83 -32.81
N ILE D 169 17.06 17.03 -31.55
CA ILE D 169 18.25 17.77 -31.19
C ILE D 169 19.42 16.79 -31.09
N ASP D 170 20.39 17.07 -31.94
CA ASP D 170 21.62 16.33 -32.05
C ASP D 170 22.45 16.70 -30.84
N VAL D 171 22.46 15.80 -29.89
CA VAL D 171 23.17 15.96 -28.63
C VAL D 171 24.59 15.45 -28.83
N PRO D 172 25.59 16.16 -28.34
CA PRO D 172 26.97 15.77 -28.46
C PRO D 172 27.17 14.43 -27.76
N GLU D 173 28.22 13.72 -28.12
CA GLU D 173 28.46 12.40 -27.57
C GLU D 173 29.25 12.57 -26.27
N ASN D 174 28.99 11.68 -25.35
CA ASN D 174 29.65 11.59 -24.06
C ASN D 174 29.80 12.83 -23.21
N LEU D 175 28.66 13.44 -22.92
CA LEU D 175 28.59 14.56 -21.99
C LEU D 175 28.41 13.96 -20.60
N THR D 176 28.93 14.57 -19.57
CA THR D 176 28.69 14.12 -18.20
C THR D 176 27.31 14.62 -17.77
N VAL D 177 26.77 14.15 -16.66
CA VAL D 177 25.48 14.67 -16.21
C VAL D 177 25.67 16.15 -15.89
N ALA D 178 26.83 16.49 -15.33
CA ALA D 178 27.10 17.89 -14.97
C ALA D 178 27.14 18.77 -16.20
N GLU D 179 27.61 18.21 -17.31
CA GLU D 179 27.73 18.99 -18.55
C GLU D 179 26.34 19.18 -19.12
N ILE D 180 25.58 18.10 -19.01
CA ILE D 180 24.20 18.19 -19.54
C ILE D 180 23.47 19.28 -18.79
N LYS D 181 23.53 19.26 -17.46
CA LYS D 181 22.80 20.29 -16.70
C LYS D 181 23.30 21.70 -16.95
N GLN D 182 24.63 21.88 -17.09
CA GLN D 182 25.14 23.23 -17.35
C GLN D 182 24.78 23.75 -18.73
N ARG D 183 24.98 22.98 -19.77
CA ARG D 183 24.62 23.45 -21.10
C ARG D 183 23.13 23.78 -21.17
N ALA D 184 22.33 22.80 -20.70
CA ALA D 184 20.90 22.97 -20.72
C ALA D 184 20.46 24.24 -20.01
N ALA D 185 21.10 24.58 -18.89
CA ALA D 185 20.69 25.74 -18.11
C ALA D 185 20.95 27.06 -18.84
N GLN D 186 21.80 27.00 -19.85
CA GLN D 186 22.13 28.19 -20.61
C GLN D 186 21.08 28.43 -21.69
N SER D 187 20.27 27.43 -22.03
CA SER D 187 19.28 27.60 -23.08
C SER D 187 17.90 28.01 -22.58
N GLU D 188 17.14 28.79 -23.32
CA GLU D 188 15.78 29.13 -22.98
C GLU D 188 14.82 28.03 -23.44
N VAL D 189 15.36 26.98 -24.07
CA VAL D 189 14.54 25.88 -24.53
C VAL D 189 15.10 24.56 -24.05
N SER D 190 15.96 24.56 -23.05
CA SER D 190 16.60 23.38 -22.46
C SER D 190 17.30 22.41 -23.39
N ILE D 191 17.95 22.98 -24.40
CA ILE D 191 18.68 22.13 -25.35
C ILE D 191 20.15 22.26 -25.08
N VAL D 192 20.85 21.15 -25.21
CA VAL D 192 22.28 21.12 -24.92
C VAL D 192 23.10 21.65 -26.09
N ASN D 193 22.59 21.61 -27.28
CA ASN D 193 23.22 22.13 -28.50
C ASN D 193 22.34 23.28 -29.01
N GLN D 194 22.74 24.51 -28.82
CA GLN D 194 22.00 25.69 -29.22
C GLN D 194 22.02 26.22 -30.63
N GLU D 195 22.77 25.68 -31.57
CA GLU D 195 22.74 26.29 -32.92
C GLU D 195 21.30 26.22 -33.41
N ARG D 196 20.55 25.51 -32.56
CA ARG D 196 19.14 25.35 -32.89
C ARG D 196 18.29 26.29 -32.04
N GLU D 197 18.94 26.97 -31.09
CA GLU D 197 18.20 27.84 -30.19
C GLU D 197 17.27 28.78 -30.93
N GLN D 198 17.82 29.53 -31.91
CA GLN D 198 16.92 30.52 -32.56
C GLN D 198 15.92 29.87 -33.46
N GLU D 199 16.38 28.79 -34.11
CA GLU D 199 15.43 28.03 -34.96
C GLU D 199 14.24 27.51 -34.15
N ILE D 200 14.54 26.90 -33.00
CA ILE D 200 13.33 26.43 -32.21
C ILE D 200 12.40 27.57 -31.79
N LYS D 201 12.98 28.69 -31.32
CA LYS D 201 12.16 29.83 -30.90
C LYS D 201 11.25 30.34 -32.00
N ASP D 202 11.83 30.55 -33.20
CA ASP D 202 11.05 30.99 -34.35
C ASP D 202 9.80 30.14 -34.56
N TYR D 203 10.12 28.86 -34.47
CA TYR D 203 9.07 27.83 -34.62
C TYR D 203 8.02 27.96 -33.56
N ILE D 204 8.46 28.13 -32.29
CA ILE D 204 7.43 28.31 -31.25
C ILE D 204 6.59 29.52 -31.59
N ASP D 205 7.24 30.57 -32.15
CA ASP D 205 6.38 31.74 -32.48
C ASP D 205 5.54 31.46 -33.71
N GLN D 206 6.01 30.69 -34.69
CA GLN D 206 5.13 30.32 -35.80
C GLN D 206 3.88 29.64 -35.22
N ILE D 207 4.19 28.57 -34.46
CA ILE D 207 3.11 27.79 -33.83
C ILE D 207 2.19 28.72 -33.07
N LYS D 208 2.84 29.61 -32.31
CA LYS D 208 2.03 30.57 -31.56
C LYS D 208 1.20 31.45 -32.51
N ARG D 209 1.83 32.01 -33.55
CA ARG D 209 0.97 32.87 -34.39
C ARG D 209 -0.04 31.93 -35.04
N ASP D 210 0.50 30.84 -35.62
CA ASP D 210 -0.38 29.87 -36.24
C ASP D 210 -1.55 29.44 -35.37
N GLY D 211 -1.57 29.77 -34.09
CA GLY D 211 -2.61 29.41 -33.17
C GLY D 211 -2.65 27.93 -32.78
N ASP D 212 -1.56 27.23 -32.89
CA ASP D 212 -1.47 25.81 -32.59
C ASP D 212 -0.58 25.55 -31.37
N THR D 213 -0.23 24.31 -31.07
CA THR D 213 0.66 24.00 -29.93
C THR D 213 1.60 22.90 -30.31
N ILE D 214 2.72 22.76 -29.62
CA ILE D 214 3.62 21.64 -29.88
C ILE D 214 4.05 21.09 -28.51
N GLY D 215 4.66 19.95 -28.53
CA GLY D 215 5.14 19.21 -27.36
C GLY D 215 6.54 18.70 -27.78
N GLY D 216 6.89 17.51 -27.35
CA GLY D 216 8.19 16.96 -27.72
C GLY D 216 8.61 15.86 -26.77
N VAL D 217 9.91 15.70 -26.70
CA VAL D 217 10.51 14.60 -25.94
C VAL D 217 11.57 15.22 -25.04
N VAL D 218 11.48 14.88 -23.75
CA VAL D 218 12.41 15.36 -22.75
C VAL D 218 13.17 14.16 -22.18
N GLU D 219 14.45 14.38 -21.93
CA GLU D 219 15.34 13.34 -21.41
C GLU D 219 15.87 13.72 -20.02
N THR D 220 15.84 12.77 -19.11
CA THR D 220 16.34 12.94 -17.76
C THR D 220 17.52 11.98 -17.58
N VAL D 221 18.62 12.49 -17.06
CA VAL D 221 19.76 11.59 -16.81
C VAL D 221 20.17 11.62 -15.35
N VAL D 222 20.61 10.49 -14.78
CA VAL D 222 21.01 10.49 -13.38
C VAL D 222 22.39 9.83 -13.26
N GLY D 223 23.37 10.46 -12.64
CA GLY D 223 24.70 9.83 -12.51
C GLY D 223 25.01 9.46 -11.07
N GLY D 224 26.02 8.63 -10.90
CA GLY D 224 26.50 8.23 -9.59
C GLY D 224 25.48 7.27 -8.97
N VAL D 225 24.65 6.53 -9.71
CA VAL D 225 23.64 5.69 -9.04
C VAL D 225 24.19 4.42 -8.40
N PRO D 226 23.80 4.04 -7.20
CA PRO D 226 24.19 2.81 -6.54
C PRO D 226 23.66 1.62 -7.34
N VAL D 227 24.37 0.51 -7.28
CA VAL D 227 24.00 -0.69 -8.04
C VAL D 227 23.01 -1.55 -7.27
N GLY D 228 21.94 -2.06 -7.91
CA GLY D 228 21.01 -2.94 -7.21
C GLY D 228 19.83 -2.30 -6.52
N LEU D 229 19.46 -1.11 -6.98
CA LEU D 229 18.22 -0.45 -6.56
C LEU D 229 17.13 -1.02 -7.46
N GLY D 230 16.03 -1.50 -6.87
CA GLY D 230 14.97 -2.17 -7.59
C GLY D 230 15.19 -3.66 -7.50
N SER D 231 14.27 -4.48 -8.03
CA SER D 231 14.49 -5.92 -7.98
C SER D 231 13.67 -6.61 -9.06
N TYR D 232 14.16 -7.75 -9.57
CA TYR D 232 13.43 -8.52 -10.54
C TYR D 232 12.53 -9.57 -9.86
N VAL D 233 12.57 -9.75 -8.54
CA VAL D 233 11.84 -10.90 -7.95
C VAL D 233 10.35 -10.81 -8.04
N GLN D 234 9.82 -9.59 -8.19
CA GLN D 234 8.36 -9.45 -8.35
C GLN D 234 8.18 -8.28 -9.30
N TRP D 235 7.20 -8.33 -10.19
CA TRP D 235 7.03 -7.27 -11.18
C TRP D 235 6.99 -5.88 -10.56
N ASP D 236 6.24 -5.70 -9.45
CA ASP D 236 6.12 -4.31 -8.98
C ASP D 236 7.31 -3.79 -8.21
N ARG D 237 8.41 -4.52 -8.13
CA ARG D 237 9.61 -4.03 -7.48
C ARG D 237 10.63 -3.48 -8.48
N LYS D 238 10.37 -3.61 -9.78
CA LYS D 238 11.26 -3.18 -10.84
C LYS D 238 11.34 -1.66 -10.84
N LEU D 239 12.51 -1.10 -10.69
CA LEU D 239 12.62 0.38 -10.63
C LEU D 239 12.34 1.06 -11.96
N ASP D 240 12.74 0.47 -13.10
CA ASP D 240 12.37 1.14 -14.36
C ASP D 240 10.85 1.26 -14.48
N ALA D 241 10.17 0.19 -14.10
CA ALA D 241 8.70 0.16 -14.17
C ALA D 241 8.12 1.17 -13.20
N ARG D 242 8.71 1.26 -12.01
CA ARG D 242 8.23 2.30 -11.08
C ARG D 242 8.37 3.67 -11.69
N LEU D 243 9.54 3.96 -12.28
CA LEU D 243 9.76 5.26 -12.92
C LEU D 243 8.76 5.46 -14.08
N ALA D 244 8.48 4.35 -14.79
CA ALA D 244 7.53 4.49 -15.93
C ALA D 244 6.17 5.03 -15.49
N GLN D 245 5.66 4.56 -14.35
CA GLN D 245 4.38 5.11 -13.88
C GLN D 245 4.52 6.61 -13.57
N ALA D 246 5.62 6.93 -12.86
CA ALA D 246 5.74 8.35 -12.47
C ALA D 246 5.90 9.31 -13.63
N VAL D 247 6.60 8.87 -14.66
CA VAL D 247 6.79 9.74 -15.83
C VAL D 247 5.47 9.93 -16.57
N VAL D 248 4.80 8.82 -16.85
CA VAL D 248 3.55 8.87 -17.59
C VAL D 248 2.44 9.55 -16.80
N SER D 249 2.59 9.71 -15.49
CA SER D 249 1.56 10.41 -14.70
C SER D 249 1.64 11.94 -14.78
N ILE D 250 2.70 12.41 -15.42
CA ILE D 250 2.92 13.82 -15.63
C ILE D 250 1.93 14.27 -16.71
N ASN D 251 1.17 15.32 -16.37
CA ASN D 251 0.25 15.89 -17.33
C ASN D 251 0.78 15.96 -18.76
N ALA D 252 -0.03 15.51 -19.70
CA ALA D 252 0.30 15.52 -21.13
C ALA D 252 1.28 14.48 -21.59
N PHE D 253 1.80 13.63 -20.67
CA PHE D 253 2.81 12.68 -21.12
C PHE D 253 2.12 11.45 -21.73
N LYS D 254 2.59 10.98 -22.88
CA LYS D 254 1.96 9.79 -23.47
C LYS D 254 2.86 8.60 -23.64
N GLY D 255 4.01 8.52 -23.02
CA GLY D 255 4.94 7.42 -23.19
C GLY D 255 6.24 7.74 -22.46
N VAL D 256 6.97 6.69 -22.20
CA VAL D 256 8.23 6.73 -21.48
C VAL D 256 9.14 5.65 -22.00
N GLU D 257 10.47 5.87 -22.07
CA GLU D 257 11.28 4.80 -22.62
C GLU D 257 12.65 4.88 -21.94
N PHE D 258 13.33 3.77 -21.89
CA PHE D 258 14.62 3.68 -21.22
C PHE D 258 15.77 3.35 -22.17
N GLY D 259 16.85 4.11 -22.08
CA GLY D 259 18.06 3.88 -22.90
C GLY D 259 17.70 4.01 -24.39
N LEU D 260 18.04 3.04 -25.21
CA LEU D 260 17.62 3.09 -26.62
C LEU D 260 16.10 3.20 -26.72
N GLY D 261 15.39 2.56 -25.78
CA GLY D 261 13.93 2.66 -25.76
C GLY D 261 13.27 1.96 -26.95
N PHE D 262 12.31 2.65 -27.57
CA PHE D 262 11.63 2.12 -28.72
C PHE D 262 12.62 1.77 -29.84
N GLU D 263 13.77 2.44 -29.94
CA GLU D 263 14.72 2.02 -31.00
C GLU D 263 15.16 0.58 -30.84
N ALA D 264 15.12 0.07 -29.61
CA ALA D 264 15.60 -1.26 -29.29
C ALA D 264 14.74 -2.30 -30.01
N GLY D 265 13.50 -1.92 -30.33
CA GLY D 265 12.63 -2.82 -31.07
C GLY D 265 13.00 -2.78 -32.55
N TYR D 266 13.95 -1.98 -32.98
CA TYR D 266 14.36 -1.91 -34.40
C TYR D 266 15.79 -2.41 -34.60
N ARG D 267 16.41 -3.04 -33.63
CA ARG D 267 17.80 -3.48 -33.74
C ARG D 267 18.00 -4.94 -33.31
N LYS D 268 19.23 -5.42 -33.53
CA LYS D 268 19.57 -6.77 -33.17
C LYS D 268 20.17 -6.86 -31.76
N GLY D 269 20.05 -8.02 -31.16
CA GLY D 269 20.61 -8.31 -29.86
C GLY D 269 22.04 -7.79 -29.76
N SER D 270 22.88 -8.11 -30.73
CA SER D 270 24.27 -7.66 -30.63
C SER D 270 24.39 -6.16 -30.70
N GLN D 271 23.36 -5.46 -31.19
CA GLN D 271 23.51 -4.00 -31.23
C GLN D 271 22.98 -3.38 -29.95
N VAL D 272 22.36 -4.12 -29.04
CA VAL D 272 21.73 -3.59 -27.84
C VAL D 272 22.34 -3.96 -26.51
N MSE D 273 22.68 -5.21 -26.19
CA MSE D 273 23.21 -5.50 -24.84
C MSE D 273 24.51 -4.73 -24.57
O MSE D 273 25.27 -4.38 -25.46
CB MSE D 273 23.42 -6.97 -24.49
CG MSE D 273 22.74 -8.03 -25.32
SE MSE D 273 20.71 -7.24 -24.31
CE MSE D 273 19.85 -7.68 -26.23
N ASP D 274 24.76 -4.36 -23.33
CA ASP D 274 25.93 -3.58 -22.95
C ASP D 274 26.95 -4.48 -22.28
N GLU D 275 28.06 -4.71 -22.99
CA GLU D 275 29.03 -5.65 -22.48
C GLU D 275 29.55 -5.24 -21.11
N ILE D 276 29.98 -6.21 -20.36
CA ILE D 276 30.44 -6.04 -18.97
C ILE D 276 31.97 -5.98 -18.93
N LEU D 277 32.49 -4.96 -18.28
CA LEU D 277 33.91 -4.76 -18.11
C LEU D 277 34.25 -4.57 -16.64
N TRP D 278 35.51 -4.87 -16.31
CA TRP D 278 35.93 -4.77 -14.90
C TRP D 278 37.31 -4.17 -14.85
N SER D 279 37.64 -3.37 -13.85
CA SER D 279 39.01 -2.90 -13.70
C SER D 279 39.31 -2.87 -12.19
N LYS D 280 40.58 -3.10 -11.86
CA LYS D 280 40.94 -3.05 -10.44
C LYS D 280 40.67 -1.64 -9.93
N GLU D 281 40.80 -0.64 -10.76
CA GLU D 281 40.53 0.73 -10.34
C GLU D 281 39.08 1.03 -10.04
N ASP D 282 38.15 0.64 -10.91
CA ASP D 282 36.75 0.95 -10.74
C ASP D 282 35.80 -0.19 -10.46
N GLY D 283 36.18 -1.45 -10.60
CA GLY D 283 35.21 -2.54 -10.35
C GLY D 283 34.35 -2.70 -11.61
N TYR D 284 33.11 -3.22 -11.54
CA TYR D 284 32.40 -3.48 -12.78
C TYR D 284 31.85 -2.24 -13.47
N THR D 285 31.86 -2.26 -14.82
CA THR D 285 31.14 -1.17 -15.51
C THR D 285 30.51 -1.74 -16.77
N ARG D 286 30.12 -0.95 -17.75
CA ARG D 286 29.57 -1.49 -18.99
C ARG D 286 30.23 -0.74 -20.15
N ARG D 287 30.44 -1.37 -21.28
CA ARG D 287 31.09 -0.75 -22.43
C ARG D 287 30.23 0.37 -23.03
N THR D 288 28.94 0.13 -23.12
CA THR D 288 27.99 1.13 -23.66
C THR D 288 26.80 1.27 -22.72
N ASN D 289 25.84 2.15 -22.97
CA ASN D 289 24.68 2.30 -22.10
C ASN D 289 23.37 2.32 -22.88
N ASN D 290 23.19 1.35 -23.80
CA ASN D 290 22.00 1.17 -24.57
C ASN D 290 20.82 0.78 -23.65
N LEU D 291 21.05 0.21 -22.50
CA LEU D 291 19.92 -0.19 -21.62
C LEU D 291 19.51 0.92 -20.66
N GLY D 292 20.23 2.01 -20.72
CA GLY D 292 19.92 3.21 -19.94
C GLY D 292 19.93 2.98 -18.44
N GLY D 293 20.91 2.26 -17.91
CA GLY D 293 21.05 2.11 -16.47
C GLY D 293 20.27 1.00 -15.80
N PHE D 294 19.65 0.12 -16.55
CA PHE D 294 18.85 -0.93 -15.93
C PHE D 294 19.09 -2.30 -16.54
N GLU D 295 19.21 -3.28 -15.67
CA GLU D 295 19.25 -4.67 -16.04
C GLU D 295 18.30 -5.43 -15.10
N GLY D 296 17.27 -6.10 -15.64
CA GLY D 296 16.38 -6.85 -14.75
C GLY D 296 15.60 -5.96 -13.78
N GLY D 297 15.27 -4.74 -14.11
CA GLY D 297 14.48 -3.85 -13.23
C GLY D 297 15.40 -3.26 -12.15
N MSE D 298 16.72 -3.50 -12.29
CA MSE D 298 17.66 -2.98 -11.28
C MSE D 298 18.71 -2.01 -11.84
O MSE D 298 19.06 -2.14 -13.00
CB MSE D 298 18.38 -4.13 -10.58
CG MSE D 298 17.49 -5.25 -10.03
SE MSE D 298 18.55 -6.75 -9.39
CE MSE D 298 19.24 -7.45 -11.14
N THR D 299 19.20 -1.05 -11.08
CA THR D 299 20.23 -0.11 -11.56
C THR D 299 21.55 -0.87 -11.71
N ASN D 300 22.21 -0.75 -12.87
CA ASN D 300 23.52 -1.44 -13.05
C ASN D 300 24.67 -0.48 -12.78
N GLY D 301 24.41 0.76 -12.36
CA GLY D 301 25.56 1.66 -12.11
C GLY D 301 25.90 2.60 -13.26
N GLN D 302 25.44 2.32 -14.49
CA GLN D 302 25.62 3.31 -15.56
C GLN D 302 24.61 4.43 -15.30
N PRO D 303 24.64 5.51 -16.06
CA PRO D 303 23.68 6.56 -15.87
C PRO D 303 22.27 6.05 -16.22
N ILE D 304 21.29 6.48 -15.45
CA ILE D 304 19.90 6.16 -15.76
C ILE D 304 19.54 7.12 -16.91
N VAL D 305 18.99 6.61 -18.00
CA VAL D 305 18.61 7.52 -19.09
C VAL D 305 17.16 7.21 -19.42
N VAL D 306 16.27 8.15 -19.17
CA VAL D 306 14.85 7.94 -19.43
C VAL D 306 14.32 9.11 -20.22
N ARG D 307 13.37 8.81 -21.12
CA ARG D 307 12.79 9.91 -21.91
C ARG D 307 11.27 9.81 -21.76
N GLY D 308 10.64 10.98 -21.86
CA GLY D 308 9.17 10.95 -21.79
C GLY D 308 8.68 11.81 -22.96
N VAL D 309 7.56 11.42 -23.57
CA VAL D 309 7.03 12.28 -24.62
C VAL D 309 5.85 13.09 -24.07
N MSE D 310 5.90 14.39 -24.30
CA MSE D 310 4.80 15.26 -23.88
C MSE D 310 4.00 15.63 -25.15
O MSE D 310 4.62 16.03 -26.15
CB MSE D 310 5.22 16.53 -23.18
CG MSE D 310 4.00 17.32 -22.69
SE MSE D 310 4.82 19.20 -22.50
CE MSE D 310 3.52 19.88 -21.57
N LYS D 311 2.71 15.35 -25.14
CA LYS D 311 1.90 15.71 -26.31
C LYS D 311 1.77 17.23 -26.30
N PRO D 312 1.34 17.84 -27.39
CA PRO D 312 1.11 19.28 -27.43
C PRO D 312 0.05 19.67 -26.41
N ILE D 313 0.15 20.85 -25.84
CA ILE D 313 -0.87 21.39 -24.94
C ILE D 313 -2.23 21.28 -25.63
N PRO D 314 -3.26 20.84 -24.95
CA PRO D 314 -4.56 20.64 -25.58
C PRO D 314 -5.26 21.95 -25.92
N THR D 315 -5.14 22.95 -25.08
CA THR D 315 -5.83 24.21 -25.27
C THR D 315 -5.32 24.90 -26.53
N LEU D 316 -6.18 25.04 -27.53
CA LEU D 316 -5.83 25.78 -28.73
C LEU D 316 -6.58 27.11 -28.75
N TYR D 317 -5.86 28.19 -29.04
CA TYR D 317 -6.51 29.52 -29.08
C TYR D 317 -7.43 29.51 -30.31
N LYS D 318 -7.18 28.60 -31.23
CA LYS D 318 -7.99 28.21 -32.39
C LYS D 318 -8.71 26.93 -31.95
N PRO D 319 -9.81 27.00 -31.21
CA PRO D 319 -10.44 25.86 -30.55
C PRO D 319 -10.33 24.46 -31.09
N LEU D 320 -11.35 23.80 -31.58
CA LEU D 320 -11.45 22.44 -32.08
C LEU D 320 -12.94 22.10 -31.84
N MSE D 321 -13.55 21.13 -32.47
CA MSE D 321 -14.98 20.89 -32.18
C MSE D 321 -15.19 20.13 -30.87
O MSE D 321 -14.51 19.19 -30.53
CB MSE D 321 -15.66 20.11 -33.29
CG MSE D 321 -15.59 20.79 -34.66
SE MSE D 321 -16.74 22.40 -34.33
CE MSE D 321 -18.32 21.84 -33.29
N SER D 322 -16.23 20.52 -30.18
CA SER D 322 -16.66 19.88 -28.95
C SER D 322 -18.19 19.87 -28.86
N VAL D 323 -18.70 19.63 -27.67
CA VAL D 323 -20.13 19.64 -27.43
C VAL D 323 -20.44 20.37 -26.14
N ASP D 324 -21.52 21.14 -26.12
CA ASP D 324 -22.05 21.89 -25.01
C ASP D 324 -22.81 20.87 -24.14
N ILE D 325 -22.29 20.72 -22.91
CA ILE D 325 -22.83 19.67 -22.06
C ILE D 325 -24.25 19.93 -21.64
N GLU D 326 -24.73 21.17 -21.70
CA GLU D 326 -26.11 21.40 -21.32
C GLU D 326 -27.07 21.26 -22.49
N THR D 327 -26.59 21.55 -23.70
CA THR D 327 -27.56 21.44 -24.80
C THR D 327 -27.32 20.21 -25.66
N HIS D 328 -26.12 19.62 -25.58
CA HIS D 328 -25.74 18.55 -26.47
C HIS D 328 -25.51 19.02 -27.91
N GLU D 329 -25.36 20.32 -28.12
CA GLU D 329 -25.11 20.83 -29.48
C GLU D 329 -23.61 21.00 -29.66
N PRO D 330 -23.11 20.76 -30.86
CA PRO D 330 -21.68 20.95 -31.13
C PRO D 330 -21.36 22.43 -31.00
N TYR D 331 -20.11 22.70 -30.72
CA TYR D 331 -19.61 24.05 -30.50
C TYR D 331 -18.08 23.98 -30.46
N LYS D 332 -17.43 25.12 -30.50
CA LYS D 332 -15.97 25.13 -30.39
C LYS D 332 -15.65 24.90 -28.91
N ALA D 333 -14.43 24.46 -28.62
CA ALA D 333 -14.05 24.24 -27.21
C ALA D 333 -13.87 25.56 -26.46
N THR D 334 -13.99 25.54 -25.12
CA THR D 334 -13.79 26.79 -24.37
C THR D 334 -12.31 27.17 -24.53
N VAL D 335 -12.05 28.47 -24.46
CA VAL D 335 -10.63 28.86 -24.60
C VAL D 335 -10.20 29.32 -23.21
N GLU D 336 -9.41 28.51 -22.50
CA GLU D 336 -8.94 28.95 -21.18
C GLU D 336 -7.51 29.47 -21.40
N ARG D 337 -6.99 30.31 -20.51
CA ARG D 337 -5.63 30.83 -20.69
C ARG D 337 -4.62 29.69 -20.81
N SER D 338 -3.60 29.74 -21.64
CA SER D 338 -2.59 28.71 -21.94
C SER D 338 -1.45 29.23 -22.81
N ASP D 339 -0.50 28.47 -23.33
CA ASP D 339 0.63 28.89 -24.17
C ASP D 339 0.86 28.07 -25.43
N PRO D 340 1.68 28.39 -26.39
CA PRO D 340 1.98 27.53 -27.51
C PRO D 340 2.70 26.26 -27.01
N THR D 341 3.44 26.26 -25.91
CA THR D 341 4.15 25.03 -25.52
C THR D 341 4.67 25.17 -24.08
N ALA D 342 4.88 24.08 -23.36
CA ALA D 342 5.43 24.15 -22.00
C ALA D 342 6.47 23.03 -21.83
N LEU D 343 7.13 22.69 -22.93
CA LEU D 343 8.05 21.55 -22.92
C LEU D 343 9.21 21.65 -21.98
N PRO D 344 10.02 22.71 -22.02
CA PRO D 344 11.12 22.86 -21.08
C PRO D 344 10.57 22.75 -19.65
N ALA D 345 9.45 23.39 -19.30
CA ALA D 345 8.90 23.30 -17.95
C ALA D 345 8.56 21.83 -17.64
N ALA D 346 8.03 21.14 -18.66
CA ALA D 346 7.71 19.72 -18.44
C ALA D 346 8.95 18.89 -18.13
N GLY D 347 10.09 19.20 -18.77
CA GLY D 347 11.31 18.51 -18.49
C GLY D 347 11.76 18.76 -17.03
N MSE D 348 11.55 19.97 -16.49
CA MSE D 348 11.84 20.14 -15.06
C MSE D 348 10.92 19.26 -14.19
O MSE D 348 11.27 18.74 -13.13
CB MSE D 348 11.65 21.61 -14.64
CG MSE D 348 11.67 21.92 -13.16
SE MSE D 348 13.67 21.77 -12.63
CE MSE D 348 13.40 20.05 -11.40
N VAL D 349 9.61 19.26 -14.49
CA VAL D 349 8.72 18.35 -13.72
C VAL D 349 9.26 16.92 -13.86
N MSE D 350 9.65 16.47 -15.06
CA MSE D 350 10.19 15.15 -15.24
C MSE D 350 11.42 14.89 -14.36
O MSE D 350 11.57 13.82 -13.75
CB MSE D 350 10.53 14.81 -16.71
CG MSE D 350 10.72 13.28 -16.78
SE MSE D 350 11.47 12.96 -18.71
CE MSE D 350 11.53 11.01 -18.61
N GLU D 351 12.33 15.83 -14.25
CA GLU D 351 13.54 15.70 -13.44
C GLU D 351 13.10 15.47 -11.97
N ALA D 352 12.17 16.26 -11.50
CA ALA D 352 11.69 16.18 -10.12
C ALA D 352 11.01 14.85 -9.82
N VAL D 353 10.16 14.37 -10.72
CA VAL D 353 9.47 13.10 -10.54
C VAL D 353 10.48 11.97 -10.55
N VAL D 354 11.49 11.98 -11.42
CA VAL D 354 12.48 10.89 -11.45
C VAL D 354 13.25 10.91 -10.15
N ALA D 355 13.75 12.09 -9.75
CA ALA D 355 14.49 12.20 -8.49
C ALA D 355 13.69 11.63 -7.32
N THR D 356 12.38 11.91 -7.33
CA THR D 356 11.50 11.54 -6.26
C THR D 356 11.41 9.99 -6.21
N VAL D 357 11.11 9.34 -7.30
CA VAL D 357 11.05 7.87 -7.28
C VAL D 357 12.37 7.25 -6.86
N LEU D 358 13.46 7.86 -7.31
CA LEU D 358 14.80 7.40 -6.98
C LEU D 358 15.06 7.48 -5.47
N ALA D 359 14.81 8.65 -4.92
CA ALA D 359 14.92 8.88 -3.49
C ALA D 359 14.00 7.87 -2.79
N GLN D 360 12.77 7.63 -3.29
CA GLN D 360 11.95 6.62 -2.61
C GLN D 360 12.63 5.27 -2.56
N GLU D 361 13.23 4.87 -3.68
CA GLU D 361 13.86 3.56 -3.81
C GLU D 361 15.06 3.45 -2.86
N ILE D 362 15.87 4.51 -2.79
CA ILE D 362 17.01 4.56 -1.89
C ILE D 362 16.61 4.43 -0.43
N LEU D 363 15.52 5.09 -0.03
CA LEU D 363 15.05 5.06 1.34
C LEU D 363 14.50 3.69 1.69
N GLU D 364 13.97 3.00 0.65
CA GLU D 364 13.50 1.65 0.92
C GLU D 364 14.66 0.68 0.95
N LYS D 365 15.65 0.84 0.09
CA LYS D 365 16.73 -0.15 0.11
C LYS D 365 17.63 -0.03 1.34
N PHE D 366 17.92 1.19 1.78
CA PHE D 366 18.89 1.38 2.86
C PHE D 366 18.35 1.87 4.18
N SER D 367 19.01 1.51 5.29
CA SER D 367 18.64 2.05 6.61
C SER D 367 18.59 3.58 6.43
N SER D 368 17.48 4.19 6.78
CA SER D 368 17.36 5.60 6.51
C SER D 368 16.42 6.35 7.41
N ASP D 369 16.38 6.04 8.70
CA ASP D 369 15.60 6.87 9.65
C ASP D 369 16.26 8.23 9.76
N ASN D 370 17.58 8.26 9.55
CA ASN D 370 18.35 9.49 9.64
C ASN D 370 19.46 9.55 8.59
N LEU D 371 19.99 10.75 8.33
CA LEU D 371 20.94 10.94 7.24
C LEU D 371 22.26 10.24 7.47
N GLU D 372 22.77 10.36 8.69
CA GLU D 372 24.00 9.72 9.07
C GLU D 372 23.94 8.23 8.76
N GLU D 373 22.96 7.50 9.27
CA GLU D 373 23.01 6.05 8.96
C GLU D 373 22.82 5.81 7.47
N LEU D 374 22.00 6.59 6.80
CA LEU D 374 21.82 6.40 5.36
C LEU D 374 23.10 6.58 4.55
N LYS D 375 23.78 7.70 4.86
CA LYS D 375 25.06 7.99 4.23
C LYS D 375 26.03 6.85 4.57
N GLU D 376 26.03 6.39 5.80
CA GLU D 376 26.86 5.23 6.15
C GLU D 376 26.46 4.00 5.35
N ALA D 377 25.17 3.67 5.30
CA ALA D 377 24.69 2.52 4.54
C ALA D 377 25.06 2.54 3.06
N VAL D 378 24.97 3.72 2.45
CA VAL D 378 25.30 3.89 1.05
C VAL D 378 26.80 3.76 0.79
N ALA D 379 27.63 4.31 1.65
CA ALA D 379 29.08 4.18 1.47
C ALA D 379 29.47 2.72 1.54
N LYS D 380 28.95 2.04 2.56
CA LYS D 380 29.26 0.62 2.77
C LYS D 380 28.83 -0.20 1.56
N HIS D 381 27.61 0.03 1.06
CA HIS D 381 27.13 -0.65 -0.13
C HIS D 381 27.98 -0.30 -1.34
N ARG D 382 28.43 0.93 -1.53
CA ARG D 382 29.29 1.23 -2.67
C ARG D 382 30.68 0.57 -2.54
N ASP D 383 31.17 0.38 -1.33
CA ASP D 383 32.42 -0.35 -1.14
C ASP D 383 32.26 -1.81 -1.48
N TYR D 384 31.15 -2.40 -1.03
CA TYR D 384 30.85 -3.80 -1.33
C TYR D 384 30.77 -3.99 -2.84
N THR D 385 30.00 -3.12 -3.52
CA THR D 385 29.83 -3.19 -4.97
C THR D 385 31.15 -3.13 -5.74
N LYS D 386 31.97 -2.14 -5.36
CA LYS D 386 33.28 -1.93 -5.98
C LYS D 386 34.17 -3.15 -5.85
N ASN D 387 34.14 -3.86 -4.72
CA ASN D 387 35.01 -5.00 -4.49
C ASN D 387 34.37 -6.36 -4.80
N TYR D 388 33.16 -6.37 -5.34
CA TYR D 388 32.50 -7.66 -5.65
C TYR D 388 33.24 -8.50 -6.69
CO NCO E . 3.04 -15.70 44.29
N1 NCO E . 2.95 -13.74 44.47
N2 NCO E . 3.22 -15.47 42.37
N3 NCO E . 1.09 -15.73 44.11
N4 NCO E . 2.85 -15.88 46.22
N5 NCO E . 4.96 -15.64 44.52
N6 NCO E . 3.09 -17.63 44.09
CO NCO F . -26.25 -15.93 -6.88
N1 NCO F . -25.47 -14.17 -6.45
N2 NCO F . -25.27 -15.83 -8.58
N3 NCO F . -27.81 -15.04 -7.68
N4 NCO F . -27.22 -15.97 -5.22
N5 NCO F . -24.74 -16.83 -6.04
N6 NCO F . -26.98 -17.64 -7.46
CO NCO G . 29.49 9.33 22.60
N1 NCO G . 30.37 9.95 20.96
N2 NCO G . 29.76 11.11 23.37
N3 NCO G . 31.24 8.79 23.28
N4 NCO G . 29.26 7.59 21.79
N5 NCO G . 27.77 9.91 21.90
N6 NCO G . 28.67 8.73 24.26
C1 EDO H . 18.11 2.42 24.64
O1 EDO H . 18.47 1.17 25.20
C2 EDO H . 17.06 3.14 25.49
O2 EDO H . 15.75 2.68 25.41
C1 EDO I . 0.35 -9.10 -0.90
O1 EDO I . 0.28 -7.84 -0.18
C2 EDO I . 0.44 -8.81 -2.41
O2 EDO I . 0.02 -7.45 -2.63
C1 EDO J . 14.44 -8.23 1.15
O1 EDO J . 14.58 -9.39 0.33
C2 EDO J . 14.27 -7.03 0.16
O2 EDO J . 14.76 -7.60 -1.08
N1 FMN K . -14.40 -21.94 16.08
C2 FMN K . -15.28 -22.98 16.04
O2 FMN K . -16.46 -22.79 15.99
N3 FMN K . -14.75 -24.28 16.07
C4 FMN K . -13.51 -24.66 16.13
O4 FMN K . -13.10 -25.82 16.15
C4A FMN K . -12.54 -23.54 16.18
N5 FMN K . -11.27 -23.72 16.06
C5A FMN K . -10.39 -22.64 16.14
C6 FMN K . -9.01 -22.85 16.29
C7 FMN K . -8.11 -21.80 16.37
C7M FMN K . -6.58 -22.03 16.52
C8 FMN K . -8.58 -20.48 16.29
C8M FMN K . -7.59 -19.32 16.38
C9 FMN K . -9.95 -20.24 16.14
C9A FMN K . -10.86 -21.33 16.08
N10 FMN K . -12.24 -21.17 16.13
C10 FMN K . -13.11 -22.19 16.13
C1' FMN K . -12.86 -19.81 16.07
C2' FMN K . -13.47 -19.36 14.79
O2' FMN K . -12.51 -19.52 13.70
C3' FMN K . -13.95 -17.86 14.69
O3' FMN K . -14.75 -17.41 15.84
C4' FMN K . -14.82 -17.51 13.52
O4' FMN K . -14.11 -17.70 12.28
C5' FMN K . -15.45 -16.11 13.49
O5' FMN K . -14.39 -15.07 13.59
P FMN K . -14.32 -14.14 14.87
O1P FMN K . -14.53 -14.94 16.13
O2P FMN K . -15.46 -13.14 14.70
O3P FMN K . -12.91 -13.54 14.72
C1 EPS L . -12.81 -24.69 12.81
C2 EPS L . -13.55 -25.91 12.65
C3 EPS L . -12.99 -27.20 12.73
C4 EPS L . -11.71 -27.00 13.35
C5 EPS L . -10.90 -26.11 12.58
C6 EPS L . -11.38 -24.79 12.82
O3 EPS L . -12.75 -27.55 11.51
P EPS L . -13.77 -28.79 11.40
O1P EPS L . -15.18 -28.49 11.96
O2P EPS L . -13.46 -29.57 10.03
O3P EPS L . -13.08 -29.90 12.44
O4 EPS L . -11.26 -28.21 13.56
O5 EPS L . -9.59 -26.21 12.99
C7 EPS L . -8.62 -26.76 12.20
C8 EPS L . -8.96 -27.66 11.13
C9 EPS L . -7.27 -26.51 12.33
O91 EPS L . -6.82 -25.74 13.27
O92 EPS L . -6.34 -26.97 11.51
C10 EPS L . -13.21 -23.34 12.76
O11 EPS L . -12.44 -22.28 12.96
O12 EPS L . -14.37 -22.80 12.50
CO NCO M . -30.53 12.20 5.21
N1 NCO M . -30.70 13.46 6.71
N2 NCO M . -32.21 12.93 4.49
N3 NCO M . -31.58 10.87 6.15
N4 NCO M . -28.89 11.52 5.97
N5 NCO M . -29.57 13.58 4.23
N6 NCO M . -30.42 11.00 3.70
CO NCO N . -35.52 -13.25 -1.80
N1 NCO N . -35.09 -11.34 -1.77
N2 NCO N . -34.70 -13.39 -3.56
N3 NCO N . -37.24 -12.83 -2.61
N4 NCO N . -36.34 -13.10 -0.04
N5 NCO N . -33.80 -13.67 -0.99
N6 NCO N . -35.98 -15.15 -1.85
C1 EDO O . -28.22 -8.77 8.34
O1 EDO O . -28.94 -7.93 9.18
C2 EDO O . -27.26 -9.76 9.01
O2 EDO O . -26.75 -9.44 10.27
N1 FMN P . 1.30 13.59 27.24
C2 FMN P . 2.00 14.41 28.06
O2 FMN P . 3.07 14.13 28.53
N3 FMN P . 1.43 15.67 28.34
C4 FMN P . 0.24 16.05 27.92
O4 FMN P . -0.25 17.13 28.25
C4A FMN P . -0.51 15.17 27.03
N5 FMN P . -1.68 15.46 26.51
C5A FMN P . -2.40 14.51 25.88
C6 FMN P . -3.67 14.84 25.32
C7 FMN P . -4.37 13.97 24.54
C7M FMN P . -5.74 14.32 23.92
C8 FMN P . -3.85 12.68 24.23
C8M FMN P . -4.71 11.77 23.36
C9 FMN P . -2.61 12.35 24.74
C9A FMN P . -1.89 13.24 25.58
N10 FMN P . -0.59 13.03 26.01
C10 FMN P . 0.15 13.91 26.70
C1' FMN P . 0.05 11.71 25.81
C2' FMN P . 1.32 11.71 25.01
O2' FMN P . 1.19 12.32 23.72
C3' FMN P . 1.81 10.27 24.67
O3' FMN P . 1.81 9.48 25.89
C4' FMN P . 3.20 10.14 24.14
O4' FMN P . 3.18 10.79 22.85
C5' FMN P . 3.80 8.74 24.10
O5' FMN P . 2.96 7.89 23.26
P FMN P . 2.36 6.53 23.84
O1P FMN P . 1.74 6.92 25.19
O2P FMN P . 3.42 5.51 24.07
O3P FMN P . 1.28 6.16 22.81
C1 EPS Q . 1.36 17.50 25.05
C2 EPS Q . 1.71 18.74 25.72
C3 EPS Q . 0.98 19.95 25.79
C4 EPS Q . -0.34 19.39 25.56
C5 EPS Q . -0.43 18.85 24.25
C6 EPS Q . 0.12 17.54 24.29
O3 EPS Q . 1.08 20.76 24.83
P EPS Q . 1.89 21.96 25.45
O1P EPS Q . 3.20 21.50 26.19
O2P EPS Q . 1.90 23.23 24.52
O3P EPS Q . 1.00 22.58 26.70
O4 EPS Q . -1.17 20.29 25.94
O5 EPS Q . -1.77 18.80 23.88
C7 EPS Q . -2.27 19.72 23.00
C8 EPS Q . -1.53 20.89 22.61
C9 EPS Q . -3.53 19.58 22.42
O91 EPS Q . -4.30 18.59 22.73
O92 EPS Q . -3.99 20.40 21.54
C10 EPS Q . 1.91 16.20 24.86
O11 EPS Q . 1.31 15.17 24.18
O12 EPS Q . 3.01 15.57 25.22
CO NCO R . -29.30 14.84 -18.04
N1 NCO R . -28.27 15.05 -19.70
N2 NCO R . -29.79 16.69 -18.18
N3 NCO R . -27.76 15.25 -16.96
N4 NCO R . -28.74 12.97 -18.00
N5 NCO R . -30.85 14.24 -19.05
N6 NCO R . -30.38 14.63 -16.40
CO NCO S . 5.92 5.38 -37.16
N1 NCO S . 6.67 6.94 -36.21
N2 NCO S . 7.42 5.46 -38.42
N3 NCO S . 4.91 6.59 -38.31
N4 NCO S . 4.45 5.33 -35.89
N5 NCO S . 6.97 4.22 -36.02
N6 NCO S . 5.21 3.86 -38.12
C1 EDO T . -18.54 9.70 -22.81
O1 EDO T . -19.09 8.46 -23.24
C2 EDO T . -17.03 9.50 -22.68
O2 EDO T . -16.23 10.46 -23.30
N1 FMN U . 15.80 -13.61 -22.36
C2 FMN U . 16.80 -14.49 -22.65
O2 FMN U . 17.97 -14.26 -22.46
N3 FMN U . 16.43 -15.73 -23.22
C4 FMN U . 15.20 -16.06 -23.52
O4 FMN U . 14.99 -17.15 -24.04
C4A FMN U . 14.11 -15.15 -23.19
N5 FMN U . 12.83 -15.43 -23.29
C5A FMN U . 11.91 -14.45 -22.95
C6 FMN U . 10.53 -14.70 -23.19
C7 FMN U . 9.54 -13.81 -22.91
C7M FMN U . 8.06 -14.18 -23.21
C8 FMN U . 9.87 -12.54 -22.36
C8M FMN U . 8.78 -11.53 -22.06
C9 FMN U . 11.23 -12.25 -22.10
C9A FMN U . 12.23 -13.20 -22.39
N10 FMN U . 13.58 -13.02 -22.15
C10 FMN U . 14.54 -13.89 -22.58
C1' FMN U . 14.13 -11.72 -21.67
C2' FMN U . 14.84 -11.81 -20.33
O2' FMN U . 13.97 -12.41 -19.34
C3' FMN U . 15.17 -10.39 -19.73
O3' FMN U . 15.81 -9.53 -20.71
C4' FMN U . 15.99 -10.35 -18.48
O4' FMN U . 15.27 -10.96 -17.37
C5' FMN U . 16.44 -8.95 -18.02
O5' FMN U . 15.29 -8.09 -17.84
P FMN U . 15.19 -6.73 -18.61
O1P FMN U . 15.58 -7.06 -20.08
O2P FMN U . 16.20 -5.70 -18.14
O3P FMN U . 13.76 -6.31 -18.43
N1 FMN V . 11.14 8.91 -34.42
C2 FMN V . 10.92 8.16 -33.32
O2 FMN V . 11.80 7.62 -32.71
N3 FMN V . 9.58 8.01 -32.92
C4 FMN V . 8.51 8.54 -33.48
O4 FMN V . 7.36 8.35 -33.07
C4A FMN V . 8.76 9.37 -34.66
N5 FMN V . 7.79 9.95 -35.30
C5A FMN V . 8.16 10.90 -36.24
C6 FMN V . 7.13 11.68 -36.87
C7 FMN V . 7.39 12.57 -37.87
C7M FMN V . 6.26 13.40 -38.50
C8 FMN V . 8.72 12.73 -38.34
C8M FMN V . 8.97 13.72 -39.48
C9 FMN V . 9.73 11.99 -37.76
C9A FMN V . 9.45 11.07 -36.73
N10 FMN V . 10.45 10.42 -36.02
C10 FMN V . 10.17 9.50 -35.06
C1' FMN V . 11.81 10.34 -36.65
C2' FMN V . 11.85 9.47 -37.88
O2' FMN V . 11.54 8.10 -37.55
C3' FMN V . 13.21 9.38 -38.63
O3' FMN V . 13.79 8.06 -38.86
C4' FMN V . 14.27 10.13 -37.86
O4' FMN V . 14.39 11.44 -38.45
C5' FMN V . 15.56 9.40 -37.68
O5' FMN V . 16.44 9.40 -38.83
P FMN V . 17.98 9.40 -38.38
O1P FMN V . 18.70 8.45 -39.31
O2P FMN V . 17.96 8.86 -36.95
O3P FMN V . 18.35 10.90 -38.50
C1 EPS W . 14.57 -17.45 -20.46
C2 EPS W . 15.33 -18.65 -20.73
C3 EPS W . 14.86 -19.85 -21.29
C4 EPS W . 13.58 -19.41 -21.78
C5 EPS W . 12.76 -18.96 -20.71
C6 EPS W . 13.13 -17.61 -20.42
O3 EPS W . 14.51 -20.60 -20.32
P EPS W . 15.43 -21.86 -20.52
O1P EPS W . 16.93 -21.49 -20.59
O2P EPS W . 14.93 -23.06 -19.60
O3P EPS W . 15.02 -22.47 -22.00
O4 EPS W . 13.11 -20.43 -22.46
O5 EPS W . 11.46 -19.03 -21.15
C7 EPS W . 10.48 -19.87 -20.73
C8 EPS W . 10.90 -21.06 -20.05
C9 EPS W . 9.11 -19.66 -20.85
O91 EPS W . 8.62 -18.65 -21.48
O92 EPS W . 8.19 -20.47 -20.37
C10 EPS W . 14.91 -16.18 -19.90
O11 EPS W . 14.12 -15.12 -19.71
O12 EPS W . 16.04 -15.73 -19.46
CO NCO X . 16.34 8.35 -33.03
N1 NCO X . 17.11 10.11 -32.66
N2 NCO X . 15.89 8.98 -34.83
N3 NCO X . 14.61 8.96 -32.39
N4 NCO X . 16.86 7.74 -31.27
N5 NCO X . 18.08 7.73 -33.69
N6 NCO X . 15.51 6.64 -33.50
CO NCO Y . 35.83 -11.12 -2.90
N1 NCO Y . 37.70 -10.50 -2.78
N2 NCO Y . 35.17 -9.35 -2.40
N3 NCO Y . 35.88 -11.53 -0.99
N4 NCO Y . 36.46 -12.91 -3.32
N5 NCO Y . 35.79 -10.65 -4.78
N6 NCO Y . 34.01 -11.80 -3.04
C1 EDO Z . 28.60 -3.28 -10.41
O1 EDO Z . 29.32 -2.12 -10.67
C2 EDO Z . 28.20 -4.01 -11.71
O2 EDO Z . 27.29 -3.28 -12.51
C1 EDO AA . -0.87 8.58 2.37
O1 EDO AA . -1.13 7.17 2.21
C2 EDO AA . -0.11 9.08 1.14
O2 EDO AA . 0.65 7.97 0.63
N1 FMN BA . -2.57 22.14 -20.88
C2 FMN BA . -3.27 23.21 -21.38
O2 FMN BA . -4.32 23.06 -21.95
N3 FMN BA . -2.70 24.50 -21.20
C4 FMN BA . -1.58 24.84 -20.61
O4 FMN BA . -1.14 26.01 -20.53
C4A FMN BA . -0.85 23.70 -20.09
N5 FMN BA . 0.30 23.86 -19.46
C5A FMN BA . 0.98 22.72 -19.07
C6 FMN BA . 2.23 22.87 -18.43
C7 FMN BA . 3.00 21.82 -18.00
C7M FMN BA . 4.34 22.08 -17.33
C8 FMN BA . 2.54 20.49 -18.20
C8M FMN BA . 3.41 19.34 -17.70
C9 FMN BA . 1.31 20.35 -18.80
C9A FMN BA . 0.51 21.41 -19.24
N10 FMN BA . -0.70 21.28 -19.93
C10 FMN BA . -1.43 22.37 -20.27
C1' FMN BA . -1.33 20.00 -20.29
C2' FMN BA . -2.53 19.57 -19.47
O2' FMN BA . -2.38 19.69 -18.04
C3' FMN BA . -2.95 18.08 -19.65
O3' FMN BA . -2.87 17.76 -21.08
C4' FMN BA . -4.33 17.65 -19.19
O4' FMN BA . -4.47 17.78 -17.77
C5' FMN BA . -4.82 16.26 -19.58
O5' FMN BA . -3.91 15.21 -19.06
P FMN BA . -3.23 14.29 -20.13
O1P FMN BA . -2.74 15.11 -21.30
O2P FMN BA . -4.21 13.28 -20.68
O3P FMN BA . -1.99 13.70 -19.37
N1 FMN CA . 10.91 4.61 -35.45
C2 FMN CA . 10.37 5.05 -34.29
O2 FMN CA . 9.28 5.54 -34.19
N3 FMN CA . 11.18 4.99 -33.14
C4 FMN CA . 12.39 4.51 -33.08
O4 FMN CA . 13.10 4.41 -32.07
C4A FMN CA . 12.98 4.01 -34.32
N5 FMN CA . 14.23 3.70 -34.40
C5A FMN CA . 14.76 3.34 -35.61
C6 FMN CA . 16.07 2.76 -35.68
C7 FMN CA . 16.58 2.16 -36.79
C7M FMN CA . 18.00 1.54 -36.83
C8 FMN CA . 15.80 2.11 -37.97
C8M FMN CA . 16.34 1.48 -39.25
C9 FMN CA . 14.53 2.70 -37.93
C9A FMN CA . 13.99 3.29 -36.78
N10 FMN CA . 12.63 3.55 -36.63
C10 FMN CA . 12.12 4.11 -35.50
C1' FMN CA . 11.83 3.77 -37.87
C2' FMN CA . 12.36 4.83 -38.80
O2' FMN CA . 12.48 6.11 -38.13
C3' FMN CA . 11.45 5.05 -40.04
O3' FMN CA . 11.58 3.89 -40.93
C4' FMN CA . 11.66 6.31 -40.82
O4' FMN CA . 11.45 7.45 -39.96
C5' FMN CA . 10.82 6.57 -42.07
O5' FMN CA . 9.40 6.59 -41.69
P FMN CA . 8.24 6.59 -42.79
O1P FMN CA . 8.43 5.40 -43.72
O2P FMN CA . 8.52 7.91 -43.53
O3P FMN CA . 6.97 6.57 -41.92
C1 EPS DA . -2.88 24.98 -17.42
C2 EPS DA . -3.48 26.29 -17.64
C3 EPS DA . -2.93 27.55 -17.35
C4 EPS DA . -1.52 27.23 -17.26
C5 EPS DA . -1.28 26.29 -16.24
C6 EPS DA . -1.64 24.98 -16.69
O3 EPS DA . -3.21 27.91 -16.17
P EPS DA . -4.00 29.25 -16.38
O1P EPS DA . -5.28 29.03 -17.25
O2P EPS DA . -4.13 30.05 -15.01
O3P EPS DA . -3.05 30.25 -17.25
O4 EPS DA . -0.96 28.41 -17.13
O5 EPS DA . 0.06 26.35 -15.89
C7 EPS DA . 0.42 26.80 -14.63
C8 EPS DA . -0.41 27.71 -13.91
C9 EPS DA . 1.62 26.47 -14.01
O91 EPS DA . 2.48 25.70 -14.62
O92 EPS DA . 2.00 26.87 -12.81
C10 EPS DA . -3.32 23.65 -17.64
O11 EPS DA . -2.75 22.46 -17.45
O12 EPS DA . -4.47 23.25 -18.13
#